data_9GXL
#
_entry.id   9GXL
#
_cell.length_a   1.00
_cell.length_b   1.00
_cell.length_c   1.00
_cell.angle_alpha   90.00
_cell.angle_beta   90.00
_cell.angle_gamma   90.00
#
_symmetry.space_group_name_H-M   'P 1'
#
loop_
_entity.id
_entity.type
_entity.pdbx_description
1 polymer 'UvrABC system protein A'
2 non-polymer 'ZINC ION'
3 non-polymer 'PHOSPHOAMINOPHOSPHONIC ACID-ADENYLATE ESTER'
#
_entity_poly.entity_id   1
_entity_poly.type   'polypeptide(L)'
_entity_poly.pdbx_seq_one_letter_code
;MGSSHHHHHHSSGLVPRGSHMKKDYIVVKGAREHNLKNIDVKIPRDKFVVITGLSGSGKSSLAFDTIYAEGQRRYVESLS
SYARQFLGQMEKPDVDYIDGLSPAIAIDQKTTSRNPRSTVGTVTEIYDYLRLLFARIGTPHCYLCGREISQQTVDQMVDR
IMEFEEGTRIQLLAPVVRGRKGEYHKLIEDIKKEGYVRIRVDGEVVDVNDPVNLDKNKKHNIEIVVDRLIVRPGIQKRLT
DSIETVLRLSNGILVVDVIGGKEMLLSQNFACTECNVSMEEITPRMFSFNNPYGACPECTGLGSLMRIDPDLVIPDKKLS
LAQGAVRASGWNIANDESYARMYIDALAKHYNFSVDTPVEELPPHILDIILYGTNGEKIKIEYERENEKGTFMASFPGII
NSMERRYKETTSEVMKQYYENFMSNIPCPVCKGARLKKESLAVTIGGKNIYEVCCLSIGEAKEFFANLNLTERQQLIARQ
ILKEINARLGFLVDVGLDYLTLARAAGTLSGGEAQRIRLATQIGSGLMGVIYILDEPSIGLHQRDNDRLLRSLKKLRDLG
NTLLVVEHDEDTMYASDYIIDLGPGAGSHGGQIVAEGTVEEIKQNPNSVTGEYLSGRKKIEVPKERRKPNGKWLEIIGAR
ENNLKNINVRIPLGVFTCITGVSGSGKSSLINEILYKRLAAELNRASVKPGEHDLIKGIEYLDKVIDIDQSPIGRTPRSN
PATYTGVFDFIREIFANTTEAKTRGYKAGRFSFNVKGGRCEACAGDGINKIEMHFLPDIYVPCEVCKGKRYNRETLEVRY
KGKNIAEVLDMTVEEALEFFKNIPRIHKKIETLYDVGLGYIKLGQSSTTLSGGEAQRVKLATELSRKSTGKTMYILDEPT
TGLHMADVHRLVGILHRLVEAGNSVVVIEHNLDVIKTADYIIDLGPEGGSGGGLVVAEGTPEEVAKVENSYTGQFLKKVL
ST
;
_entity_poly.pdbx_strand_id   A,B
#
loop_
_chem_comp.id
_chem_comp.type
_chem_comp.name
_chem_comp.formula
ANP non-polymer 'PHOSPHOAMINOPHOSPHONIC ACID-ADENYLATE ESTER' 'C10 H17 N6 O12 P3'
ZN non-polymer 'ZINC ION' 'Zn 2'
#
# COMPACT_ATOMS: atom_id res chain seq x y z
N ASP A 24 11.71 -10.14 19.76
CA ASP A 24 11.94 -8.83 20.37
C ASP A 24 13.21 -8.19 19.82
N TYR A 25 13.71 -8.73 18.72
CA TYR A 25 14.90 -8.20 18.06
C TYR A 25 14.71 -8.22 16.56
N ILE A 26 15.39 -7.31 15.88
CA ILE A 26 15.40 -7.27 14.42
C ILE A 26 16.78 -7.74 13.94
N VAL A 27 16.90 -9.04 13.67
CA VAL A 27 18.17 -9.63 13.28
C VAL A 27 18.35 -9.46 11.78
N VAL A 28 19.43 -8.80 11.39
CA VAL A 28 19.79 -8.61 9.99
C VAL A 28 21.15 -9.25 9.76
N LYS A 29 21.23 -10.14 8.77
CA LYS A 29 22.45 -10.85 8.45
C LYS A 29 22.75 -10.72 6.96
N GLY A 30 24.03 -10.58 6.64
CA GLY A 30 24.45 -10.50 5.26
C GLY A 30 23.96 -9.28 4.51
N ALA A 31 24.03 -8.10 5.13
CA ALA A 31 23.63 -6.86 4.47
C ALA A 31 24.78 -6.37 3.59
N ARG A 32 24.57 -6.37 2.28
CA ARG A 32 25.59 -5.98 1.32
C ARG A 32 25.07 -4.92 0.35
N GLU A 33 24.10 -4.14 0.77
CA GLU A 33 23.55 -3.10 -0.09
C GLU A 33 24.54 -1.95 -0.22
N HIS A 34 24.75 -1.50 -1.46
CA HIS A 34 25.65 -0.39 -1.77
C HIS A 34 27.06 -0.67 -1.26
N ASN A 35 27.51 0.11 -0.27
CA ASN A 35 28.86 0.01 0.25
C ASN A 35 28.93 -0.72 1.58
N LEU A 36 27.87 -1.40 1.99
CA LEU A 36 27.89 -2.17 3.22
C LEU A 36 28.82 -3.36 3.08
N LYS A 37 29.72 -3.55 4.05
CA LYS A 37 30.76 -4.58 3.97
C LYS A 37 30.30 -5.87 4.66
N ASN A 38 29.17 -6.39 4.22
CA ASN A 38 28.64 -7.67 4.68
C ASN A 38 28.54 -7.71 6.21
N ILE A 39 27.76 -6.77 6.75
CA ILE A 39 27.66 -6.58 8.19
C ILE A 39 26.37 -7.21 8.69
N ASP A 40 26.34 -7.47 10.00
CA ASP A 40 25.16 -7.98 10.67
C ASP A 40 24.93 -7.20 11.95
N VAL A 41 23.67 -7.04 12.32
CA VAL A 41 23.31 -6.23 13.48
C VAL A 41 22.01 -6.76 14.08
N LYS A 42 21.83 -6.53 15.38
CA LYS A 42 20.62 -6.91 16.10
C LYS A 42 20.04 -5.64 16.74
N ILE A 43 19.02 -5.09 16.10
CA ILE A 43 18.40 -3.84 16.57
C ILE A 43 17.30 -4.19 17.57
N PRO A 44 17.35 -3.68 18.79
CA PRO A 44 16.27 -3.96 19.75
C PRO A 44 14.95 -3.37 19.28
N ARG A 45 13.87 -4.05 19.66
CA ARG A 45 12.53 -3.68 19.24
C ARG A 45 11.84 -2.84 20.31
N ASP A 46 10.92 -1.98 19.86
CA ASP A 46 10.14 -1.12 20.74
C ASP A 46 11.04 -0.24 21.60
N LYS A 47 12.04 0.37 20.97
CA LYS A 47 12.99 1.21 21.67
C LYS A 47 13.41 2.35 20.77
N PHE A 48 13.99 3.38 21.39
CA PHE A 48 14.49 4.55 20.68
C PHE A 48 15.90 4.25 20.18
N VAL A 49 16.04 4.06 18.87
CA VAL A 49 17.30 3.69 18.25
C VAL A 49 17.72 4.78 17.29
N VAL A 50 18.98 5.21 17.40
CA VAL A 50 19.54 6.27 16.58
C VAL A 50 20.73 5.71 15.81
N ILE A 51 20.74 5.93 14.49
CA ILE A 51 21.82 5.51 13.61
C ILE A 51 22.63 6.74 13.24
N THR A 52 23.95 6.66 13.42
CA THR A 52 24.84 7.78 13.20
C THR A 52 26.03 7.36 12.34
N GLY A 53 26.66 8.35 11.73
CA GLY A 53 27.83 8.11 10.91
C GLY A 53 28.13 9.32 10.05
N LEU A 54 29.28 9.24 9.38
CA LEU A 54 29.67 10.31 8.46
C LEU A 54 28.77 10.29 7.23
N SER A 55 28.79 11.40 6.50
CA SER A 55 28.00 11.50 5.27
C SER A 55 28.52 10.50 4.24
N GLY A 56 27.61 9.72 3.67
CA GLY A 56 28.00 8.71 2.71
C GLY A 56 28.66 7.48 3.30
N SER A 57 28.48 7.25 4.60
CA SER A 57 29.07 6.08 5.25
C SER A 57 28.20 4.83 5.15
N GLY A 58 26.99 4.95 4.62
CA GLY A 58 26.11 3.82 4.42
C GLY A 58 25.03 3.64 5.46
N LYS A 59 24.90 4.55 6.42
CA LYS A 59 23.85 4.43 7.42
C LYS A 59 22.47 4.63 6.79
N SER A 60 22.32 5.67 5.96
CA SER A 60 21.04 5.93 5.31
C SER A 60 20.66 4.78 4.38
N SER A 61 21.64 4.24 3.65
CA SER A 61 21.37 3.08 2.81
C SER A 61 20.95 1.89 3.68
N LEU A 62 21.73 1.58 4.71
CA LEU A 62 21.45 0.44 5.56
C LEU A 62 20.05 0.51 6.16
N ALA A 63 19.60 1.72 6.48
CA ALA A 63 18.25 1.85 7.03
C ALA A 63 17.20 1.77 5.93
N PHE A 64 17.20 2.74 5.00
CA PHE A 64 16.09 2.87 4.07
C PHE A 64 16.06 1.74 3.05
N ASP A 65 17.19 1.44 2.42
CA ASP A 65 17.18 0.47 1.33
C ASP A 65 16.98 -0.95 1.83
N THR A 66 17.36 -1.23 3.08
CA THR A 66 17.17 -2.58 3.60
C THR A 66 15.90 -2.72 4.41
N ILE A 67 15.82 -2.04 5.55
CA ILE A 67 14.76 -2.33 6.51
C ILE A 67 13.42 -1.78 6.02
N TYR A 68 13.41 -0.50 5.61
CA TYR A 68 12.18 0.10 5.11
C TYR A 68 11.70 -0.62 3.86
N ALA A 69 12.62 -0.95 2.95
CA ALA A 69 12.22 -1.62 1.71
C ALA A 69 11.62 -2.99 2.00
N GLU A 70 12.27 -3.78 2.87
CA GLU A 70 11.75 -5.11 3.18
C GLU A 70 10.39 -5.02 3.88
N GLY A 71 10.27 -4.10 4.85
CA GLY A 71 9.01 -3.97 5.57
C GLY A 71 7.88 -3.51 4.68
N GLN A 72 8.16 -2.59 3.76
CA GLN A 72 7.12 -2.12 2.85
C GLN A 72 6.75 -3.20 1.84
N ARG A 73 7.74 -3.94 1.33
CA ARG A 73 7.45 -4.97 0.34
C ARG A 73 6.66 -6.12 0.93
N ARG A 74 7.02 -6.56 2.14
CA ARG A 74 6.33 -7.70 2.75
C ARG A 74 4.87 -7.39 3.05
N TYR A 75 4.50 -6.12 3.11
CA TYR A 75 3.11 -5.72 3.30
C TYR A 75 2.41 -5.40 1.99
N VAL A 76 3.12 -4.82 1.02
CA VAL A 76 2.52 -4.47 -0.26
C VAL A 76 2.21 -5.73 -1.06
N GLU A 77 3.13 -6.71 -1.05
CA GLU A 77 2.92 -7.92 -1.84
C GLU A 77 1.69 -8.70 -1.39
N SER A 78 1.34 -8.60 -0.11
CA SER A 78 0.16 -9.29 0.41
C SER A 78 -1.14 -8.57 0.10
N LEU A 79 -1.09 -7.36 -0.44
CA LEU A 79 -2.29 -6.60 -0.75
C LEU A 79 -2.86 -7.08 -2.08
N SER A 80 -3.83 -6.33 -2.61
CA SER A 80 -4.44 -6.68 -3.89
C SER A 80 -3.43 -6.53 -5.02
N SER A 81 -3.64 -7.33 -6.07
CA SER A 81 -2.74 -7.29 -7.22
C SER A 81 -2.77 -5.94 -7.91
N TYR A 82 -3.97 -5.35 -8.06
CA TYR A 82 -4.09 -4.06 -8.72
C TYR A 82 -3.38 -2.97 -7.92
N ALA A 83 -3.55 -2.97 -6.59
CA ALA A 83 -2.92 -1.94 -5.77
C ALA A 83 -1.41 -2.13 -5.71
N ARG A 84 -0.95 -3.38 -5.61
CA ARG A 84 0.48 -3.64 -5.54
C ARG A 84 1.19 -3.23 -6.81
N GLN A 85 0.60 -3.53 -7.97
CA GLN A 85 1.21 -3.14 -9.24
C GLN A 85 1.13 -1.63 -9.44
N PHE A 86 0.03 -1.01 -8.99
CA PHE A 86 -0.10 0.43 -9.13
C PHE A 86 0.94 1.18 -8.30
N LEU A 87 1.23 0.69 -7.09
CA LEU A 87 2.21 1.33 -6.23
C LEU A 87 3.65 1.04 -6.67
N GLY A 88 3.85 0.14 -7.62
CA GLY A 88 5.18 -0.20 -8.07
C GLY A 88 5.78 -1.38 -7.32
N GLN A 89 6.87 -1.91 -7.88
CA GLN A 89 7.57 -3.06 -7.31
C GLN A 89 8.90 -2.57 -6.74
N MET A 90 8.99 -2.57 -5.40
CA MET A 90 10.23 -2.17 -4.74
C MET A 90 11.32 -3.21 -4.98
N GLU A 91 12.55 -2.73 -5.18
CA GLU A 91 13.66 -3.63 -5.40
C GLU A 91 13.99 -4.41 -4.15
N LYS A 92 14.33 -5.69 -4.32
CA LYS A 92 14.67 -6.54 -3.19
C LYS A 92 16.09 -6.23 -2.71
N PRO A 93 16.28 -5.89 -1.44
CA PRO A 93 17.64 -5.59 -0.96
C PRO A 93 18.52 -6.83 -0.94
N ASP A 94 19.83 -6.58 -1.04
CA ASP A 94 20.82 -7.65 -1.03
C ASP A 94 21.13 -8.01 0.42
N VAL A 95 20.22 -8.77 1.02
CA VAL A 95 20.34 -9.20 2.41
C VAL A 95 20.01 -10.68 2.47
N ASP A 96 20.77 -11.42 3.28
CA ASP A 96 20.55 -12.86 3.42
C ASP A 96 19.16 -13.14 3.98
N TYR A 97 18.90 -12.69 5.21
CA TYR A 97 17.59 -12.89 5.82
C TYR A 97 17.42 -11.86 6.94
N ILE A 98 16.17 -11.43 7.13
CA ILE A 98 15.80 -10.50 8.18
C ILE A 98 14.73 -11.15 9.04
N ASP A 99 14.92 -11.13 10.35
CA ASP A 99 14.00 -11.73 11.30
C ASP A 99 13.44 -10.66 12.22
N GLY A 100 12.18 -10.84 12.61
CA GLY A 100 11.52 -9.88 13.48
C GLY A 100 11.22 -8.57 12.80
N LEU A 101 10.41 -8.61 11.75
CA LEU A 101 10.09 -7.44 10.95
C LEU A 101 8.61 -7.12 11.04
N SER A 102 8.31 -5.84 10.95
CA SER A 102 6.95 -5.31 10.97
C SER A 102 6.81 -4.31 9.82
N PRO A 103 5.57 -4.00 9.41
CA PRO A 103 5.39 -2.99 8.37
C PRO A 103 6.03 -1.67 8.77
N ALA A 104 6.71 -1.05 7.81
CA ALA A 104 7.55 0.11 8.07
C ALA A 104 7.00 1.33 7.34
N ILE A 105 7.03 2.47 8.03
CA ILE A 105 6.62 3.76 7.47
C ILE A 105 7.81 4.70 7.55
N ALA A 106 8.16 5.32 6.42
CA ALA A 106 9.29 6.22 6.33
C ALA A 106 8.79 7.65 6.22
N ILE A 107 9.35 8.53 7.04
CA ILE A 107 9.01 9.95 7.04
C ILE A 107 10.26 10.72 6.63
N ASP A 108 10.14 11.50 5.56
CA ASP A 108 11.27 12.24 5.03
C ASP A 108 10.76 13.44 4.25
N GLN A 109 11.66 14.36 3.94
CA GLN A 109 11.32 15.57 3.20
C GLN A 109 11.34 15.27 1.70
N LYS A 110 10.33 14.50 1.27
CA LYS A 110 10.17 14.12 -0.12
C LYS A 110 8.72 14.27 -0.54
N THR A 111 8.08 15.35 -0.13
CA THR A 111 6.68 15.59 -0.44
C THR A 111 6.53 16.05 -1.89
N THR A 112 5.29 16.02 -2.37
CA THR A 112 4.95 16.41 -3.72
C THR A 112 3.72 17.31 -3.70
N SER A 113 3.48 17.98 -4.83
CA SER A 113 2.32 18.85 -4.95
C SER A 113 1.02 18.07 -4.81
N ARG A 114 0.97 16.87 -5.40
CA ARG A 114 -0.18 15.96 -5.32
C ARG A 114 -1.38 16.67 -5.93
N ASN A 115 -2.46 16.89 -5.19
CA ASN A 115 -3.68 17.48 -5.74
C ASN A 115 -4.14 18.64 -4.87
N PRO A 116 -4.86 19.61 -5.46
CA PRO A 116 -5.40 20.72 -4.66
C PRO A 116 -6.49 20.29 -3.69
N ARG A 117 -7.04 19.09 -3.83
CA ARG A 117 -8.12 18.64 -2.97
C ARG A 117 -7.68 18.41 -1.53
N SER A 118 -6.37 18.34 -1.26
CA SER A 118 -5.85 18.05 0.06
C SER A 118 -5.27 19.32 0.67
N THR A 119 -5.64 19.60 1.91
CA THR A 119 -5.13 20.73 2.67
C THR A 119 -4.49 20.22 3.97
N VAL A 120 -4.07 21.15 4.81
CA VAL A 120 -3.46 20.78 6.09
C VAL A 120 -4.46 20.07 6.98
N GLY A 121 -5.69 20.59 7.06
CA GLY A 121 -6.70 19.99 7.92
C GLY A 121 -7.07 18.58 7.48
N THR A 122 -7.20 18.36 6.17
CA THR A 122 -7.54 17.03 5.69
C THR A 122 -6.40 16.04 5.94
N VAL A 123 -5.15 16.48 5.77
CA VAL A 123 -4.02 15.60 6.03
C VAL A 123 -3.94 15.25 7.50
N THR A 124 -4.13 16.24 8.38
CA THR A 124 -4.06 16.01 9.82
C THR A 124 -5.30 15.33 10.37
N GLU A 125 -6.31 15.08 9.53
CA GLU A 125 -7.54 14.40 9.94
C GLU A 125 -8.27 15.15 11.06
N ILE A 126 -8.22 16.48 11.00
CA ILE A 126 -9.00 17.31 11.92
C ILE A 126 -10.21 17.93 11.23
N TYR A 127 -10.22 18.02 9.90
CA TYR A 127 -11.38 18.58 9.20
C TYR A 127 -12.60 17.70 9.40
N ASP A 128 -12.41 16.37 9.46
CA ASP A 128 -13.54 15.47 9.70
C ASP A 128 -14.15 15.73 11.06
N TYR A 129 -13.32 15.91 12.09
CA TYR A 129 -13.84 16.20 13.42
C TYR A 129 -14.52 17.56 13.46
N LEU A 130 -13.97 18.54 12.73
CA LEU A 130 -14.61 19.84 12.65
C LEU A 130 -15.99 19.73 12.00
N ARG A 131 -16.09 18.95 10.92
CA ARG A 131 -17.38 18.73 10.27
C ARG A 131 -18.37 18.04 11.21
N LEU A 132 -17.89 17.04 11.97
CA LEU A 132 -18.76 16.36 12.92
C LEU A 132 -19.26 17.32 13.99
N LEU A 133 -18.37 18.17 14.51
CA LEU A 133 -18.76 19.14 15.54
C LEU A 133 -19.77 20.14 14.98
N PHE A 134 -19.55 20.61 13.75
CA PHE A 134 -20.48 21.57 13.16
C PHE A 134 -21.83 20.94 12.85
N ALA A 135 -21.84 19.66 12.48
CA ALA A 135 -23.11 18.97 12.27
C ALA A 135 -23.83 18.70 13.59
N ARG A 136 -23.09 18.48 14.67
CA ARG A 136 -23.70 18.16 15.95
C ARG A 136 -24.24 19.40 16.65
N ILE A 137 -23.37 20.36 16.93
CA ILE A 137 -23.73 21.52 17.75
C ILE A 137 -23.72 22.82 16.95
N GLY A 138 -23.79 22.72 15.62
CA GLY A 138 -23.82 23.92 14.81
C GLY A 138 -25.11 24.69 14.96
N THR A 139 -25.03 26.00 14.74
CA THR A 139 -26.19 26.88 14.84
C THR A 139 -26.68 27.23 13.45
N PRO A 140 -27.86 26.78 13.03
CA PRO A 140 -28.35 27.12 11.70
C PRO A 140 -28.64 28.60 11.56
N HIS A 141 -28.50 29.10 10.34
CA HIS A 141 -28.76 30.49 10.03
C HIS A 141 -29.22 30.61 8.58
N CYS A 142 -29.84 31.75 8.28
CA CYS A 142 -30.34 32.03 6.93
C CYS A 142 -29.33 32.92 6.21
N TYR A 143 -28.95 32.51 5.00
CA TYR A 143 -27.98 33.25 4.21
C TYR A 143 -28.62 34.37 3.39
N LEU A 144 -29.94 34.49 3.41
CA LEU A 144 -30.64 35.54 2.68
C LEU A 144 -31.09 36.69 3.58
N CYS A 145 -31.66 36.37 4.74
CA CYS A 145 -32.13 37.38 5.67
C CYS A 145 -31.17 37.63 6.83
N GLY A 146 -30.28 36.68 7.13
CA GLY A 146 -29.34 36.83 8.23
C GLY A 146 -29.88 36.47 9.59
N ARG A 147 -31.14 36.05 9.69
CA ARG A 147 -31.73 35.67 10.96
C ARG A 147 -31.41 34.22 11.27
N GLU A 148 -31.93 33.74 12.40
CA GLU A 148 -31.74 32.36 12.84
C GLU A 148 -32.93 31.51 12.42
N ILE A 149 -32.69 30.21 12.27
CA ILE A 149 -33.73 29.27 11.88
C ILE A 149 -34.04 28.31 13.02
N PHE A 270 -37.44 23.23 9.53
CA PHE A 270 -36.14 23.78 9.20
C PHE A 270 -36.25 24.79 8.06
N ALA A 271 -37.00 25.86 8.29
CA ALA A 271 -37.19 26.91 7.29
C ALA A 271 -37.45 28.23 7.99
N CYS A 272 -37.25 29.31 7.25
CA CYS A 272 -37.48 30.65 7.76
C CYS A 272 -38.72 31.25 7.14
N THR A 273 -39.59 31.82 7.98
CA THR A 273 -40.82 32.44 7.51
C THR A 273 -40.59 33.76 6.80
N GLU A 274 -39.40 34.35 6.91
CA GLU A 274 -39.11 35.63 6.26
C GLU A 274 -38.68 35.44 4.81
N CYS A 275 -37.63 34.66 4.59
CA CYS A 275 -37.13 34.43 3.23
C CYS A 275 -37.90 33.35 2.49
N ASN A 276 -38.78 32.62 3.17
CA ASN A 276 -39.57 31.55 2.56
C ASN A 276 -38.67 30.52 1.86
N VAL A 277 -37.57 30.16 2.53
CA VAL A 277 -36.60 29.22 1.99
C VAL A 277 -36.51 28.04 2.95
N SER A 278 -36.60 26.82 2.40
CA SER A 278 -36.54 25.60 3.18
C SER A 278 -35.16 24.98 3.08
N MET A 279 -34.63 24.51 4.21
CA MET A 279 -33.32 23.90 4.28
C MET A 279 -33.44 22.44 4.70
N GLU A 280 -32.54 21.61 4.18
CA GLU A 280 -32.55 20.18 4.47
C GLU A 280 -31.95 19.92 5.85
N GLU A 281 -31.99 18.66 6.26
CA GLU A 281 -31.43 18.27 7.55
C GLU A 281 -29.92 18.45 7.56
N ILE A 282 -29.38 18.83 8.71
CA ILE A 282 -27.95 19.07 8.85
C ILE A 282 -27.22 17.73 8.95
N THR A 283 -26.27 17.52 8.05
CA THR A 283 -25.48 16.30 8.01
C THR A 283 -24.00 16.66 7.88
N PRO A 284 -23.11 15.81 8.39
CA PRO A 284 -21.67 16.08 8.25
C PRO A 284 -21.21 16.14 6.81
N ARG A 285 -21.90 15.45 5.89
CA ARG A 285 -21.51 15.48 4.49
C ARG A 285 -21.67 16.86 3.87
N MET A 286 -22.53 17.70 4.43
CA MET A 286 -22.73 19.04 3.88
C MET A 286 -21.49 19.91 4.07
N PHE A 287 -20.77 19.74 5.17
CA PHE A 287 -19.60 20.55 5.46
C PHE A 287 -18.34 20.08 4.75
N SER A 288 -18.41 18.98 3.99
CA SER A 288 -17.27 18.46 3.27
C SER A 288 -17.29 18.96 1.83
N PHE A 289 -16.14 19.41 1.33
CA PHE A 289 -16.03 19.90 -0.02
C PHE A 289 -15.71 18.82 -1.04
N ASN A 290 -15.61 17.57 -0.61
CA ASN A 290 -15.35 16.44 -1.51
C ASN A 290 -16.63 15.72 -1.93
N ASN A 291 -17.79 16.26 -1.59
CA ASN A 291 -19.07 15.67 -1.94
C ASN A 291 -19.95 16.72 -2.61
N PRO A 292 -20.85 16.29 -3.50
CA PRO A 292 -21.71 17.26 -4.20
C PRO A 292 -22.63 18.03 -3.27
N TYR A 293 -22.91 17.52 -2.07
CA TYR A 293 -23.84 18.18 -1.17
C TYR A 293 -23.28 19.48 -0.61
N GLY A 294 -21.96 19.64 -0.56
CA GLY A 294 -21.39 20.82 0.05
C GLY A 294 -20.40 21.57 -0.81
N ALA A 295 -19.89 20.93 -1.86
CA ALA A 295 -18.89 21.57 -2.72
C ALA A 295 -19.49 22.76 -3.45
N CYS A 296 -18.67 23.79 -3.64
CA CYS A 296 -19.11 24.96 -4.38
C CYS A 296 -19.36 24.59 -5.83
N PRO A 297 -20.54 24.88 -6.38
CA PRO A 297 -20.82 24.44 -7.76
C PRO A 297 -19.98 25.16 -8.80
N GLU A 298 -19.57 26.41 -8.54
CA GLU A 298 -18.82 27.16 -9.54
C GLU A 298 -17.42 26.58 -9.73
N CYS A 299 -16.76 26.19 -8.64
CA CYS A 299 -15.38 25.70 -8.69
C CYS A 299 -15.26 24.25 -8.25
N THR A 300 -16.35 23.48 -8.35
CA THR A 300 -16.44 22.07 -8.01
C THR A 300 -15.76 21.73 -6.68
N GLY A 301 -15.77 22.66 -5.74
CA GLY A 301 -15.19 22.42 -4.43
C GLY A 301 -13.69 22.46 -4.37
N LEU A 302 -13.03 23.10 -5.35
CA LEU A 302 -11.58 23.22 -5.35
C LEU A 302 -11.08 24.54 -4.81
N GLY A 303 -11.90 25.59 -4.83
CA GLY A 303 -11.52 26.88 -4.32
C GLY A 303 -10.74 27.75 -5.27
N SER A 304 -10.43 27.27 -6.47
CA SER A 304 -9.68 28.05 -7.44
C SER A 304 -9.91 27.47 -8.83
N LEU A 305 -10.54 28.24 -9.72
CA LEU A 305 -10.75 27.78 -11.07
C LEU A 305 -9.43 27.70 -11.83
N MET A 306 -9.27 26.63 -12.61
CA MET A 306 -8.05 26.43 -13.38
C MET A 306 -8.19 26.96 -14.80
N ASN A 425 -4.02 29.81 -12.19
CA ASN A 425 -5.16 29.58 -11.32
C ASN A 425 -5.61 30.88 -10.67
N ILE A 426 -6.93 31.08 -10.63
CA ILE A 426 -7.52 32.28 -10.03
C ILE A 426 -8.57 31.85 -9.01
N PRO A 427 -8.80 32.62 -7.95
CA PRO A 427 -9.79 32.22 -6.95
C PRO A 427 -11.20 32.24 -7.53
N CYS A 428 -12.04 31.37 -6.98
CA CYS A 428 -13.43 31.30 -7.42
C CYS A 428 -14.18 32.55 -6.97
N PRO A 429 -14.79 33.30 -7.88
CA PRO A 429 -15.49 34.53 -7.47
C PRO A 429 -16.70 34.29 -6.58
N VAL A 430 -17.24 33.07 -6.56
CA VAL A 430 -18.47 32.82 -5.81
C VAL A 430 -18.16 32.62 -4.33
N CYS A 431 -17.38 31.57 -4.02
CA CYS A 431 -17.07 31.24 -2.63
C CYS A 431 -15.83 31.95 -2.11
N LYS A 432 -15.08 32.63 -2.96
CA LYS A 432 -13.84 33.32 -2.57
C LYS A 432 -12.87 32.37 -1.88
N GLY A 433 -12.77 31.15 -2.39
CA GLY A 433 -11.87 30.17 -1.85
C GLY A 433 -12.38 29.40 -0.65
N ALA A 434 -13.63 29.62 -0.23
CA ALA A 434 -14.17 28.92 0.93
C ALA A 434 -14.44 27.45 0.64
N ARG A 435 -14.48 27.05 -0.63
CA ARG A 435 -14.67 25.67 -1.06
C ARG A 435 -16.02 25.08 -0.68
N LEU A 436 -16.95 25.91 -0.19
CA LEU A 436 -18.23 25.42 0.28
C LEU A 436 -19.35 26.30 -0.27
N LYS A 437 -20.56 25.75 -0.26
CA LYS A 437 -21.72 26.49 -0.71
C LYS A 437 -22.06 27.62 0.25
N LYS A 438 -22.84 28.59 -0.24
CA LYS A 438 -23.25 29.71 0.60
C LYS A 438 -24.10 29.26 1.76
N GLU A 439 -24.98 28.28 1.53
CA GLU A 439 -25.84 27.79 2.61
C GLU A 439 -25.03 27.08 3.69
N SER A 440 -23.97 26.37 3.29
CA SER A 440 -23.15 25.65 4.26
C SER A 440 -22.45 26.61 5.22
N LEU A 441 -21.96 27.73 4.70
CA LEU A 441 -21.24 28.69 5.54
C LEU A 441 -22.15 29.42 6.53
N ALA A 442 -23.47 29.29 6.39
CA ALA A 442 -24.38 29.97 7.31
C ALA A 442 -24.28 29.41 8.72
N VAL A 443 -23.91 28.14 8.87
CA VAL A 443 -23.81 27.51 10.18
C VAL A 443 -22.54 28.00 10.86
N THR A 444 -22.69 28.65 12.01
CA THR A 444 -21.56 29.21 12.75
C THR A 444 -21.58 28.68 14.18
N ILE A 445 -20.39 28.38 14.70
CA ILE A 445 -20.22 27.95 16.08
C ILE A 445 -19.39 29.02 16.80
N GLY A 446 -19.95 29.60 17.85
CA GLY A 446 -19.27 30.64 18.58
C GLY A 446 -18.98 31.89 17.77
N GLY A 447 -19.87 32.23 16.83
CA GLY A 447 -19.69 33.40 16.02
C GLY A 447 -18.81 33.24 14.80
N LYS A 448 -18.22 32.06 14.60
CA LYS A 448 -17.34 31.81 13.46
C LYS A 448 -17.81 30.56 12.74
N ASN A 449 -17.82 30.62 11.41
CA ASN A 449 -18.19 29.46 10.60
C ASN A 449 -16.97 28.55 10.46
N ILE A 450 -17.10 27.51 9.62
CA ILE A 450 -16.02 26.54 9.48
C ILE A 450 -14.82 27.16 8.78
N TYR A 451 -15.07 27.99 7.77
CA TYR A 451 -13.96 28.62 7.05
C TYR A 451 -13.16 29.56 7.94
N GLU A 452 -13.85 30.34 8.78
CA GLU A 452 -13.14 31.24 9.67
C GLU A 452 -12.31 30.46 10.69
N VAL A 453 -12.85 29.35 11.19
CA VAL A 453 -12.09 28.50 12.11
C VAL A 453 -10.85 27.94 11.43
N CYS A 454 -11.01 27.46 10.19
CA CYS A 454 -9.88 26.90 9.46
C CYS A 454 -8.84 27.96 9.13
N CYS A 455 -9.26 29.21 8.93
CA CYS A 455 -8.33 30.28 8.60
C CYS A 455 -7.47 30.70 9.79
N LEU A 456 -7.90 30.37 11.01
CA LEU A 456 -7.12 30.71 12.18
C LEU A 456 -5.85 29.86 12.27
N SER A 457 -4.86 30.38 12.98
CA SER A 457 -3.65 29.61 13.24
C SER A 457 -3.96 28.47 14.20
N ILE A 458 -3.05 27.49 14.26
CA ILE A 458 -3.28 26.31 15.08
C ILE A 458 -3.35 26.68 16.55
N GLY A 459 -2.42 27.52 17.01
CA GLY A 459 -2.47 27.96 18.39
C GLY A 459 -3.69 28.80 18.71
N GLU A 460 -4.05 29.70 17.80
CA GLU A 460 -5.25 30.51 18.00
C GLU A 460 -6.50 29.64 18.03
N ALA A 461 -6.58 28.64 17.15
CA ALA A 461 -7.73 27.74 17.15
C ALA A 461 -7.79 26.92 18.43
N LYS A 462 -6.65 26.46 18.92
CA LYS A 462 -6.62 25.72 20.18
C LYS A 462 -7.08 26.59 21.34
N GLU A 463 -6.62 27.85 21.38
CA GLU A 463 -7.06 28.76 22.42
C GLU A 463 -8.56 29.03 22.33
N PHE A 464 -9.06 29.21 21.10
CA PHE A 464 -10.49 29.47 20.91
C PHE A 464 -11.33 28.28 21.36
N PHE A 465 -10.88 27.07 21.05
CA PHE A 465 -11.62 25.88 21.49
C PHE A 465 -11.52 25.69 23.00
N ALA A 466 -10.40 26.11 23.60
CA ALA A 466 -10.23 25.93 25.04
C ALA A 466 -11.24 26.74 25.84
N ASN A 467 -11.48 27.99 25.43
CA ASN A 467 -12.37 28.89 26.15
C ASN A 467 -13.77 28.94 25.53
N LEU A 468 -14.08 28.05 24.58
CA LEU A 468 -15.41 28.03 23.99
C LEU A 468 -16.45 27.67 25.05
N ASN A 469 -17.55 28.41 25.04
CA ASN A 469 -18.62 28.23 26.01
C ASN A 469 -19.78 27.48 25.36
N LEU A 470 -20.18 26.38 26.00
CA LEU A 470 -21.27 25.55 25.50
C LEU A 470 -22.28 25.30 26.62
N THR A 471 -23.50 25.00 26.22
CA THR A 471 -24.53 24.64 27.19
C THR A 471 -24.27 23.25 27.76
N GLU A 472 -25.07 22.88 28.76
CA GLU A 472 -24.93 21.55 29.36
C GLU A 472 -25.23 20.45 28.34
N ARG A 473 -26.31 20.61 27.56
CA ARG A 473 -26.64 19.62 26.56
C ARG A 473 -25.59 19.55 25.46
N GLN A 474 -25.08 20.71 25.02
CA GLN A 474 -24.06 20.73 23.99
C GLN A 474 -22.78 20.06 24.48
N GLN A 475 -22.37 20.35 25.72
CA GLN A 475 -21.18 19.72 26.27
C GLN A 475 -21.38 18.21 26.41
N LEU A 476 -22.57 17.79 26.83
CA LEU A 476 -22.84 16.37 26.98
C LEU A 476 -22.80 15.65 25.64
N ILE A 477 -23.37 16.25 24.59
CA ILE A 477 -23.43 15.58 23.30
C ILE A 477 -22.11 15.65 22.55
N ALA A 478 -21.32 16.70 22.72
CA ALA A 478 -20.05 16.87 22.01
C ALA A 478 -18.92 16.95 23.03
N ARG A 479 -18.40 15.79 23.43
CA ARG A 479 -17.25 15.72 24.32
C ARG A 479 -16.08 14.96 23.71
N GLN A 480 -16.34 13.81 23.08
CA GLN A 480 -15.27 13.05 22.44
C GLN A 480 -14.68 13.82 21.27
N ILE A 481 -15.51 14.51 20.49
CA ILE A 481 -15.01 15.30 19.37
C ILE A 481 -14.11 16.42 19.86
N LEU A 482 -14.55 17.11 20.92
CA LEU A 482 -13.73 18.18 21.48
C LEU A 482 -12.41 17.65 22.03
N LYS A 483 -12.46 16.49 22.71
CA LYS A 483 -11.24 15.89 23.24
C LYS A 483 -10.27 15.53 22.12
N GLU A 484 -10.78 14.92 21.05
CA GLU A 484 -9.92 14.55 19.93
C GLU A 484 -9.33 15.79 19.25
N ILE A 485 -10.14 16.83 19.06
CA ILE A 485 -9.64 18.05 18.43
C ILE A 485 -8.55 18.68 19.29
N ASN A 486 -8.78 18.76 20.61
CA ASN A 486 -7.78 19.33 21.50
C ASN A 486 -6.50 18.50 21.49
N ALA A 487 -6.62 17.18 21.50
CA ALA A 487 -5.44 16.33 21.48
C ALA A 487 -4.64 16.50 20.20
N ARG A 488 -5.32 16.57 19.05
CA ARG A 488 -4.62 16.73 17.78
C ARG A 488 -3.97 18.10 17.70
N LEU A 489 -4.65 19.15 18.16
CA LEU A 489 -4.05 20.48 18.15
C LEU A 489 -2.85 20.55 19.09
N GLY A 490 -2.94 19.88 20.24
CA GLY A 490 -1.79 19.83 21.14
C GLY A 490 -0.62 19.09 20.53
N PHE A 491 -0.89 17.99 19.82
CA PHE A 491 0.19 17.28 19.12
C PHE A 491 0.84 18.17 18.08
N LEU A 492 0.03 18.90 17.31
CA LEU A 492 0.59 19.79 16.29
C LEU A 492 1.43 20.90 16.93
N VAL A 493 0.96 21.46 18.04
CA VAL A 493 1.72 22.49 18.73
C VAL A 493 3.03 21.94 19.28
N ASP A 494 2.98 20.75 19.90
CA ASP A 494 4.19 20.17 20.47
C ASP A 494 5.19 19.80 19.37
N VAL A 495 4.69 19.46 18.19
CA VAL A 495 5.58 19.22 17.05
C VAL A 495 6.39 20.46 16.67
N GLY A 496 5.75 21.63 16.65
CA GLY A 496 6.43 22.87 16.36
C GLY A 496 5.73 23.77 15.37
N LEU A 497 4.68 23.27 14.72
CA LEU A 497 3.95 24.06 13.71
C LEU A 497 2.72 24.73 14.33
N ASP A 498 2.97 25.59 15.31
CA ASP A 498 1.91 26.33 15.96
C ASP A 498 1.51 27.59 15.19
N TYR A 499 2.19 27.91 14.09
CA TYR A 499 1.89 29.07 13.29
C TYR A 499 1.14 28.75 12.01
N LEU A 500 0.97 27.48 11.68
CA LEU A 500 0.31 27.10 10.44
C LEU A 500 -1.19 27.30 10.53
N THR A 501 -1.84 27.32 9.37
CA THR A 501 -3.28 27.45 9.25
C THR A 501 -3.87 26.16 8.66
N LEU A 502 -5.02 25.75 9.18
CA LEU A 502 -5.65 24.51 8.71
C LEU A 502 -6.12 24.61 7.26
N ALA A 503 -6.33 25.83 6.75
CA ALA A 503 -6.81 26.02 5.39
C ALA A 503 -5.69 26.07 4.36
N ARG A 504 -4.43 26.04 4.79
CA ARG A 504 -3.32 26.13 3.84
C ARG A 504 -3.24 24.86 2.99
N ALA A 505 -2.92 25.04 1.72
CA ALA A 505 -2.78 23.91 0.81
C ALA A 505 -1.57 23.06 1.18
N ALA A 506 -1.68 21.75 0.96
CA ALA A 506 -0.60 20.84 1.31
C ALA A 506 0.60 21.03 0.40
N GLY A 507 0.37 21.37 -0.87
CA GLY A 507 1.46 21.50 -1.82
C GLY A 507 2.41 22.63 -1.48
N THR A 508 1.89 23.71 -0.89
CA THR A 508 2.71 24.88 -0.64
C THR A 508 3.69 24.67 0.51
N LEU A 509 3.47 23.64 1.32
CA LEU A 509 4.33 23.39 2.47
C LEU A 509 5.72 22.93 2.02
N SER A 510 6.73 23.27 2.81
CA SER A 510 8.10 22.86 2.54
C SER A 510 8.32 21.42 2.99
N GLY A 511 9.55 20.94 2.77
CA GLY A 511 9.87 19.57 3.14
C GLY A 511 9.81 19.34 4.64
N GLY A 512 10.40 20.24 5.41
CA GLY A 512 10.39 20.10 6.86
C GLY A 512 9.00 20.21 7.44
N GLU A 513 8.21 21.17 6.96
CA GLU A 513 6.84 21.31 7.44
C GLU A 513 6.01 20.08 7.11
N ALA A 514 6.17 19.54 5.90
CA ALA A 514 5.45 18.33 5.53
C ALA A 514 5.86 17.14 6.38
N GLN A 515 7.17 17.01 6.64
CA GLN A 515 7.64 15.92 7.49
C GLN A 515 7.09 16.02 8.90
N ARG A 516 7.09 17.23 9.46
CA ARG A 516 6.54 17.40 10.81
C ARG A 516 5.04 17.18 10.85
N ILE A 517 4.32 17.59 9.79
CA ILE A 517 2.89 17.32 9.72
C ILE A 517 2.64 15.82 9.67
N ARG A 518 3.44 15.09 8.90
CA ARG A 518 3.30 13.64 8.84
C ARG A 518 3.59 13.02 10.20
N LEU A 519 4.59 13.52 10.91
CA LEU A 519 4.88 13.02 12.26
C LEU A 519 3.70 13.26 13.19
N ALA A 520 3.11 14.45 13.14
CA ALA A 520 1.96 14.75 13.99
C ALA A 520 0.78 13.86 13.66
N THR A 521 0.53 13.64 12.37
CA THR A 521 -0.57 12.76 11.96
C THR A 521 -0.33 11.32 12.43
N GLN A 522 0.91 10.84 12.33
CA GLN A 522 1.22 9.49 12.78
C GLN A 522 1.03 9.37 14.29
N ILE A 523 1.42 10.41 15.04
CA ILE A 523 1.19 10.39 16.49
C ILE A 523 -0.30 10.37 16.79
N GLY A 524 -1.09 11.18 16.07
CA GLY A 524 -2.51 11.24 16.33
C GLY A 524 -3.24 9.96 15.97
N SER A 525 -2.80 9.27 14.92
CA SER A 525 -3.50 8.06 14.47
C SER A 525 -3.47 6.97 15.54
N GLY A 526 -2.36 6.83 16.23
CA GLY A 526 -2.26 5.82 17.28
C GLY A 526 -2.03 4.42 16.80
N LEU A 527 -1.38 4.25 15.64
CA LEU A 527 -1.08 2.92 15.14
C LEU A 527 -0.08 2.21 16.05
N MET A 528 -0.24 0.90 16.18
CA MET A 528 0.58 0.08 17.07
C MET A 528 1.30 -1.00 16.27
N GLY A 529 2.51 -1.34 16.72
CA GLY A 529 3.30 -2.37 16.06
C GLY A 529 3.77 -2.00 14.68
N VAL A 530 4.25 -0.76 14.50
CA VAL A 530 4.74 -0.27 13.22
C VAL A 530 6.15 0.28 13.43
N ILE A 531 7.07 -0.11 12.55
CA ILE A 531 8.43 0.41 12.61
C ILE A 531 8.46 1.75 11.88
N TYR A 532 8.88 2.79 12.60
CA TYR A 532 8.95 4.14 12.05
C TYR A 532 10.41 4.49 11.78
N ILE A 533 10.70 4.95 10.56
CA ILE A 533 12.04 5.35 10.16
C ILE A 533 11.98 6.82 9.76
N LEU A 534 12.80 7.63 10.41
CA LEU A 534 12.79 9.08 10.23
C LEU A 534 14.17 9.56 9.80
N ASP A 535 14.19 10.53 8.88
CA ASP A 535 15.42 11.10 8.34
C ASP A 535 15.55 12.53 8.85
N GLU A 536 16.32 12.72 9.91
CA GLU A 536 16.60 14.02 10.51
C GLU A 536 15.31 14.78 10.83
N PRO A 537 14.53 14.34 11.81
CA PRO A 537 13.32 15.10 12.17
C PRO A 537 13.60 16.49 12.70
N SER A 538 14.79 16.74 13.24
CA SER A 538 15.12 18.00 13.87
C SER A 538 15.63 19.05 12.89
N ILE A 539 15.75 18.71 11.61
CA ILE A 539 16.23 19.69 10.62
C ILE A 539 15.15 20.75 10.41
N GLY A 540 15.60 21.96 10.10
CA GLY A 540 14.68 23.07 9.94
C GLY A 540 13.93 23.47 11.19
N LEU A 541 14.45 23.12 12.36
CA LEU A 541 13.81 23.42 13.63
C LEU A 541 14.77 24.14 14.55
N HIS A 542 14.26 25.13 15.28
CA HIS A 542 15.09 25.89 16.19
C HIS A 542 15.48 25.05 17.40
N GLN A 543 16.50 25.51 18.12
CA GLN A 543 17.00 24.77 19.27
C GLN A 543 15.99 24.72 20.40
N ARG A 544 15.13 25.74 20.51
CA ARG A 544 14.17 25.79 21.61
C ARG A 544 13.07 24.76 21.47
N ASP A 545 12.82 24.25 20.26
CA ASP A 545 11.80 23.24 20.04
C ASP A 545 12.35 21.81 20.10
N ASN A 546 13.64 21.66 20.37
CA ASN A 546 14.25 20.33 20.38
C ASN A 546 13.67 19.46 21.50
N ASP A 547 13.47 20.04 22.68
CA ASP A 547 12.92 19.28 23.79
C ASP A 547 11.49 18.82 23.49
N ARG A 548 10.68 19.70 22.91
CA ARG A 548 9.32 19.31 22.54
C ARG A 548 9.32 18.23 21.48
N LEU A 549 10.21 18.33 20.49
CA LEU A 549 10.29 17.30 19.46
C LEU A 549 10.70 15.97 20.05
N LEU A 550 11.67 15.98 20.98
CA LEU A 550 12.08 14.73 21.62
C LEU A 550 10.96 14.13 22.45
N ARG A 551 10.21 14.97 23.16
CA ARG A 551 9.07 14.47 23.92
C ARG A 551 8.02 13.87 23.01
N SER A 552 7.76 14.51 21.87
CA SER A 552 6.80 13.96 20.91
C SER A 552 7.28 12.62 20.36
N LEU A 553 8.57 12.51 20.05
CA LEU A 553 9.11 11.25 19.57
C LEU A 553 8.98 10.14 20.62
N LYS A 554 9.28 10.47 21.88
CA LYS A 554 9.13 9.49 22.95
C LYS A 554 7.67 9.07 23.12
N LYS A 555 6.75 10.04 23.01
CA LYS A 555 5.32 9.72 23.10
C LYS A 555 4.90 8.80 21.97
N LEU A 556 5.38 9.05 20.76
CA LEU A 556 5.08 8.18 19.62
C LEU A 556 5.64 6.78 19.85
N ARG A 557 6.86 6.69 20.39
CA ARG A 557 7.44 5.38 20.67
C ARG A 557 6.65 4.63 21.73
N ASP A 558 6.12 5.36 22.73
CA ASP A 558 5.40 4.75 23.84
C ASP A 558 4.07 4.13 23.43
N LEU A 559 3.68 4.23 22.17
CA LEU A 559 2.46 3.59 21.68
C LEU A 559 2.68 2.14 21.27
N GLY A 560 3.90 1.63 21.42
CA GLY A 560 4.20 0.27 21.00
C GLY A 560 4.82 0.22 19.61
N ASN A 561 5.79 1.09 19.37
CA ASN A 561 6.43 1.21 18.06
C ASN A 561 7.94 1.27 18.24
N THR A 562 8.65 0.91 17.17
CA THR A 562 10.10 0.97 17.13
C THR A 562 10.54 2.18 16.33
N LEU A 563 11.47 2.95 16.86
CA LEU A 563 11.94 4.18 16.24
C LEU A 563 13.35 4.01 15.71
N LEU A 564 13.55 4.32 14.44
CA LEU A 564 14.87 4.32 13.80
C LEU A 564 15.10 5.72 13.25
N VAL A 565 15.87 6.52 13.99
CA VAL A 565 16.08 7.93 13.67
C VAL A 565 17.52 8.12 13.21
N VAL A 566 17.69 8.72 12.04
CA VAL A 566 19.02 9.06 11.52
C VAL A 566 19.21 10.55 11.82
N GLU A 567 19.78 10.83 12.98
CA GLU A 567 19.98 12.20 13.44
C GLU A 567 21.38 12.35 14.02
N HIS A 568 21.99 13.50 13.77
CA HIS A 568 23.32 13.82 14.27
C HIS A 568 23.30 14.80 15.44
N ASP A 569 22.12 15.07 15.99
CA ASP A 569 22.00 16.03 17.09
C ASP A 569 22.49 15.43 18.39
N GLU A 570 23.18 16.25 19.19
CA GLU A 570 23.69 15.78 20.48
C GLU A 570 22.54 15.47 21.44
N ASP A 571 21.51 16.32 21.46
CA ASP A 571 20.37 16.08 22.36
C ASP A 571 19.65 14.78 22.00
N THR A 572 19.49 14.51 20.71
CA THR A 572 18.89 13.25 20.28
C THR A 572 19.74 12.06 20.72
N MET A 573 21.05 12.19 20.65
CA MET A 573 21.93 11.13 21.12
C MET A 573 21.78 10.90 22.61
N TYR A 574 21.68 11.98 23.39
CA TYR A 574 21.54 11.84 24.83
C TYR A 574 20.16 11.35 25.24
N ALA A 575 19.15 11.55 24.40
CA ALA A 575 17.78 11.15 24.71
C ALA A 575 17.39 9.82 24.10
N SER A 576 18.35 9.09 23.52
CA SER A 576 18.09 7.82 22.86
C SER A 576 18.43 6.65 23.78
N ASP A 577 17.87 5.49 23.45
CA ASP A 577 18.12 4.27 24.21
C ASP A 577 19.30 3.48 23.66
N TYR A 578 19.34 3.28 22.35
CA TYR A 578 20.39 2.53 21.70
C TYR A 578 20.94 3.32 20.52
N ILE A 579 22.26 3.34 20.38
CA ILE A 579 22.93 4.07 19.30
C ILE A 579 23.79 3.09 18.51
N ILE A 580 23.66 3.12 17.20
CA ILE A 580 24.47 2.32 16.28
C ILE A 580 25.28 3.27 15.43
N ASP A 581 26.60 3.11 15.45
CA ASP A 581 27.52 4.00 14.76
C ASP A 581 28.20 3.27 13.62
N LEU A 582 28.16 3.87 12.43
CA LEU A 582 28.82 3.33 11.25
C LEU A 582 30.04 4.16 10.90
N GLY A 583 30.93 3.57 10.11
CA GLY A 583 32.15 4.23 9.72
C GLY A 583 33.24 3.24 9.33
N PRO A 584 34.50 3.59 9.60
CA PRO A 584 34.97 4.83 10.25
C PRO A 584 35.06 5.99 9.27
N GLY A 585 34.93 5.72 7.98
CA GLY A 585 35.01 6.78 6.97
C GLY A 585 33.76 6.88 6.12
N ALA A 586 33.95 7.06 4.82
CA ALA A 586 32.84 7.17 3.89
C ALA A 586 33.18 6.43 2.60
N GLY A 587 32.14 6.03 1.87
CA GLY A 587 32.35 5.30 0.63
C GLY A 587 33.01 3.96 0.88
N SER A 588 34.14 3.72 0.21
CA SER A 588 34.84 2.46 0.37
C SER A 588 35.43 2.28 1.76
N HIS A 589 35.65 3.37 2.48
CA HIS A 589 36.20 3.30 3.84
C HIS A 589 35.14 3.12 4.91
N GLY A 590 33.86 3.20 4.55
CA GLY A 590 32.79 3.04 5.51
C GLY A 590 32.06 1.72 5.38
N GLY A 591 30.79 1.69 5.77
CA GLY A 591 29.99 0.49 5.66
C GLY A 591 30.25 -0.56 6.72
N GLN A 592 30.85 -0.18 7.84
CA GLN A 592 31.10 -1.12 8.94
C GLN A 592 30.64 -0.50 10.24
N ILE A 593 30.18 -1.36 11.15
CA ILE A 593 29.71 -0.92 12.46
C ILE A 593 30.92 -0.80 13.38
N VAL A 594 31.27 0.43 13.74
CA VAL A 594 32.44 0.68 14.56
C VAL A 594 32.10 0.66 16.05
N ALA A 595 30.97 1.24 16.43
CA ALA A 595 30.56 1.31 17.83
C ALA A 595 29.09 0.95 17.94
N GLU A 596 28.70 0.43 19.10
CA GLU A 596 27.32 0.03 19.34
C GLU A 596 27.09 -0.05 20.84
N GLY A 597 25.99 0.52 21.30
CA GLY A 597 25.65 0.50 22.71
C GLY A 597 24.97 1.79 23.10
N THR A 598 24.97 2.05 24.41
CA THR A 598 24.38 3.26 24.95
C THR A 598 25.31 4.45 24.70
N VAL A 599 24.85 5.64 25.10
CA VAL A 599 25.64 6.85 24.85
C VAL A 599 26.92 6.84 25.67
N GLU A 600 26.86 6.28 26.89
CA GLU A 600 28.07 6.21 27.72
C GLU A 600 29.10 5.27 27.11
N GLU A 601 28.64 4.14 26.57
CA GLU A 601 29.57 3.19 25.95
C GLU A 601 30.25 3.80 24.73
N ILE A 602 29.49 4.55 23.91
CA ILE A 602 30.08 5.20 22.75
C ILE A 602 31.03 6.30 23.18
N LYS A 603 30.68 7.04 24.24
CA LYS A 603 31.58 8.08 24.74
C LYS A 603 32.89 7.49 25.22
N GLN A 604 32.84 6.35 25.91
CA GLN A 604 34.05 5.69 26.36
C GLN A 604 34.72 4.88 25.25
N ASN A 605 34.08 4.71 24.11
CA ASN A 605 34.68 3.96 23.01
C ASN A 605 35.79 4.78 22.36
N PRO A 606 37.00 4.23 22.24
CA PRO A 606 38.11 5.02 21.68
C PRO A 606 38.15 5.06 20.16
N ASN A 607 37.40 4.21 19.47
CA ASN A 607 37.41 4.14 18.01
C ASN A 607 36.04 4.49 17.43
N SER A 608 35.37 5.48 18.03
CA SER A 608 34.08 5.94 17.55
C SER A 608 34.18 7.40 17.15
N VAL A 609 33.74 7.72 15.94
CA VAL A 609 33.79 9.10 15.46
C VAL A 609 32.84 9.98 16.27
N THR A 610 31.62 9.49 16.53
CA THR A 610 30.66 10.26 17.30
C THR A 610 31.12 10.45 18.74
N GLY A 611 31.71 9.41 19.34
CA GLY A 611 32.17 9.51 20.71
C GLY A 611 33.29 10.52 20.89
N GLU A 612 34.15 10.67 19.90
CA GLU A 612 35.24 11.64 20.00
C GLU A 612 34.70 13.06 20.15
N TYR A 613 33.66 13.40 19.39
CA TYR A 613 33.05 14.73 19.51
C TYR A 613 32.17 14.82 20.74
N LEU A 614 31.51 13.73 21.14
CA LEU A 614 30.65 13.77 22.31
C LEU A 614 31.45 13.98 23.59
N SER A 615 32.60 13.32 23.71
CA SER A 615 33.40 13.43 24.92
C SER A 615 34.17 14.74 25.01
N GLY A 616 34.29 15.48 23.91
CA GLY A 616 35.00 16.74 23.92
C GLY A 616 36.43 16.69 23.43
N ARG A 617 36.89 15.54 22.93
CA ARG A 617 38.25 15.45 22.41
C ARG A 617 38.43 16.36 21.19
N LYS A 618 37.45 16.38 20.29
CA LYS A 618 37.44 17.25 19.13
C LYS A 618 36.23 18.18 19.22
N LYS A 619 36.46 19.47 19.01
CA LYS A 619 35.40 20.45 19.09
C LYS A 619 35.71 21.62 18.18
N ILE A 620 34.68 22.37 17.81
CA ILE A 620 34.85 23.56 17.00
C ILE A 620 35.20 24.73 17.91
N GLU A 621 36.36 25.34 17.68
CA GLU A 621 36.84 26.41 18.53
C GLU A 621 36.23 27.74 18.10
N VAL A 622 35.76 28.51 19.08
CA VAL A 622 35.22 29.84 18.80
C VAL A 622 36.37 30.76 18.39
N PRO A 623 36.27 31.45 17.25
CA PRO A 623 37.36 32.33 16.82
C PRO A 623 37.60 33.46 17.82
N LYS A 624 38.87 33.79 18.03
CA LYS A 624 39.23 34.87 18.93
C LYS A 624 39.13 36.24 18.27
N GLU A 625 39.05 36.30 16.94
CA GLU A 625 38.90 37.55 16.22
C GLU A 625 37.85 37.38 15.13
N ARG A 626 37.13 38.46 14.85
CA ARG A 626 36.07 38.46 13.86
C ARG A 626 36.28 39.60 12.88
N ARG A 627 35.93 39.37 11.62
CA ARG A 627 36.06 40.39 10.60
C ARG A 627 35.04 41.50 10.81
N LYS A 628 35.32 42.65 10.22
CA LYS A 628 34.44 43.81 10.33
C LYS A 628 34.10 44.32 8.93
N PRO A 629 32.92 44.92 8.76
CA PRO A 629 32.54 45.45 7.45
C PRO A 629 33.47 46.59 7.02
N ASN A 630 33.66 46.70 5.71
CA ASN A 630 34.55 47.69 5.13
C ASN A 630 33.78 48.82 4.45
N GLY A 631 32.62 49.19 5.02
CA GLY A 631 31.83 50.28 4.49
C GLY A 631 30.91 49.91 3.34
N LYS A 632 30.92 48.66 2.89
CA LYS A 632 30.05 48.21 1.82
C LYS A 632 28.90 47.40 2.42
N TRP A 633 27.67 47.83 2.13
CA TRP A 633 26.49 47.20 2.70
C TRP A 633 25.44 47.00 1.61
N LEU A 634 24.57 46.03 1.85
CA LEU A 634 23.43 45.75 0.98
C LEU A 634 22.16 46.08 1.74
N GLU A 635 21.32 46.94 1.15
CA GLU A 635 20.12 47.43 1.80
C GLU A 635 18.89 46.94 1.04
N ILE A 636 17.93 46.39 1.78
CA ILE A 636 16.65 45.96 1.24
C ILE A 636 15.57 46.86 1.82
N ILE A 637 14.79 47.48 0.94
CA ILE A 637 13.79 48.47 1.32
C ILE A 637 12.40 47.94 0.97
N GLY A 638 11.48 48.02 1.92
CA GLY A 638 10.10 47.64 1.68
C GLY A 638 9.87 46.17 1.42
N ALA A 639 10.51 45.29 2.20
CA ALA A 639 10.29 43.86 2.07
C ALA A 639 8.96 43.51 2.75
N ARG A 640 7.97 43.13 1.94
CA ARG A 640 6.63 42.86 2.44
C ARG A 640 6.11 41.48 2.05
N GLU A 641 6.94 40.64 1.44
CA GLU A 641 6.49 39.34 1.00
C GLU A 641 6.16 38.45 2.20
N ASN A 642 5.07 37.69 2.07
CA ASN A 642 4.62 36.73 3.08
C ASN A 642 4.32 37.48 4.37
N ASN A 643 5.00 37.18 5.47
CA ASN A 643 4.69 37.78 6.76
C ASN A 643 5.65 38.91 7.15
N LEU A 644 6.48 39.37 6.22
CA LEU A 644 7.42 40.45 6.53
C LEU A 644 6.65 41.75 6.72
N LYS A 645 6.92 42.42 7.84
CA LYS A 645 6.19 43.63 8.22
C LYS A 645 6.89 44.89 7.74
N ASN A 646 7.20 44.95 6.44
CA ASN A 646 7.82 46.11 5.81
C ASN A 646 9.08 46.55 6.56
N ILE A 647 10.06 45.64 6.58
CA ILE A 647 11.28 45.85 7.34
C ILE A 647 12.43 46.13 6.38
N ASN A 648 13.46 46.78 6.92
CA ASN A 648 14.69 47.08 6.18
C ASN A 648 15.85 46.37 6.86
N VAL A 649 16.64 45.65 6.07
CA VAL A 649 17.75 44.85 6.58
C VAL A 649 19.03 45.26 5.86
N ARG A 650 20.12 45.36 6.62
CA ARG A 650 21.43 45.69 6.07
C ARG A 650 22.32 44.46 6.19
N ILE A 651 22.86 44.02 5.06
CA ILE A 651 23.71 42.84 4.99
C ILE A 651 25.12 43.31 4.64
N PRO A 652 26.08 43.23 5.56
CA PRO A 652 27.46 43.65 5.24
C PRO A 652 28.08 42.74 4.20
N LEU A 653 29.00 43.31 3.43
CA LEU A 653 29.69 42.60 2.37
C LEU A 653 31.13 42.28 2.79
N GLY A 654 31.64 41.16 2.27
CA GLY A 654 32.98 40.73 2.56
C GLY A 654 33.15 39.95 3.85
N VAL A 655 32.06 39.63 4.55
CA VAL A 655 32.11 38.90 5.80
C VAL A 655 31.14 37.74 5.73
N PHE A 656 31.23 36.85 6.73
CA PHE A 656 30.36 35.69 6.84
C PHE A 656 29.11 36.09 7.62
N THR A 657 27.96 36.01 6.97
CA THR A 657 26.69 36.43 7.55
C THR A 657 25.78 35.21 7.73
N CYS A 658 25.16 35.12 8.89
CA CYS A 658 24.23 34.04 9.22
C CYS A 658 22.87 34.64 9.54
N ILE A 659 21.82 34.05 8.97
CA ILE A 659 20.44 34.49 9.20
C ILE A 659 19.78 33.45 10.09
N THR A 660 19.42 33.84 11.30
CA THR A 660 18.83 32.95 12.28
C THR A 660 17.39 33.37 12.56
N GLY A 661 16.75 32.68 13.49
CA GLY A 661 15.38 32.93 13.88
C GLY A 661 14.61 31.64 14.01
N VAL A 662 13.47 31.72 14.68
CA VAL A 662 12.61 30.57 14.90
C VAL A 662 11.95 30.17 13.59
N SER A 663 11.36 28.98 13.54
CA SER A 663 10.68 28.51 12.34
C SER A 663 9.47 29.39 12.04
N GLY A 664 9.28 29.69 10.75
CA GLY A 664 8.18 30.52 10.32
C GLY A 664 8.41 32.02 10.45
N SER A 665 9.62 32.45 10.85
CA SER A 665 9.89 33.87 11.00
C SER A 665 10.00 34.58 9.66
N GLY A 666 10.15 33.85 8.56
CA GLY A 666 10.21 34.45 7.25
C GLY A 666 11.60 34.67 6.69
N LYS A 667 12.63 34.12 7.32
CA LYS A 667 13.99 34.31 6.82
C LYS A 667 14.18 33.65 5.46
N SER A 668 13.70 32.42 5.30
CA SER A 668 13.89 31.71 4.04
C SER A 668 13.21 32.42 2.88
N SER A 669 11.98 32.89 3.09
CA SER A 669 11.31 33.66 2.05
C SER A 669 12.07 34.95 1.74
N LEU A 670 12.36 35.73 2.79
CA LEU A 670 13.02 37.01 2.62
C LEU A 670 14.33 36.88 1.85
N ILE A 671 15.06 35.80 2.08
CA ILE A 671 16.31 35.61 1.37
C ILE A 671 16.04 35.10 -0.04
N ASN A 672 15.49 33.89 -0.14
CA ASN A 672 15.42 33.22 -1.44
C ASN A 672 14.52 33.95 -2.42
N GLU A 673 13.28 34.26 -2.02
CA GLU A 673 12.32 34.78 -2.98
C GLU A 673 12.49 36.27 -3.24
N ILE A 674 13.37 36.96 -2.52
CA ILE A 674 13.55 38.38 -2.72
C ILE A 674 14.98 38.69 -3.15
N LEU A 675 15.94 38.45 -2.26
CA LEU A 675 17.30 38.92 -2.50
C LEU A 675 17.96 38.16 -3.64
N TYR A 676 17.89 36.83 -3.59
CA TYR A 676 18.50 36.03 -4.64
C TYR A 676 17.85 36.29 -5.99
N LYS A 677 16.52 36.38 -6.02
CA LYS A 677 15.82 36.63 -7.29
C LYS A 677 16.18 38.00 -7.86
N ARG A 678 16.20 39.02 -7.01
CA ARG A 678 16.55 40.36 -7.50
C ARG A 678 17.99 40.41 -7.99
N LEU A 679 18.91 39.77 -7.26
CA LEU A 679 20.31 39.76 -7.70
C LEU A 679 20.47 39.02 -9.01
N ALA A 680 19.77 37.88 -9.16
CA ALA A 680 19.84 37.14 -10.42
C ALA A 680 19.29 37.96 -11.57
N ALA A 681 18.16 38.64 -11.36
CA ALA A 681 17.58 39.47 -12.41
C ALA A 681 18.52 40.62 -12.78
N GLU A 682 19.18 41.22 -11.77
CA GLU A 682 20.04 42.37 -12.04
C GLU A 682 21.37 41.98 -12.67
N LEU A 683 21.88 40.78 -12.38
CA LEU A 683 23.21 40.40 -12.84
C LEU A 683 23.19 39.34 -13.93
N ASN A 684 22.56 38.20 -13.68
CA ASN A 684 22.55 37.11 -14.64
C ASN A 684 21.44 37.24 -15.68
N ARG A 685 20.62 38.29 -15.59
CA ARG A 685 19.53 38.55 -16.53
C ARG A 685 18.56 37.36 -16.57
N ALA A 686 17.95 37.09 -15.43
CA ALA A 686 16.99 36.01 -15.31
C ALA A 686 15.60 36.50 -15.74
N SER A 687 14.63 35.60 -15.74
CA SER A 687 13.26 35.90 -16.15
C SER A 687 12.28 35.36 -15.12
N VAL A 688 12.58 35.60 -13.84
CA VAL A 688 11.73 35.17 -12.73
C VAL A 688 11.31 36.40 -11.94
N LYS A 689 10.02 36.50 -11.67
CA LYS A 689 9.48 37.65 -10.95
C LYS A 689 9.95 37.61 -9.50
N PRO A 690 10.57 38.68 -9.00
CA PRO A 690 11.01 38.68 -7.59
C PRO A 690 9.85 38.83 -6.62
N GLY A 691 10.16 38.89 -5.33
CA GLY A 691 9.14 39.04 -4.30
C GLY A 691 8.68 40.48 -4.17
N GLU A 692 7.79 40.68 -3.20
CA GLU A 692 7.21 42.00 -2.95
C GLU A 692 8.25 42.86 -2.21
N HIS A 693 8.94 43.70 -2.96
CA HIS A 693 9.94 44.60 -2.38
C HIS A 693 10.04 45.85 -3.24
N ASP A 694 10.58 46.92 -2.65
CA ASP A 694 10.70 48.18 -3.37
C ASP A 694 11.93 48.19 -4.26
N LEU A 695 13.12 48.11 -3.67
CA LEU A 695 14.37 48.15 -4.41
C LEU A 695 15.49 47.69 -3.49
N ILE A 696 16.65 47.42 -4.09
CA ILE A 696 17.83 46.97 -3.36
C ILE A 696 18.97 47.94 -3.67
N LYS A 697 19.62 48.44 -2.63
CA LYS A 697 20.73 49.37 -2.76
C LYS A 697 22.05 48.64 -2.55
N GLY A 698 23.06 49.00 -3.34
CA GLY A 698 24.36 48.37 -3.27
C GLY A 698 24.59 47.25 -4.26
N ILE A 699 23.73 47.11 -5.26
CA ILE A 699 23.87 46.04 -6.25
C ILE A 699 25.16 46.22 -7.04
N GLU A 700 25.55 47.47 -7.32
CA GLU A 700 26.74 47.74 -8.12
C GLU A 700 28.01 47.21 -7.46
N TYR A 701 27.98 46.94 -6.15
CA TYR A 701 29.16 46.39 -5.48
C TYR A 701 29.37 44.91 -5.79
N LEU A 702 28.42 44.25 -6.44
CA LEU A 702 28.50 42.83 -6.74
C LEU A 702 28.56 42.61 -8.23
N ASP A 703 29.21 41.52 -8.63
CA ASP A 703 29.35 41.14 -10.04
C ASP A 703 28.48 39.96 -10.43
N LYS A 704 28.36 38.96 -9.58
CA LYS A 704 27.53 37.80 -9.88
C LYS A 704 27.07 37.17 -8.57
N VAL A 705 26.01 36.38 -8.66
CA VAL A 705 25.43 35.68 -7.52
C VAL A 705 25.24 34.22 -7.88
N ILE A 706 25.70 33.32 -7.02
CA ILE A 706 25.57 31.89 -7.22
C ILE A 706 24.86 31.28 -6.01
N ASP A 707 23.84 30.47 -6.26
CA ASP A 707 23.10 29.78 -5.23
C ASP A 707 23.52 28.33 -5.17
N ILE A 708 23.91 27.86 -3.99
CA ILE A 708 24.38 26.50 -3.78
C ILE A 708 23.32 25.75 -2.99
N ASP A 709 22.83 24.64 -3.54
CA ASP A 709 21.81 23.83 -2.90
C ASP A 709 22.17 22.36 -3.10
N GLN A 710 21.25 21.48 -2.74
CA GLN A 710 21.46 20.04 -2.86
C GLN A 710 20.77 19.44 -4.09
N SER A 711 20.35 20.28 -5.03
CA SER A 711 19.73 19.77 -6.25
C SER A 711 20.76 19.01 -7.08
N PRO A 712 20.32 18.02 -7.86
CA PRO A 712 21.26 17.25 -8.68
C PRO A 712 21.94 18.14 -9.71
N ILE A 713 23.21 17.81 -9.98
CA ILE A 713 24.00 18.57 -10.95
C ILE A 713 23.71 18.19 -12.39
N GLY A 714 22.90 17.16 -12.61
CA GLY A 714 22.57 16.75 -13.97
C GLY A 714 21.49 15.69 -13.95
N ARG A 715 21.02 15.36 -15.15
CA ARG A 715 19.97 14.35 -15.32
C ARG A 715 20.38 13.27 -16.31
N THR A 716 21.61 13.28 -16.80
CA THR A 716 22.09 12.30 -17.76
C THR A 716 23.42 11.74 -17.31
N PRO A 717 23.75 10.51 -17.72
CA PRO A 717 25.06 9.95 -17.36
C PRO A 717 26.24 10.64 -18.03
N ARG A 718 25.98 11.52 -19.00
CA ARG A 718 27.06 12.23 -19.68
C ARG A 718 27.72 13.29 -18.81
N SER A 719 27.16 13.59 -17.64
CA SER A 719 27.71 14.58 -16.74
C SER A 719 28.34 13.87 -15.54
N ASN A 720 29.58 14.22 -15.24
CA ASN A 720 30.36 13.63 -14.17
C ASN A 720 31.00 14.74 -13.35
N PRO A 721 31.40 14.45 -12.11
CA PRO A 721 32.10 15.48 -11.32
C PRO A 721 33.36 16.01 -11.99
N ALA A 722 34.09 15.15 -12.70
CA ALA A 722 35.29 15.60 -13.40
C ALA A 722 34.95 16.63 -14.47
N THR A 723 33.88 16.39 -15.23
CA THR A 723 33.47 17.35 -16.25
C THR A 723 32.88 18.60 -15.62
N TYR A 724 32.17 18.46 -14.50
CA TYR A 724 31.58 19.62 -13.83
C TYR A 724 32.67 20.55 -13.30
N THR A 725 33.73 19.98 -12.70
CA THR A 725 34.81 20.79 -12.17
C THR A 725 35.72 21.36 -13.25
N GLY A 726 35.61 20.87 -14.49
CA GLY A 726 36.44 21.35 -15.58
C GLY A 726 37.77 20.66 -15.73
N VAL A 727 38.09 19.70 -14.85
CA VAL A 727 39.36 18.99 -14.96
C VAL A 727 39.36 18.00 -16.13
N PHE A 728 38.18 17.67 -16.67
CA PHE A 728 38.11 16.74 -17.79
C PHE A 728 38.77 17.30 -19.03
N ASP A 729 38.66 18.61 -19.26
CA ASP A 729 39.35 19.22 -20.40
C ASP A 729 40.86 19.09 -20.26
N PHE A 730 41.39 19.33 -19.06
CA PHE A 730 42.82 19.16 -18.84
C PHE A 730 43.24 17.71 -19.03
N ILE A 731 42.41 16.77 -18.56
CA ILE A 731 42.72 15.35 -18.73
C ILE A 731 42.76 15.00 -20.22
N ARG A 732 41.78 15.49 -20.98
CA ARG A 732 41.76 15.24 -22.42
C ARG A 732 42.99 15.83 -23.10
N GLU A 733 43.38 17.05 -22.71
CA GLU A 733 44.55 17.69 -23.30
C GLU A 733 45.81 16.89 -23.00
N ILE A 734 45.99 16.45 -21.75
CA ILE A 734 47.19 15.71 -21.40
C ILE A 734 47.20 14.34 -22.06
N PHE A 735 46.01 13.76 -22.30
CA PHE A 735 45.96 12.50 -23.03
C PHE A 735 46.31 12.69 -24.51
N ALA A 736 45.82 13.77 -25.12
CA ALA A 736 46.12 14.04 -26.52
C ALA A 736 47.56 14.52 -26.71
N ASN A 737 48.22 14.95 -25.66
CA ASN A 737 49.60 15.40 -25.74
C ASN A 737 50.61 14.25 -25.69
N THR A 738 50.14 13.01 -25.53
CA THR A 738 51.03 11.87 -25.45
C THR A 738 51.63 11.56 -26.83
N THR A 739 52.68 10.73 -26.82
CA THR A 739 53.37 10.39 -28.06
C THR A 739 52.47 9.60 -29.00
N GLU A 740 51.70 8.66 -28.47
CA GLU A 740 50.85 7.82 -29.31
C GLU A 740 49.79 8.65 -30.02
N ALA A 741 49.18 9.60 -29.32
CA ALA A 741 48.16 10.45 -29.94
C ALA A 741 48.75 11.28 -31.07
N LYS A 742 49.95 11.84 -30.86
CA LYS A 742 50.61 12.59 -31.92
C LYS A 742 50.96 11.70 -33.10
N THR A 743 51.41 10.47 -32.83
CA THR A 743 51.75 9.55 -33.91
C THR A 743 50.51 9.19 -34.74
N ARG A 744 49.39 8.95 -34.07
CA ARG A 744 48.16 8.57 -34.76
C ARG A 744 47.35 9.77 -35.24
N GLY A 745 47.82 10.98 -35.00
CA GLY A 745 47.10 12.17 -35.45
C GLY A 745 45.76 12.36 -34.80
N TYR A 746 45.66 12.11 -33.49
CA TYR A 746 44.42 12.26 -32.77
C TYR A 746 44.22 13.72 -32.36
N LYS A 747 43.02 14.01 -31.86
CA LYS A 747 42.66 15.35 -31.42
C LYS A 747 42.23 15.32 -29.96
N ALA A 748 42.20 16.50 -29.35
CA ALA A 748 41.83 16.61 -27.94
C ALA A 748 40.38 16.18 -27.72
N GLY A 749 39.52 16.34 -28.73
CA GLY A 749 38.14 15.92 -28.62
C GLY A 749 37.87 14.45 -28.83
N ARG A 750 38.89 13.68 -29.19
CA ARG A 750 38.70 12.25 -29.41
C ARG A 750 38.34 11.54 -28.11
N PHE A 751 38.98 11.92 -27.00
CA PHE A 751 38.76 11.27 -25.71
C PHE A 751 37.57 11.88 -24.97
N SER A 752 36.43 11.95 -25.65
CA SER A 752 35.21 12.50 -25.05
C SER A 752 34.03 11.67 -25.50
N PHE A 753 33.09 11.43 -24.57
CA PHE A 753 31.89 10.66 -24.86
C PHE A 753 30.72 11.53 -25.29
N ASN A 754 30.98 12.71 -25.84
CA ASN A 754 29.94 13.59 -26.33
C ASN A 754 30.06 13.92 -27.81
N VAL A 755 31.19 13.62 -28.44
CA VAL A 755 31.40 13.88 -29.86
C VAL A 755 31.75 12.56 -30.54
N LYS A 756 31.07 12.27 -31.65
CA LYS A 756 31.31 11.03 -32.37
C LYS A 756 32.74 10.98 -32.90
N GLY A 757 33.33 9.78 -32.89
CA GLY A 757 34.69 9.60 -33.37
C GLY A 757 35.57 8.85 -32.40
N GLY A 758 35.37 9.08 -31.10
CA GLY A 758 36.13 8.38 -30.08
C GLY A 758 35.28 7.52 -29.18
N ARG A 759 34.03 7.92 -28.99
CA ARG A 759 33.11 7.19 -28.14
C ARG A 759 32.55 5.98 -28.88
N CYS A 760 32.00 5.04 -28.11
CA CYS A 760 31.39 3.85 -28.69
C CYS A 760 30.05 4.21 -29.33
N GLU A 761 29.87 3.78 -30.58
CA GLU A 761 28.65 4.13 -31.32
C GLU A 761 27.45 3.31 -30.89
N ALA A 762 27.66 2.16 -30.25
CA ALA A 762 26.53 1.31 -29.86
C ALA A 762 25.67 1.99 -28.80
N CYS A 763 26.30 2.49 -27.73
CA CYS A 763 25.59 3.16 -26.65
C CYS A 763 25.61 4.67 -26.79
N ALA A 764 26.20 5.20 -27.86
CA ALA A 764 26.31 6.64 -28.10
C ALA A 764 27.05 7.35 -26.96
N GLY A 765 27.97 6.64 -26.31
CA GLY A 765 28.75 7.20 -25.23
C GLY A 765 28.10 7.16 -23.87
N ASP A 766 26.84 6.71 -23.77
CA ASP A 766 26.19 6.64 -22.47
C ASP A 766 26.70 5.46 -21.65
N GLY A 767 27.12 4.39 -22.31
CA GLY A 767 27.64 3.21 -21.63
C GLY A 767 26.58 2.20 -21.23
N ILE A 768 25.29 2.52 -21.41
CA ILE A 768 24.21 1.61 -21.07
C ILE A 768 23.22 1.57 -22.22
N ASN A 769 22.41 0.52 -22.24
CA ASN A 769 21.39 0.33 -23.25
C ASN A 769 20.02 0.18 -22.59
N LYS A 770 18.98 0.50 -23.34
CA LYS A 770 17.62 0.43 -22.85
C LYS A 770 16.93 -0.79 -23.47
N ILE A 771 16.37 -1.64 -22.62
CA ILE A 771 15.65 -2.84 -23.04
C ILE A 771 14.24 -2.75 -22.51
N GLU A 772 13.26 -2.92 -23.42
CA GLU A 772 11.85 -2.81 -23.07
C GLU A 772 11.24 -4.21 -23.03
N MET A 773 10.56 -4.53 -21.94
CA MET A 773 9.89 -5.79 -21.76
C MET A 773 8.40 -5.66 -22.09
N HIS A 774 7.75 -6.80 -22.31
CA HIS A 774 6.35 -6.79 -22.73
C HIS A 774 5.44 -6.22 -21.63
N PHE A 775 5.69 -6.60 -20.38
CA PHE A 775 4.84 -6.16 -19.27
C PHE A 775 5.67 -5.62 -18.11
N LEU A 776 6.86 -5.12 -18.40
CA LEU A 776 7.74 -4.57 -17.38
C LEU A 776 8.30 -3.24 -17.84
N PRO A 777 8.65 -2.35 -16.92
CA PRO A 777 9.26 -1.07 -17.30
C PRO A 777 10.63 -1.29 -17.93
N ASP A 778 11.17 -0.19 -18.48
CA ASP A 778 12.46 -0.25 -19.14
C ASP A 778 13.56 -0.62 -18.15
N ILE A 779 14.50 -1.45 -18.62
CA ILE A 779 15.61 -1.93 -17.82
C ILE A 779 16.90 -1.50 -18.50
N TYR A 780 17.81 -0.92 -17.72
CA TYR A 780 19.09 -0.44 -18.23
C TYR A 780 20.19 -1.45 -17.90
N VAL A 781 20.91 -1.89 -18.92
CA VAL A 781 21.98 -2.87 -18.76
C VAL A 781 23.24 -2.31 -19.42
N PRO A 782 24.43 -2.73 -18.97
CA PRO A 782 25.66 -2.22 -19.60
C PRO A 782 25.74 -2.61 -21.07
N CYS A 783 26.34 -1.73 -21.87
CA CYS A 783 26.48 -1.99 -23.29
C CYS A 783 27.40 -3.18 -23.53
N GLU A 784 26.99 -4.07 -24.43
CA GLU A 784 27.77 -5.26 -24.71
C GLU A 784 28.99 -4.96 -25.57
N VAL A 785 28.87 -4.02 -26.50
CA VAL A 785 29.97 -3.74 -27.42
C VAL A 785 31.16 -3.14 -26.68
N CYS A 786 30.91 -2.12 -25.85
CA CYS A 786 31.97 -1.41 -25.15
C CYS A 786 32.22 -1.93 -23.74
N LYS A 787 31.43 -2.91 -23.28
CA LYS A 787 31.56 -3.48 -21.94
C LYS A 787 31.43 -2.41 -20.86
N GLY A 788 30.70 -1.33 -21.14
CA GLY A 788 30.52 -0.25 -20.19
C GLY A 788 31.67 0.74 -20.14
N LYS A 789 32.69 0.59 -20.98
CA LYS A 789 33.82 1.51 -20.97
C LYS A 789 33.54 2.81 -21.70
N ARG A 790 32.44 2.89 -22.46
CA ARG A 790 32.02 4.09 -23.19
C ARG A 790 33.02 4.53 -24.25
N TYR A 791 33.96 3.68 -24.63
CA TYR A 791 34.94 4.01 -25.64
C TYR A 791 35.22 2.78 -26.50
N ASN A 792 35.65 3.02 -27.73
CA ASN A 792 35.99 1.93 -28.63
C ASN A 792 37.41 1.44 -28.36
N ARG A 793 37.77 0.32 -29.01
CA ARG A 793 39.08 -0.28 -28.78
C ARG A 793 40.20 0.63 -29.26
N GLU A 794 39.99 1.34 -30.37
CA GLU A 794 41.04 2.20 -30.92
C GLU A 794 41.41 3.31 -29.94
N THR A 795 40.42 3.94 -29.32
CA THR A 795 40.71 4.97 -28.34
C THR A 795 41.34 4.39 -27.08
N LEU A 796 40.82 3.26 -26.60
CA LEU A 796 41.35 2.65 -25.39
C LEU A 796 42.76 2.09 -25.58
N GLU A 797 43.19 1.91 -26.82
CA GLU A 797 44.54 1.42 -27.08
C GLU A 797 45.62 2.39 -26.61
N VAL A 798 45.29 3.69 -26.55
CA VAL A 798 46.25 4.69 -26.10
C VAL A 798 46.29 4.70 -24.58
N ARG A 799 47.50 4.56 -24.02
CA ARG A 799 47.69 4.54 -22.57
C ARG A 799 48.74 5.57 -22.19
N TYR A 800 48.46 6.28 -21.10
CA TYR A 800 49.38 7.28 -20.54
C TYR A 800 49.81 6.82 -19.16
N LYS A 801 51.11 6.63 -18.96
CA LYS A 801 51.68 6.18 -17.69
C LYS A 801 51.05 4.87 -17.23
N GLY A 802 50.78 3.98 -18.20
CA GLY A 802 50.25 2.67 -17.90
C GLY A 802 48.76 2.62 -17.65
N LYS A 803 48.04 3.72 -17.81
CA LYS A 803 46.59 3.76 -17.59
C LYS A 803 45.92 4.46 -18.76
N ASN A 804 44.77 3.93 -19.18
CA ASN A 804 44.01 4.51 -20.27
C ASN A 804 42.97 5.49 -19.71
N ILE A 805 42.13 6.01 -20.62
CA ILE A 805 41.14 7.01 -20.22
C ILE A 805 40.09 6.39 -19.30
N ALA A 806 39.66 5.17 -19.61
CA ALA A 806 38.65 4.52 -18.77
C ALA A 806 39.20 4.25 -17.37
N GLU A 807 40.46 3.82 -17.28
CA GLU A 807 41.07 3.61 -15.97
C GLU A 807 41.20 4.92 -15.19
N VAL A 808 41.53 6.01 -15.89
CA VAL A 808 41.62 7.30 -15.23
C VAL A 808 40.25 7.72 -14.69
N LEU A 809 39.20 7.52 -15.49
CA LEU A 809 37.86 7.85 -15.03
C LEU A 809 37.42 6.97 -13.87
N ASP A 810 37.89 5.71 -13.84
CA ASP A 810 37.43 4.77 -12.82
C ASP A 810 38.01 5.07 -11.45
N MET A 811 39.25 5.55 -11.38
CA MET A 811 39.91 5.72 -10.09
C MET A 811 39.29 6.86 -9.30
N THR A 812 39.48 6.83 -7.98
CA THR A 812 38.89 7.80 -7.09
C THR A 812 39.75 9.06 -7.00
N VAL A 813 39.26 10.04 -6.23
CA VAL A 813 39.98 11.30 -6.08
C VAL A 813 41.27 11.09 -5.29
N GLU A 814 41.24 10.20 -4.29
CA GLU A 814 42.43 9.96 -3.48
C GLU A 814 43.56 9.40 -4.32
N GLU A 815 43.25 8.45 -5.22
CA GLU A 815 44.27 7.92 -6.11
C GLU A 815 44.73 8.97 -7.12
N ALA A 816 43.79 9.79 -7.60
CA ALA A 816 44.15 10.83 -8.56
C ALA A 816 45.05 11.88 -7.94
N LEU A 817 44.98 12.06 -6.61
CA LEU A 817 45.87 13.01 -5.94
C LEU A 817 47.33 12.60 -6.12
N GLU A 818 47.64 11.32 -5.94
CA GLU A 818 48.99 10.84 -6.14
C GLU A 818 49.34 10.69 -7.61
N PHE A 819 48.37 10.28 -8.43
CA PHE A 819 48.64 10.04 -9.85
C PHE A 819 49.02 11.34 -10.57
N PHE A 820 48.32 12.43 -10.27
CA PHE A 820 48.51 13.70 -10.97
C PHE A 820 49.32 14.70 -10.15
N LYS A 821 50.32 14.22 -9.41
CA LYS A 821 51.15 15.13 -8.63
C LYS A 821 52.02 16.01 -9.53
N ASN A 822 52.49 15.45 -10.65
CA ASN A 822 53.36 16.21 -11.55
C ASN A 822 52.66 17.38 -12.21
N ILE A 823 51.43 17.20 -12.69
CA ILE A 823 50.69 18.24 -13.39
C ILE A 823 50.08 19.16 -12.34
N PRO A 824 50.43 20.46 -12.33
CA PRO A 824 49.91 21.33 -11.27
C PRO A 824 48.46 21.73 -11.46
N ARG A 825 48.04 21.99 -12.70
CA ARG A 825 46.66 22.44 -12.93
C ARG A 825 45.66 21.37 -12.53
N ILE A 826 45.91 20.11 -12.88
CA ILE A 826 45.04 19.03 -12.45
C ILE A 826 45.16 18.81 -10.96
N HIS A 827 46.37 18.96 -10.41
CA HIS A 827 46.60 18.73 -9.00
C HIS A 827 45.79 19.70 -8.14
N LYS A 828 45.69 20.95 -8.57
CA LYS A 828 44.93 21.94 -7.80
C LYS A 828 43.47 21.55 -7.70
N LYS A 829 42.86 21.15 -8.82
CA LYS A 829 41.46 20.77 -8.81
C LYS A 829 41.24 19.49 -8.01
N ILE A 830 42.14 18.52 -8.14
CA ILE A 830 41.99 17.28 -7.38
C ILE A 830 42.13 17.55 -5.89
N GLU A 831 43.07 18.44 -5.52
CA GLU A 831 43.23 18.81 -4.11
C GLU A 831 41.99 19.52 -3.59
N THR A 832 41.38 20.39 -4.39
CA THR A 832 40.15 21.03 -3.97
C THR A 832 39.04 20.00 -3.74
N LEU A 833 38.89 19.06 -4.68
CA LEU A 833 37.87 18.02 -4.54
C LEU A 833 38.12 17.15 -3.32
N TYR A 834 39.40 16.91 -2.99
CA TYR A 834 39.71 16.17 -1.77
C TYR A 834 39.43 16.99 -0.53
N ASP A 835 39.65 18.31 -0.60
CA ASP A 835 39.47 19.17 0.57
C ASP A 835 38.00 19.41 0.87
N VAL A 836 37.12 19.30 -0.14
CA VAL A 836 35.69 19.49 0.12
C VAL A 836 35.08 18.19 0.64
N GLY A 837 35.94 17.21 0.92
CA GLY A 837 35.49 15.98 1.55
C GLY A 837 35.00 14.90 0.61
N LEU A 838 35.36 14.95 -0.66
CA LEU A 838 34.94 13.96 -1.64
C LEU A 838 36.10 13.10 -2.12
N GLY A 839 37.00 12.73 -1.20
CA GLY A 839 38.15 11.92 -1.56
C GLY A 839 37.82 10.47 -1.83
N TYR A 840 36.62 10.01 -1.46
CA TYR A 840 36.22 8.63 -1.70
C TYR A 840 35.49 8.46 -3.02
N ILE A 841 34.97 9.53 -3.60
CA ILE A 841 34.21 9.43 -4.83
C ILE A 841 35.14 9.25 -6.02
N LYS A 842 34.60 8.76 -7.13
CA LYS A 842 35.35 8.56 -8.35
C LYS A 842 34.94 9.59 -9.39
N LEU A 843 35.89 9.95 -10.26
CA LEU A 843 35.63 10.99 -11.25
C LEU A 843 34.59 10.57 -12.27
N GLY A 844 34.48 9.27 -12.56
CA GLY A 844 33.58 8.76 -13.56
C GLY A 844 32.18 8.43 -13.08
N GLN A 845 31.85 8.75 -11.83
CA GLN A 845 30.52 8.44 -11.31
C GLN A 845 29.46 9.28 -12.01
N SER A 846 28.34 8.65 -12.32
CA SER A 846 27.23 9.34 -12.97
C SER A 846 26.62 10.36 -12.03
N SER A 847 26.17 11.49 -12.62
CA SER A 847 25.56 12.55 -11.82
C SER A 847 24.19 12.15 -11.30
N THR A 848 23.51 11.21 -11.98
CA THR A 848 22.18 10.80 -11.54
C THR A 848 22.23 10.03 -10.22
N THR A 849 23.35 9.36 -9.94
CA THR A 849 23.49 8.57 -8.72
C THR A 849 24.02 9.39 -7.54
N LEU A 850 24.42 10.63 -7.76
CA LEU A 850 24.95 11.44 -6.68
C LEU A 850 23.83 11.88 -5.73
N SER A 851 24.14 11.92 -4.45
CA SER A 851 23.19 12.37 -3.45
C SER A 851 23.21 13.90 -3.36
N GLY A 852 22.37 14.43 -2.47
CA GLY A 852 22.33 15.88 -2.29
C GLY A 852 23.62 16.43 -1.70
N GLY A 853 24.17 15.75 -0.70
CA GLY A 853 25.41 16.20 -0.09
C GLY A 853 26.57 16.15 -1.06
N GLU A 854 26.64 15.08 -1.86
CA GLU A 854 27.71 14.97 -2.85
C GLU A 854 27.59 16.06 -3.91
N ALA A 855 26.38 16.36 -4.36
CA ALA A 855 26.19 17.44 -5.32
C ALA A 855 26.57 18.79 -4.73
N GLN A 856 26.20 19.04 -3.47
CA GLN A 856 26.56 20.28 -2.82
C GLN A 856 28.08 20.41 -2.69
N ARG A 857 28.76 19.31 -2.33
CA ARG A 857 30.21 19.35 -2.23
C ARG A 857 30.87 19.56 -3.58
N VAL A 858 30.29 18.97 -4.64
CA VAL A 858 30.81 19.19 -5.99
C VAL A 858 30.68 20.67 -6.36
N LYS A 859 29.53 21.26 -6.08
CA LYS A 859 29.33 22.69 -6.36
C LYS A 859 30.31 23.54 -5.57
N LEU A 860 30.52 23.21 -4.29
CA LEU A 860 31.47 23.96 -3.47
C LEU A 860 32.88 23.86 -4.03
N ALA A 861 33.29 22.66 -4.47
CA ALA A 861 34.61 22.49 -5.05
C ALA A 861 34.75 23.28 -6.34
N THR A 862 33.70 23.28 -7.17
CA THR A 862 33.73 24.06 -8.40
C THR A 862 33.87 25.54 -8.11
N GLU A 863 33.14 26.04 -7.12
CA GLU A 863 33.26 27.44 -6.74
C GLU A 863 34.65 27.76 -6.21
N LEU A 864 35.23 26.85 -5.41
CA LEU A 864 36.57 27.07 -4.88
C LEU A 864 37.61 27.11 -5.99
N SER A 865 37.47 26.22 -6.98
CA SER A 865 38.46 26.17 -8.06
C SER A 865 38.42 27.39 -8.97
N ARG A 866 37.32 28.14 -8.96
CA ARG A 866 37.20 29.30 -9.81
C ARG A 866 38.13 30.42 -9.32
N LYS A 867 38.48 31.31 -10.25
CA LYS A 867 39.31 32.48 -9.94
C LYS A 867 38.39 33.60 -9.46
N SER A 868 38.27 33.73 -8.14
CA SER A 868 37.38 34.73 -7.56
C SER A 868 37.89 36.13 -7.85
N THR A 869 36.97 37.01 -8.24
CA THR A 869 37.28 38.41 -8.51
C THR A 869 37.00 39.31 -7.31
N GLY A 870 36.56 38.75 -6.19
CA GLY A 870 36.26 39.53 -5.02
C GLY A 870 34.91 40.21 -5.02
N LYS A 871 34.06 39.93 -6.00
CA LYS A 871 32.74 40.52 -6.12
C LYS A 871 31.70 39.45 -6.38
N THR A 872 31.76 38.37 -5.60
CA THR A 872 30.85 37.24 -5.75
C THR A 872 30.10 37.03 -4.44
N MET A 873 28.81 36.73 -4.55
CA MET A 873 27.96 36.46 -3.40
C MET A 873 27.41 35.04 -3.48
N TYR A 874 27.56 34.29 -2.41
CA TYR A 874 27.07 32.91 -2.32
C TYR A 874 25.94 32.85 -1.30
N ILE A 875 24.86 32.15 -1.67
CA ILE A 875 23.70 31.98 -0.81
C ILE A 875 23.49 30.49 -0.58
N LEU A 876 23.44 30.09 0.68
CA LEU A 876 23.23 28.69 1.06
C LEU A 876 22.05 28.60 2.01
N ASP A 877 21.15 27.66 1.75
CA ASP A 877 19.96 27.44 2.58
C ASP A 877 20.13 26.11 3.30
N GLU A 878 20.43 26.18 4.59
CA GLU A 878 20.64 25.02 5.45
C GLU A 878 21.68 24.08 4.85
N PRO A 879 22.95 24.49 4.78
CA PRO A 879 23.97 23.60 4.19
C PRO A 879 24.32 22.41 5.06
N THR A 880 23.94 22.40 6.34
CA THR A 880 24.28 21.32 7.26
C THR A 880 23.22 20.22 7.30
N THR A 881 22.45 20.06 6.24
CA THR A 881 21.43 19.01 6.22
C THR A 881 22.08 17.66 6.01
N GLY A 882 21.87 16.75 6.96
CA GLY A 882 22.45 15.43 6.88
C GLY A 882 23.96 15.40 6.96
N LEU A 883 24.55 16.19 7.87
CA LEU A 883 25.99 16.28 8.01
C LEU A 883 26.39 15.93 9.43
N HIS A 884 27.46 15.16 9.56
CA HIS A 884 28.01 14.81 10.88
C HIS A 884 28.74 16.02 11.46
N MET A 885 29.26 15.86 12.68
CA MET A 885 30.01 16.93 13.32
C MET A 885 31.29 17.23 12.57
N ALA A 886 32.00 16.18 12.11
CA ALA A 886 33.20 16.40 11.31
C ALA A 886 32.86 17.07 9.99
N ASP A 887 31.75 16.67 9.37
CA ASP A 887 31.31 17.33 8.14
C ASP A 887 30.98 18.79 8.40
N VAL A 888 30.37 19.09 9.55
CA VAL A 888 30.07 20.47 9.90
C VAL A 888 31.36 21.28 10.07
N HIS A 889 32.36 20.68 10.72
CA HIS A 889 33.65 21.36 10.88
C HIS A 889 34.29 21.65 9.53
N ARG A 890 34.27 20.65 8.63
CA ARG A 890 34.85 20.85 7.30
C ARG A 890 34.09 21.92 6.52
N LEU A 891 32.77 21.92 6.61
CA LEU A 891 31.98 22.93 5.91
C LEU A 891 32.26 24.32 6.47
N VAL A 892 32.41 24.44 7.79
CA VAL A 892 32.74 25.73 8.38
C VAL A 892 34.10 26.21 7.89
N GLY A 893 35.08 25.31 7.84
CA GLY A 893 36.38 25.69 7.30
C GLY A 893 36.31 26.13 5.85
N ILE A 894 35.55 25.41 5.04
CA ILE A 894 35.42 25.77 3.62
C ILE A 894 34.75 27.13 3.47
N LEU A 895 33.69 27.38 4.24
CA LEU A 895 33.00 28.66 4.17
C LEU A 895 33.92 29.80 4.61
N HIS A 896 34.72 29.57 5.67
CA HIS A 896 35.65 30.60 6.11
C HIS A 896 36.71 30.87 5.05
N ARG A 897 37.19 29.82 4.38
CA ARG A 897 38.14 30.01 3.29
C ARG A 897 37.52 30.82 2.15
N LEU A 898 36.28 30.52 1.81
CA LEU A 898 35.59 31.27 0.74
C LEU A 898 35.43 32.73 1.13
N VAL A 899 35.08 32.99 2.39
CA VAL A 899 34.96 34.37 2.85
C VAL A 899 36.30 35.08 2.78
N GLU A 900 37.37 34.41 3.23
CA GLU A 900 38.70 34.99 3.16
C GLU A 900 39.18 35.18 1.73
N ALA A 901 38.57 34.50 0.77
CA ALA A 901 38.91 34.70 -0.64
C ALA A 901 38.36 36.03 -1.20
N GLY A 902 37.79 36.91 -0.37
CA GLY A 902 37.29 38.18 -0.82
C GLY A 902 35.84 38.21 -1.24
N ASN A 903 35.15 37.08 -1.18
CA ASN A 903 33.75 37.02 -1.59
C ASN A 903 32.83 37.23 -0.38
N SER A 904 31.54 37.05 -0.58
CA SER A 904 30.54 37.21 0.47
C SER A 904 29.71 35.93 0.57
N VAL A 905 29.40 35.52 1.80
CA VAL A 905 28.65 34.31 2.05
C VAL A 905 27.49 34.63 2.97
N VAL A 906 26.28 34.26 2.57
CA VAL A 906 25.08 34.39 3.39
C VAL A 906 24.48 33.01 3.56
N VAL A 907 24.32 32.57 4.81
CA VAL A 907 23.88 31.22 5.13
C VAL A 907 22.72 31.29 6.10
N ILE A 908 21.63 30.60 5.78
CA ILE A 908 20.50 30.44 6.70
C ILE A 908 20.69 29.13 7.44
N GLU A 909 21.10 29.21 8.70
CA GLU A 909 21.46 28.02 9.47
C GLU A 909 20.79 28.05 10.83
N HIS A 910 20.40 26.87 11.31
CA HIS A 910 19.88 26.70 12.67
C HIS A 910 20.90 26.09 13.61
N ASN A 911 22.01 25.59 13.11
CA ASN A 911 23.03 24.96 13.95
C ASN A 911 23.78 26.02 14.75
N LEU A 912 23.90 25.80 16.06
CA LEU A 912 24.60 26.75 16.91
C LEU A 912 26.10 26.74 16.66
N ASP A 913 26.66 25.60 16.29
CA ASP A 913 28.10 25.52 16.03
C ASP A 913 28.50 26.40 14.86
N VAL A 914 27.71 26.36 13.77
CA VAL A 914 27.99 27.23 12.63
C VAL A 914 27.72 28.68 12.98
N ILE A 915 26.68 28.94 13.77
CA ILE A 915 26.30 30.31 14.11
C ILE A 915 27.40 30.98 14.93
N LYS A 916 27.97 30.26 15.91
CA LYS A 916 28.95 30.86 16.79
C LYS A 916 30.23 31.26 16.07
N THR A 917 30.49 30.72 14.88
CA THR A 917 31.67 31.06 14.11
C THR A 917 31.42 32.16 13.08
N ALA A 918 30.19 32.64 12.98
CA ALA A 918 29.86 33.67 12.00
C ALA A 918 30.37 35.03 12.45
N ASP A 919 30.50 35.94 11.47
CA ASP A 919 30.95 37.29 11.75
C ASP A 919 29.79 38.25 11.99
N TYR A 920 28.70 38.09 11.25
CA TYR A 920 27.51 38.92 11.40
C TYR A 920 26.29 38.02 11.52
N ILE A 921 25.36 38.41 12.40
CA ILE A 921 24.17 37.63 12.68
C ILE A 921 22.95 38.54 12.57
N ILE A 922 21.94 38.09 11.83
CA ILE A 922 20.66 38.80 11.71
C ILE A 922 19.58 37.88 12.26
N ASP A 923 18.82 38.37 13.23
CA ASP A 923 17.80 37.59 13.91
C ASP A 923 16.42 38.06 13.49
N LEU A 924 15.57 37.14 13.08
CA LEU A 924 14.19 37.43 12.69
C LEU A 924 13.24 36.76 13.67
N GLY A 925 12.27 37.52 14.15
CA GLY A 925 11.30 37.00 15.09
C GLY A 925 10.23 38.00 15.46
N PRO A 926 9.79 37.97 16.72
CA PRO A 926 10.22 37.08 17.79
C PRO A 926 9.46 35.76 17.80
N GLU A 927 8.54 35.57 16.85
CA GLU A 927 7.75 34.35 16.77
C GLU A 927 7.65 33.95 15.30
N GLY A 928 6.80 32.97 15.01
CA GLY A 928 6.59 32.52 13.65
C GLY A 928 5.22 32.87 13.12
N GLY A 929 5.07 32.84 11.80
CA GLY A 929 3.78 33.18 11.21
C GLY A 929 3.49 34.66 11.31
N SER A 930 2.24 35.00 11.63
CA SER A 930 1.84 36.41 11.74
C SER A 930 2.55 37.11 12.90
N GLY A 931 3.09 36.37 13.87
CA GLY A 931 3.79 36.97 14.97
C GLY A 931 5.24 37.31 14.71
N GLY A 932 5.76 36.98 13.53
CA GLY A 932 7.15 37.27 13.22
C GLY A 932 7.31 38.29 12.11
N GLY A 933 8.36 38.15 11.30
CA GLY A 933 8.60 39.07 10.21
C GLY A 933 9.33 40.34 10.59
N LEU A 934 9.78 40.46 11.83
CA LEU A 934 10.49 41.65 12.31
C LEU A 934 11.98 41.32 12.47
N VAL A 935 12.74 42.32 12.92
CA VAL A 935 14.16 42.19 13.18
C VAL A 935 14.40 42.41 14.67
N VAL A 936 15.04 41.43 15.31
CA VAL A 936 15.22 41.48 16.76
C VAL A 936 16.62 41.98 17.10
N ALA A 937 17.64 41.26 16.65
CA ALA A 937 19.02 41.58 16.99
C ALA A 937 19.90 41.53 15.74
N GLU A 938 20.90 42.40 15.71
CA GLU A 938 21.86 42.46 14.61
C GLU A 938 23.24 42.78 15.18
N GLY A 939 24.27 42.27 14.51
CA GLY A 939 25.64 42.56 14.88
C GLY A 939 26.43 41.29 15.07
N THR A 940 27.55 41.43 15.78
CA THR A 940 28.42 40.30 16.06
C THR A 940 27.73 39.34 17.03
N PRO A 941 28.15 38.07 17.06
CA PRO A 941 27.55 37.11 18.01
C PRO A 941 27.63 37.56 19.45
N GLU A 942 28.72 38.23 19.85
CA GLU A 942 28.81 38.75 21.21
C GLU A 942 27.72 39.77 21.49
N GLU A 943 27.48 40.68 20.53
CA GLU A 943 26.42 41.67 20.70
C GLU A 943 25.04 41.02 20.72
N VAL A 944 24.83 40.00 19.88
CA VAL A 944 23.54 39.34 19.84
C VAL A 944 23.27 38.58 21.14
N ALA A 945 24.32 38.01 21.73
CA ALA A 945 24.16 37.27 22.98
C ALA A 945 23.73 38.16 24.14
N LYS A 946 23.86 39.48 24.00
CA LYS A 946 23.48 40.41 25.06
C LYS A 946 22.04 40.88 24.95
N VAL A 947 21.29 40.40 23.96
CA VAL A 947 19.89 40.77 23.80
C VAL A 947 19.04 39.81 24.62
N GLU A 948 18.26 40.36 25.57
CA GLU A 948 17.48 39.51 26.46
C GLU A 948 16.32 38.85 25.74
N ASN A 949 15.62 39.59 24.87
CA ASN A 949 14.43 39.09 24.20
C ASN A 949 14.79 38.45 22.86
N SER A 950 15.67 37.45 22.93
CA SER A 950 16.09 36.72 21.74
C SER A 950 16.52 35.32 22.14
N TYR A 951 15.80 34.31 21.65
CA TYR A 951 16.16 32.93 21.96
C TYR A 951 17.54 32.58 21.42
N THR A 952 17.85 33.03 20.19
CA THR A 952 19.17 32.80 19.64
C THR A 952 20.24 33.45 20.50
N GLY A 953 19.97 34.66 21.00
CA GLY A 953 20.92 35.31 21.88
C GLY A 953 21.15 34.53 23.17
N GLN A 954 20.07 34.01 23.76
CA GLN A 954 20.22 33.22 24.99
C GLN A 954 21.03 31.95 24.72
N PHE A 955 20.75 31.26 23.61
CA PHE A 955 21.49 30.04 23.30
C PHE A 955 22.96 30.35 23.02
N LEU A 956 23.24 31.45 22.32
CA LEU A 956 24.62 31.85 22.09
C LEU A 956 25.33 32.19 23.38
N LYS A 957 24.66 32.89 24.30
CA LYS A 957 25.26 33.19 25.60
C LYS A 957 25.56 31.91 26.37
N LYS A 958 24.65 30.94 26.33
CA LYS A 958 24.90 29.67 27.00
C LYS A 958 26.07 28.92 26.37
N VAL A 959 26.16 28.94 25.04
CA VAL A 959 27.25 28.23 24.36
C VAL A 959 28.58 28.89 24.65
N LEU A 960 28.65 30.21 24.53
CA LEU A 960 29.89 30.95 24.76
C LEU A 960 30.20 31.04 26.25
N ASP B 24 -3.45 -3.74 24.60
CA ASP B 24 -3.60 -5.18 24.42
C ASP B 24 -5.04 -5.54 24.06
N TYR B 25 -5.82 -4.53 23.67
CA TYR B 25 -7.20 -4.73 23.28
C TYR B 25 -7.52 -3.86 22.07
N ILE B 26 -8.48 -4.32 21.27
CA ILE B 26 -8.97 -3.54 20.14
C ILE B 26 -10.36 -3.03 20.49
N VAL B 27 -10.43 -1.82 21.03
CA VAL B 27 -11.69 -1.24 21.48
C VAL B 27 -12.38 -0.57 20.29
N VAL B 28 -13.59 -1.02 19.99
CA VAL B 28 -14.41 -0.44 18.93
C VAL B 28 -15.68 0.09 19.55
N LYS B 29 -15.99 1.35 19.30
CA LYS B 29 -17.18 2.00 19.86
C LYS B 29 -17.95 2.68 18.75
N GLY B 30 -19.28 2.61 18.85
CA GLY B 30 -20.14 3.26 17.87
C GLY B 30 -20.05 2.72 16.47
N ALA B 31 -20.04 1.39 16.32
CA ALA B 31 -20.01 0.78 15.00
C ALA B 31 -21.42 0.74 14.43
N ARG B 32 -21.65 1.48 13.36
CA ARG B 32 -22.98 1.58 12.74
C ARG B 32 -22.91 1.30 11.24
N GLU B 33 -21.94 0.52 10.80
CA GLU B 33 -21.82 0.19 9.39
C GLU B 33 -22.91 -0.79 8.98
N HIS B 34 -23.55 -0.50 7.85
CA HIS B 34 -24.62 -1.33 7.31
C HIS B 34 -25.74 -1.54 8.31
N ASN B 35 -25.92 -2.77 8.78
CA ASN B 35 -27.01 -3.12 9.68
C ASN B 35 -26.56 -3.25 11.14
N LEU B 36 -25.36 -2.80 11.47
CA LEU B 36 -24.90 -2.86 12.85
C LEU B 36 -25.70 -1.88 13.70
N LYS B 37 -26.19 -2.35 14.84
CA LYS B 37 -27.09 -1.56 15.68
C LYS B 37 -26.31 -0.84 16.78
N ASN B 38 -25.33 -0.05 16.36
CA ASN B 38 -24.55 0.81 17.25
C ASN B 38 -23.96 0.01 18.40
N ILE B 39 -23.15 -0.99 18.04
CA ILE B 39 -22.59 -1.92 19.01
C ILE B 39 -21.15 -1.54 19.32
N ASP B 40 -20.66 -2.04 20.45
CA ASP B 40 -19.28 -1.87 20.87
C ASP B 40 -18.73 -3.22 21.34
N VAL B 41 -17.44 -3.43 21.12
CA VAL B 41 -16.80 -4.69 21.44
C VAL B 41 -15.33 -4.45 21.77
N LYS B 42 -14.76 -5.34 22.57
CA LYS B 42 -13.35 -5.30 22.94
C LYS B 42 -12.73 -6.64 22.53
N ILE B 43 -12.03 -6.65 21.41
CA ILE B 43 -11.43 -7.87 20.87
C ILE B 43 -10.03 -8.02 21.48
N PRO B 44 -9.73 -9.12 22.14
CA PRO B 44 -8.38 -9.31 22.68
C PRO B 44 -7.34 -9.39 21.56
N ARG B 45 -6.14 -8.94 21.87
CA ARG B 45 -5.06 -8.87 20.90
C ARG B 45 -4.15 -10.10 21.03
N ASP B 46 -3.52 -10.45 19.90
CA ASP B 46 -2.57 -11.58 19.84
C ASP B 46 -3.23 -12.88 20.32
N LYS B 47 -4.44 -13.13 19.83
CA LYS B 47 -5.19 -14.31 20.22
C LYS B 47 -6.00 -14.80 19.03
N PHE B 48 -6.45 -16.05 19.13
CA PHE B 48 -7.26 -16.69 18.09
C PHE B 48 -8.72 -16.31 18.34
N VAL B 49 -9.26 -15.45 17.49
CA VAL B 49 -10.62 -14.91 17.65
C VAL B 49 -11.44 -15.34 16.44
N VAL B 50 -12.63 -15.88 16.71
CA VAL B 50 -13.53 -16.36 15.67
C VAL B 50 -14.85 -15.59 15.77
N ILE B 51 -15.31 -15.05 14.66
CA ILE B 51 -16.57 -14.32 14.58
C ILE B 51 -17.58 -15.21 13.87
N THR B 52 -18.76 -15.39 14.49
CA THR B 52 -19.78 -16.28 13.99
C THR B 52 -21.13 -15.59 13.96
N GLY B 53 -22.03 -16.13 13.16
CA GLY B 53 -23.37 -15.61 13.04
C GLY B 53 -24.06 -16.16 11.82
N LEU B 54 -25.35 -15.84 11.72
CA LEU B 54 -26.12 -16.26 10.56
C LEU B 54 -25.69 -15.47 9.32
N SER B 55 -26.06 -15.98 8.15
CA SER B 55 -25.73 -15.31 6.91
C SER B 55 -26.46 -13.97 6.84
N GLY B 56 -25.72 -12.91 6.53
CA GLY B 56 -26.28 -11.58 6.49
C GLY B 56 -26.58 -10.97 7.83
N SER B 57 -25.96 -11.46 8.90
CA SER B 57 -26.18 -10.92 10.23
C SER B 57 -25.26 -9.74 10.56
N GLY B 58 -24.32 -9.42 9.69
CA GLY B 58 -23.46 -8.28 9.88
C GLY B 58 -22.08 -8.60 10.41
N LYS B 59 -21.74 -9.88 10.60
CA LYS B 59 -20.40 -10.22 11.08
C LYS B 59 -19.34 -9.89 10.03
N SER B 60 -19.58 -10.28 8.78
CA SER B 60 -18.61 -9.99 7.72
C SER B 60 -18.44 -8.50 7.52
N SER B 61 -19.54 -7.75 7.57
CA SER B 61 -19.44 -6.30 7.49
C SER B 61 -18.64 -5.74 8.66
N LEU B 62 -19.01 -6.15 9.89
CA LEU B 62 -18.35 -5.64 11.09
C LEU B 62 -16.85 -5.89 11.04
N ALA B 63 -16.44 -7.02 10.47
CA ALA B 63 -15.00 -7.30 10.37
C ALA B 63 -14.37 -6.51 9.22
N PHE B 64 -14.77 -6.80 7.99
CA PHE B 64 -14.05 -6.29 6.84
C PHE B 64 -14.25 -4.78 6.66
N ASP B 65 -15.49 -4.29 6.72
CA ASP B 65 -15.73 -2.90 6.41
C ASP B 65 -15.24 -1.98 7.52
N THR B 66 -15.16 -2.47 8.75
CA THR B 66 -14.66 -1.61 9.83
C THR B 66 -13.19 -1.83 10.12
N ILE B 67 -12.81 -3.02 10.59
CA ILE B 67 -11.46 -3.20 11.13
C ILE B 67 -10.44 -3.24 10.01
N TYR B 68 -10.70 -4.07 8.99
CA TYR B 68 -9.76 -4.15 7.88
C TYR B 68 -9.64 -2.82 7.15
N ALA B 69 -10.77 -2.14 6.94
CA ALA B 69 -10.74 -0.87 6.24
C ALA B 69 -9.94 0.17 7.01
N GLU B 70 -10.18 0.28 8.32
CA GLU B 70 -9.45 1.26 9.12
C GLU B 70 -7.96 0.93 9.17
N GLY B 71 -7.62 -0.35 9.36
CA GLY B 71 -6.22 -0.73 9.43
C GLY B 71 -5.49 -0.50 8.12
N GLN B 72 -6.15 -0.78 7.00
CA GLN B 72 -5.53 -0.55 5.70
C GLN B 72 -5.40 0.94 5.40
N ARG B 73 -6.42 1.73 5.75
CA ARG B 73 -6.37 3.16 5.46
C ARG B 73 -5.31 3.87 6.29
N ARG B 74 -5.21 3.52 7.58
CA ARG B 74 -4.24 4.20 8.44
C ARG B 74 -2.80 3.92 8.04
N TYR B 75 -2.57 2.87 7.25
CA TYR B 75 -1.24 2.58 6.72
C TYR B 75 -1.05 3.11 5.30
N VAL B 76 -2.10 3.10 4.48
CA VAL B 76 -1.98 3.58 3.11
C VAL B 76 -1.83 5.09 3.09
N GLU B 77 -2.58 5.80 3.93
CA GLU B 77 -2.53 7.27 3.93
C GLU B 77 -1.15 7.78 4.31
N SER B 78 -0.40 7.03 5.11
CA SER B 78 0.94 7.43 5.51
C SER B 78 1.99 7.15 4.44
N LEU B 79 1.64 6.44 3.39
CA LEU B 79 2.59 6.10 2.33
C LEU B 79 2.73 7.30 1.38
N SER B 80 3.39 7.08 0.25
CA SER B 80 3.59 8.13 -0.74
C SER B 80 2.25 8.53 -1.36
N SER B 81 2.18 9.79 -1.79
CA SER B 81 0.95 10.30 -2.39
C SER B 81 0.63 9.56 -3.68
N TYR B 82 1.63 9.29 -4.51
CA TYR B 82 1.39 8.59 -5.77
C TYR B 82 0.89 7.17 -5.54
N ALA B 83 1.47 6.46 -4.57
CA ALA B 83 1.04 5.10 -4.30
C ALA B 83 -0.33 5.05 -3.65
N ARG B 84 -0.60 5.99 -2.73
CA ARG B 84 -1.89 6.02 -2.06
C ARG B 84 -3.02 6.31 -3.03
N GLN B 85 -2.81 7.26 -3.94
CA GLN B 85 -3.84 7.57 -4.94
C GLN B 85 -3.99 6.44 -5.95
N PHE B 86 -2.88 5.80 -6.31
CA PHE B 86 -2.94 4.69 -7.26
C PHE B 86 -3.73 3.51 -6.70
N LEU B 87 -3.55 3.22 -5.41
CA LEU B 87 -4.26 2.11 -4.77
C LEU B 87 -5.72 2.44 -4.48
N GLY B 88 -6.13 3.69 -4.64
CA GLY B 88 -7.49 4.09 -4.35
C GLY B 88 -7.69 4.59 -2.94
N GLN B 89 -8.84 5.21 -2.72
CA GLN B 89 -9.19 5.78 -1.41
C GLN B 89 -10.30 4.93 -0.81
N MET B 90 -9.95 4.19 0.25
CA MET B 90 -10.93 3.37 0.94
C MET B 90 -11.93 4.25 1.69
N GLU B 91 -13.19 3.83 1.67
CA GLU B 91 -14.23 4.58 2.37
C GLU B 91 -14.04 4.50 3.87
N LYS B 92 -14.28 5.62 4.56
CA LYS B 92 -14.15 5.66 6.01
C LYS B 92 -15.35 4.99 6.66
N PRO B 93 -15.15 4.00 7.51
CA PRO B 93 -16.28 3.33 8.16
C PRO B 93 -16.98 4.26 9.15
N ASP B 94 -18.27 3.98 9.37
CA ASP B 94 -19.10 4.76 10.29
C ASP B 94 -18.87 4.22 11.70
N VAL B 95 -17.74 4.61 12.27
CA VAL B 95 -17.34 4.19 13.62
C VAL B 95 -16.86 5.41 14.39
N ASP B 96 -17.25 5.50 15.66
CA ASP B 96 -16.84 6.63 16.49
C ASP B 96 -15.32 6.70 16.62
N TYR B 97 -14.72 5.68 17.22
CA TYR B 97 -13.27 5.63 17.37
C TYR B 97 -12.85 4.19 17.60
N ILE B 98 -11.66 3.86 17.10
CA ILE B 98 -11.06 2.54 17.27
C ILE B 98 -9.70 2.72 17.93
N ASP B 99 -9.45 1.95 19.00
CA ASP B 99 -8.22 2.02 19.74
C ASP B 99 -7.50 0.69 19.68
N GLY B 100 -6.17 0.75 19.65
CA GLY B 100 -5.36 -0.45 19.59
C GLY B 100 -5.44 -1.14 18.24
N LEU B 101 -5.02 -0.44 17.18
CA LEU B 101 -5.11 -0.93 15.83
C LEU B 101 -3.71 -1.10 15.23
N SER B 102 -3.59 -2.08 14.35
CA SER B 102 -2.37 -2.39 13.63
C SER B 102 -2.70 -2.56 12.16
N PRO B 103 -1.72 -2.47 11.27
CA PRO B 103 -1.99 -2.71 9.85
C PRO B 103 -2.61 -4.09 9.64
N ALA B 104 -3.62 -4.14 8.78
CA ALA B 104 -4.44 -5.33 8.61
C ALA B 104 -4.29 -5.89 7.20
N ILE B 105 -4.21 -7.20 7.11
CA ILE B 105 -4.14 -7.92 5.83
C ILE B 105 -5.33 -8.86 5.76
N ALA B 106 -6.09 -8.78 4.67
CA ALA B 106 -7.28 -9.60 4.48
C ALA B 106 -6.99 -10.67 3.44
N ILE B 107 -7.33 -11.91 3.77
CA ILE B 107 -7.16 -13.05 2.87
C ILE B 107 -8.55 -13.58 2.54
N ASP B 108 -8.87 -13.63 1.25
CA ASP B 108 -10.19 -14.06 0.81
C ASP B 108 -10.08 -14.58 -0.62
N GLN B 109 -11.13 -15.26 -1.07
CA GLN B 109 -11.18 -15.82 -2.42
C GLN B 109 -11.66 -14.73 -3.40
N LYS B 110 -10.77 -13.77 -3.63
CA LYS B 110 -11.04 -12.66 -4.53
C LYS B 110 -9.83 -12.40 -5.42
N THR B 111 -9.20 -13.47 -5.90
CA THR B 111 -8.02 -13.35 -6.74
C THR B 111 -8.39 -12.91 -8.16
N THR B 112 -7.39 -12.50 -8.91
CA THR B 112 -7.56 -12.04 -10.28
C THR B 112 -6.48 -12.66 -11.16
N SER B 113 -6.70 -12.56 -12.49
CA SER B 113 -5.74 -13.10 -13.43
C SER B 113 -4.40 -12.40 -13.32
N ARG B 114 -4.42 -11.07 -13.13
CA ARG B 114 -3.22 -10.26 -12.94
C ARG B 114 -2.36 -10.38 -14.20
N ASN B 115 -1.12 -10.86 -14.11
CA ASN B 115 -0.23 -10.93 -15.25
C ASN B 115 0.37 -12.31 -15.38
N PRO B 116 0.75 -12.71 -16.60
CA PRO B 116 1.41 -14.02 -16.78
C PRO B 116 2.80 -14.09 -16.17
N ARG B 117 3.39 -12.95 -15.78
CA ARG B 117 4.74 -12.95 -15.23
C ARG B 117 4.81 -13.60 -13.85
N SER B 118 3.69 -13.82 -13.18
CA SER B 118 3.66 -14.37 -11.84
C SER B 118 3.18 -15.82 -11.88
N THR B 119 3.91 -16.69 -11.21
CA THR B 119 3.56 -18.10 -11.07
C THR B 119 3.44 -18.46 -9.60
N VAL B 120 3.23 -19.75 -9.32
CA VAL B 120 3.11 -20.21 -7.95
C VAL B 120 4.43 -20.00 -7.20
N GLY B 121 5.54 -20.36 -7.83
CA GLY B 121 6.84 -20.22 -7.17
C GLY B 121 7.18 -18.78 -6.84
N THR B 122 6.91 -17.87 -7.77
CA THR B 122 7.19 -16.45 -7.52
C THR B 122 6.32 -15.91 -6.40
N VAL B 123 5.04 -16.30 -6.37
CA VAL B 123 4.15 -15.82 -5.32
C VAL B 123 4.59 -16.37 -3.96
N THR B 124 4.96 -17.64 -3.90
CA THR B 124 5.40 -18.26 -2.64
C THR B 124 6.81 -17.87 -2.25
N GLU B 125 7.51 -17.10 -3.10
CA GLU B 125 8.87 -16.63 -2.81
C GLU B 125 9.84 -17.79 -2.61
N ILE B 126 9.64 -18.87 -3.38
CA ILE B 126 10.59 -19.99 -3.39
C ILE B 126 11.44 -20.00 -4.65
N TYR B 127 11.00 -19.34 -5.72
CA TYR B 127 11.80 -19.28 -6.94
C TYR B 127 13.10 -18.54 -6.71
N ASP B 128 13.08 -17.50 -5.87
CA ASP B 128 14.31 -16.77 -5.56
C ASP B 128 15.31 -17.67 -4.86
N TYR B 129 14.84 -18.47 -3.89
CA TYR B 129 15.74 -19.40 -3.20
C TYR B 129 16.24 -20.48 -4.15
N LEU B 130 15.40 -20.94 -5.07
CA LEU B 130 15.84 -21.91 -6.07
C LEU B 130 16.93 -21.31 -6.96
N ARG B 131 16.76 -20.06 -7.38
CA ARG B 131 17.77 -19.39 -8.18
C ARG B 131 19.07 -19.24 -7.41
N LEU B 132 18.98 -18.87 -6.12
CA LEU B 132 20.18 -18.75 -5.30
C LEU B 132 20.90 -20.09 -5.17
N LEU B 133 20.15 -21.17 -4.95
CA LEU B 133 20.76 -22.48 -4.83
C LEU B 133 21.42 -22.91 -6.14
N PHE B 134 20.76 -22.65 -7.27
CA PHE B 134 21.33 -23.01 -8.56
C PHE B 134 22.57 -22.19 -8.89
N ALA B 135 22.60 -20.92 -8.46
CA ALA B 135 23.78 -20.11 -8.67
C ALA B 135 24.92 -20.54 -7.76
N ARG B 136 24.60 -21.03 -6.55
CA ARG B 136 25.63 -21.41 -5.60
C ARG B 136 26.23 -22.77 -5.92
N ILE B 137 25.41 -23.81 -5.96
CA ILE B 137 25.91 -25.17 -6.07
C ILE B 137 25.49 -25.80 -7.41
N GLY B 138 25.14 -24.99 -8.40
CA GLY B 138 24.77 -25.54 -9.69
C GLY B 138 25.95 -26.13 -10.43
N THR B 139 25.67 -27.09 -11.30
CA THR B 139 26.70 -27.75 -12.08
C THR B 139 26.67 -27.22 -13.50
N PRO B 140 27.68 -26.50 -13.95
CA PRO B 140 27.67 -25.98 -15.33
C PRO B 140 27.75 -27.11 -16.35
N HIS B 141 27.16 -26.85 -17.51
CA HIS B 141 27.16 -27.82 -18.60
C HIS B 141 27.09 -27.07 -19.93
N CYS B 142 27.47 -27.77 -21.00
CA CYS B 142 27.47 -27.22 -22.35
C CYS B 142 26.19 -27.65 -23.06
N TYR B 143 25.48 -26.68 -23.63
CA TYR B 143 24.23 -26.97 -24.34
C TYR B 143 24.44 -27.37 -25.79
N LEU B 144 25.68 -27.36 -26.27
CA LEU B 144 25.99 -27.74 -27.65
C LEU B 144 26.59 -29.14 -27.74
N CYS B 145 27.53 -29.45 -26.85
CA CYS B 145 28.18 -30.76 -26.85
C CYS B 145 27.64 -31.71 -25.79
N GLY B 146 27.00 -31.18 -24.75
CA GLY B 146 26.47 -32.01 -23.69
C GLY B 146 27.45 -32.40 -22.62
N ARG B 147 28.71 -31.98 -22.72
CA ARG B 147 29.72 -32.30 -21.74
C ARG B 147 29.68 -31.31 -20.59
N GLU B 148 30.59 -31.49 -19.63
CA GLU B 148 30.69 -30.61 -18.47
C GLU B 148 31.77 -29.55 -18.71
N ILE B 149 31.61 -28.42 -18.03
CA ILE B 149 32.55 -27.32 -18.16
C ILE B 149 33.32 -27.12 -16.85
N PHE B 270 35.90 -20.64 -17.82
CA PHE B 270 34.50 -21.04 -17.97
C PHE B 270 34.13 -21.23 -19.44
N ALA B 271 34.80 -22.18 -20.09
CA ALA B 271 34.54 -22.46 -21.50
C ALA B 271 34.88 -23.92 -21.77
N CYS B 272 34.34 -24.43 -22.87
CA CYS B 272 34.58 -25.80 -23.30
C CYS B 272 35.48 -25.82 -24.52
N THR B 273 36.52 -26.67 -24.47
CA THR B 273 37.45 -26.80 -25.57
C THR B 273 36.87 -27.52 -26.79
N GLU B 274 35.73 -28.19 -26.63
CA GLU B 274 35.11 -28.92 -27.73
C GLU B 274 34.25 -28.01 -28.60
N CYS B 275 33.27 -27.35 -28.00
CA CYS B 275 32.37 -26.46 -28.74
C CYS B 275 32.96 -25.08 -28.97
N ASN B 276 34.09 -24.75 -28.33
CA ASN B 276 34.74 -23.45 -28.46
C ASN B 276 33.78 -22.31 -28.13
N VAL B 277 33.00 -22.50 -27.07
CA VAL B 277 32.01 -21.51 -26.63
C VAL B 277 32.37 -21.07 -25.22
N SER B 278 32.39 -19.76 -25.00
CA SER B 278 32.72 -19.19 -23.70
C SER B 278 31.45 -18.76 -22.99
N MET B 279 31.37 -19.05 -21.70
CA MET B 279 30.23 -18.72 -20.87
C MET B 279 30.64 -17.73 -19.78
N GLU B 280 29.71 -16.85 -19.43
CA GLU B 280 29.96 -15.84 -18.42
C GLU B 280 29.87 -16.43 -17.02
N GLU B 281 30.17 -15.61 -16.02
CA GLU B 281 30.12 -16.06 -14.64
C GLU B 281 28.68 -16.37 -14.23
N ILE B 282 28.52 -17.37 -13.38
CA ILE B 282 27.20 -17.81 -12.94
C ILE B 282 26.68 -16.82 -11.89
N THR B 283 25.51 -16.25 -12.14
CA THR B 283 24.87 -15.30 -11.24
C THR B 283 23.41 -15.67 -11.05
N PRO B 284 22.84 -15.35 -9.89
CA PRO B 284 21.41 -15.64 -9.68
C PRO B 284 20.48 -14.93 -10.66
N ARG B 285 20.91 -13.79 -11.21
CA ARG B 285 20.08 -13.07 -12.18
C ARG B 285 19.89 -13.85 -13.47
N MET B 286 20.80 -14.78 -13.78
CA MET B 286 20.66 -15.56 -15.01
C MET B 286 19.47 -16.52 -14.94
N PHE B 287 19.17 -17.05 -13.76
CA PHE B 287 18.09 -18.02 -13.61
C PHE B 287 16.72 -17.36 -13.48
N SER B 288 16.65 -16.03 -13.47
CA SER B 288 15.38 -15.31 -13.36
C SER B 288 14.89 -14.92 -14.75
N PHE B 289 13.60 -15.14 -14.99
CA PHE B 289 12.99 -14.82 -16.28
C PHE B 289 12.47 -13.38 -16.35
N ASN B 290 12.65 -12.60 -15.29
CA ASN B 290 12.23 -11.20 -15.28
C ASN B 290 13.36 -10.25 -15.61
N ASN B 291 14.51 -10.76 -16.04
CA ASN B 291 15.65 -9.94 -16.40
C ASN B 291 16.15 -10.34 -17.79
N PRO B 292 16.74 -9.40 -18.53
CA PRO B 292 17.22 -9.73 -19.88
C PRO B 292 18.32 -10.79 -19.90
N TYR B 293 19.03 -11.00 -18.79
CA TYR B 293 20.13 -11.94 -18.77
C TYR B 293 19.66 -13.39 -18.87
N GLY B 294 18.42 -13.69 -18.49
CA GLY B 294 17.95 -15.06 -18.48
C GLY B 294 16.66 -15.31 -19.23
N ALA B 295 15.91 -14.24 -19.52
CA ALA B 295 14.63 -14.40 -20.20
C ALA B 295 14.82 -14.92 -21.62
N CYS B 296 13.88 -15.75 -22.06
CA CYS B 296 13.93 -16.28 -23.41
C CYS B 296 13.73 -15.14 -24.40
N PRO B 297 14.63 -14.95 -25.37
CA PRO B 297 14.48 -13.81 -26.29
C PRO B 297 13.28 -13.91 -27.21
N GLU B 298 12.85 -15.12 -27.55
CA GLU B 298 11.74 -15.26 -28.49
C GLU B 298 10.42 -14.83 -27.85
N CYS B 299 10.20 -15.17 -26.59
CA CYS B 299 8.94 -14.89 -25.91
C CYS B 299 9.12 -13.94 -24.73
N THR B 300 10.19 -13.14 -24.73
CA THR B 300 10.54 -12.15 -23.72
C THR B 300 10.37 -12.67 -22.29
N GLY B 301 10.60 -13.96 -22.09
CA GLY B 301 10.51 -14.55 -20.76
C GLY B 301 9.10 -14.76 -20.25
N LEU B 302 8.10 -14.82 -21.13
CA LEU B 302 6.73 -15.06 -20.72
C LEU B 302 6.29 -16.52 -20.88
N GLY B 303 6.96 -17.28 -21.74
CA GLY B 303 6.64 -18.68 -21.93
C GLY B 303 5.49 -18.95 -22.89
N SER B 304 4.86 -17.92 -23.44
CA SER B 304 3.75 -18.10 -24.38
C SER B 304 3.58 -16.84 -25.18
N LEU B 305 3.79 -16.92 -26.49
CA LEU B 305 3.59 -15.77 -27.36
C LEU B 305 2.11 -15.41 -27.45
N MET B 306 1.82 -14.12 -27.41
CA MET B 306 0.44 -13.65 -27.48
C MET B 306 0.05 -13.30 -28.92
N ASN B 425 -3.30 -17.52 -27.12
CA ASN B 425 -1.92 -17.70 -26.69
C ASN B 425 -1.41 -19.08 -27.06
N ILE B 426 -0.19 -19.13 -27.57
CA ILE B 426 0.44 -20.39 -27.98
C ILE B 426 1.81 -20.49 -27.31
N PRO B 427 2.29 -21.70 -26.99
CA PRO B 427 3.59 -21.81 -26.34
C PRO B 427 4.72 -21.36 -27.25
N CYS B 428 5.78 -20.86 -26.63
CA CYS B 428 6.95 -20.42 -27.37
C CYS B 428 7.67 -21.62 -27.97
N PRO B 429 7.87 -21.68 -29.28
CA PRO B 429 8.53 -22.85 -29.88
C PRO B 429 9.99 -23.02 -29.46
N VAL B 430 10.63 -21.97 -28.96
CA VAL B 430 12.05 -22.06 -28.65
C VAL B 430 12.27 -22.73 -27.29
N CYS B 431 11.75 -22.12 -26.23
CA CYS B 431 11.95 -22.65 -24.88
C CYS B 431 10.89 -23.64 -24.46
N LYS B 432 9.82 -23.80 -25.24
CA LYS B 432 8.73 -24.73 -24.92
C LYS B 432 8.14 -24.43 -23.55
N GLY B 433 8.00 -23.14 -23.22
CA GLY B 433 7.43 -22.72 -21.97
C GLY B 433 8.39 -22.69 -20.80
N ALA B 434 9.67 -22.99 -21.01
CA ALA B 434 10.63 -22.99 -19.91
C ALA B 434 10.94 -21.58 -19.40
N ARG B 435 10.61 -20.55 -20.17
CA ARG B 435 10.78 -19.14 -19.81
C ARG B 435 12.24 -18.74 -19.63
N LEU B 436 13.18 -19.59 -20.01
CA LEU B 436 14.59 -19.32 -19.82
C LEU B 436 15.37 -19.63 -21.08
N LYS B 437 16.57 -19.07 -21.17
CA LYS B 437 17.44 -19.30 -22.31
C LYS B 437 17.96 -20.74 -22.31
N LYS B 438 18.43 -21.18 -23.48
CA LYS B 438 18.97 -22.52 -23.60
C LYS B 438 20.20 -22.71 -22.73
N GLU B 439 21.06 -21.69 -22.65
CA GLU B 439 22.26 -21.78 -21.83
C GLU B 439 21.93 -21.87 -20.35
N SER B 440 20.87 -21.18 -19.91
CA SER B 440 20.50 -21.20 -18.51
C SER B 440 20.06 -22.60 -18.07
N LEU B 441 19.31 -23.29 -18.92
CA LEU B 441 18.82 -24.62 -18.58
C LEU B 441 19.91 -25.67 -18.53
N ALA B 442 21.12 -25.35 -18.99
CA ALA B 442 22.20 -26.34 -18.96
C ALA B 442 22.64 -26.67 -17.54
N VAL B 443 22.47 -25.73 -16.61
CA VAL B 443 22.87 -25.95 -15.23
C VAL B 443 21.85 -26.84 -14.55
N THR B 444 22.30 -28.01 -14.07
CA THR B 444 21.44 -28.99 -13.44
C THR B 444 21.97 -29.35 -12.07
N ILE B 445 21.06 -29.51 -11.11
CA ILE B 445 21.39 -29.93 -9.76
C ILE B 445 20.74 -31.29 -9.53
N GLY B 446 21.56 -32.30 -9.24
CA GLY B 446 21.04 -33.64 -9.02
C GLY B 446 20.38 -34.25 -10.24
N GLY B 447 20.86 -33.92 -11.43
CA GLY B 447 20.32 -34.47 -12.65
C GLY B 447 19.11 -33.75 -13.20
N LYS B 448 18.61 -32.73 -12.51
CA LYS B 448 17.43 -31.98 -12.96
C LYS B 448 17.76 -30.49 -12.97
N ASN B 449 17.33 -29.81 -14.03
CA ASN B 449 17.53 -28.37 -14.12
C ASN B 449 16.44 -27.65 -13.33
N ILE B 450 16.39 -26.32 -13.44
CA ILE B 450 15.43 -25.55 -12.66
C ILE B 450 14.01 -25.80 -13.14
N TYR B 451 13.83 -25.92 -14.45
CA TYR B 451 12.48 -26.13 -15.00
C TYR B 451 11.92 -27.49 -14.57
N GLU B 452 12.76 -28.52 -14.58
CA GLU B 452 12.30 -29.84 -14.16
C GLU B 452 11.94 -29.85 -12.67
N VAL B 453 12.72 -29.14 -11.85
CA VAL B 453 12.40 -29.04 -10.43
C VAL B 453 11.07 -28.31 -10.23
N CYS B 454 10.86 -27.22 -10.98
CA CYS B 454 9.62 -26.47 -10.85
C CYS B 454 8.42 -27.27 -11.35
N CYS B 455 8.64 -28.15 -12.33
CA CYS B 455 7.54 -28.95 -12.87
C CYS B 455 7.07 -30.03 -11.91
N LEU B 456 7.91 -30.39 -10.93
CA LEU B 456 7.53 -31.42 -9.97
C LEU B 456 6.45 -30.88 -9.01
N SER B 457 5.71 -31.81 -8.43
CA SER B 457 4.74 -31.44 -7.40
C SER B 457 5.47 -30.98 -6.14
N ILE B 458 4.73 -30.30 -5.26
CA ILE B 458 5.33 -29.75 -4.05
C ILE B 458 5.84 -30.87 -3.15
N GLY B 459 5.04 -31.92 -2.97
CA GLY B 459 5.49 -33.04 -2.16
C GLY B 459 6.65 -33.78 -2.77
N GLU B 460 6.61 -33.99 -4.10
CA GLU B 460 7.71 -34.64 -4.78
C GLU B 460 8.99 -33.81 -4.69
N ALA B 461 8.87 -32.50 -4.84
CA ALA B 461 10.03 -31.63 -4.72
C ALA B 461 10.60 -31.66 -3.31
N LYS B 462 9.74 -31.66 -2.29
CA LYS B 462 10.21 -31.74 -0.92
C LYS B 462 10.92 -33.06 -0.67
N GLU B 463 10.38 -34.17 -1.18
CA GLU B 463 11.04 -35.45 -1.02
C GLU B 463 12.39 -35.47 -1.74
N PHE B 464 12.45 -34.90 -2.94
CA PHE B 464 13.69 -34.86 -3.69
C PHE B 464 14.75 -34.04 -2.98
N PHE B 465 14.35 -32.91 -2.40
CA PHE B 465 15.31 -32.09 -1.65
C PHE B 465 15.74 -32.78 -0.35
N ALA B 466 14.84 -33.57 0.25
CA ALA B 466 15.16 -34.24 1.51
C ALA B 466 16.30 -35.25 1.33
N ASN B 467 16.26 -36.03 0.25
CA ASN B 467 17.24 -37.07 0.01
C ASN B 467 18.34 -36.63 -0.95
N LEU B 468 18.41 -35.35 -1.28
CA LEU B 468 19.47 -34.86 -2.15
C LEU B 468 20.83 -35.05 -1.50
N ASN B 469 21.79 -35.54 -2.28
CA ASN B 469 23.13 -35.82 -1.79
C ASN B 469 24.08 -34.72 -2.25
N LEU B 470 24.79 -34.11 -1.28
CA LEU B 470 25.73 -33.04 -1.56
C LEU B 470 27.06 -33.36 -0.90
N THR B 471 28.12 -32.75 -1.44
CA THR B 471 29.44 -32.89 -0.84
C THR B 471 29.52 -32.08 0.45
N GLU B 472 30.64 -32.23 1.16
CA GLU B 472 30.84 -31.49 2.39
C GLU B 472 30.89 -29.99 2.13
N ARG B 473 31.64 -29.58 1.10
CA ARG B 473 31.73 -28.17 0.76
C ARG B 473 30.38 -27.62 0.30
N GLN B 474 29.65 -28.39 -0.51
CA GLN B 474 28.34 -27.94 -0.98
C GLN B 474 27.37 -27.79 0.19
N GLN B 475 27.37 -28.75 1.11
CA GLN B 475 26.49 -28.65 2.28
C GLN B 475 26.88 -27.47 3.16
N LEU B 476 28.18 -27.23 3.32
CA LEU B 476 28.64 -26.10 4.12
C LEU B 476 28.23 -24.77 3.51
N ILE B 477 28.36 -24.64 2.19
CA ILE B 477 28.06 -23.36 1.55
C ILE B 477 26.56 -23.13 1.36
N ALA B 478 25.77 -24.19 1.18
CA ALA B 478 24.32 -24.06 0.96
C ALA B 478 23.60 -24.81 2.07
N ARG B 479 23.36 -24.12 3.18
CA ARG B 479 22.58 -24.67 4.29
C ARG B 479 21.36 -23.82 4.62
N GLN B 480 21.51 -22.50 4.69
CA GLN B 480 20.38 -21.63 4.96
C GLN B 480 19.35 -21.68 3.85
N ILE B 481 19.81 -21.73 2.60
CA ILE B 481 18.89 -21.81 1.46
C ILE B 481 18.09 -23.11 1.51
N LEU B 482 18.77 -24.23 1.79
CA LEU B 482 18.08 -25.50 1.91
C LEU B 482 17.09 -25.50 3.06
N LYS B 483 17.47 -24.91 4.19
CA LYS B 483 16.57 -24.84 5.33
C LYS B 483 15.32 -24.02 4.99
N GLU B 484 15.51 -22.87 4.34
CA GLU B 484 14.37 -22.03 3.98
C GLU B 484 13.46 -22.74 2.97
N ILE B 485 14.06 -23.42 1.98
CA ILE B 485 13.25 -24.13 0.99
C ILE B 485 12.45 -25.23 1.66
N ASN B 486 13.09 -26.00 2.55
CA ASN B 486 12.39 -27.07 3.24
C ASN B 486 11.27 -26.52 4.11
N ALA B 487 11.52 -25.40 4.81
CA ALA B 487 10.49 -24.81 5.66
C ALA B 487 9.30 -24.34 4.84
N ARG B 488 9.56 -23.69 3.70
CA ARG B 488 8.47 -23.19 2.87
C ARG B 488 7.68 -24.35 2.26
N LEU B 489 8.37 -25.40 1.80
CA LEU B 489 7.66 -26.56 1.27
C LEU B 489 6.84 -27.25 2.35
N GLY B 490 7.37 -27.33 3.57
CA GLY B 490 6.60 -27.90 4.66
C GLY B 490 5.37 -27.08 5.00
N PHE B 491 5.50 -25.74 4.96
CA PHE B 491 4.34 -24.89 5.18
C PHE B 491 3.29 -25.11 4.10
N LEU B 492 3.72 -25.21 2.84
CA LEU B 492 2.78 -25.44 1.75
C LEU B 492 2.07 -26.79 1.90
N VAL B 493 2.83 -27.82 2.30
CA VAL B 493 2.23 -29.14 2.50
C VAL B 493 1.24 -29.11 3.65
N ASP B 494 1.61 -28.48 4.77
CA ASP B 494 0.73 -28.42 5.93
C ASP B 494 -0.54 -27.62 5.62
N VAL B 495 -0.43 -26.63 4.74
CA VAL B 495 -1.61 -25.89 4.29
C VAL B 495 -2.62 -26.79 3.59
N GLY B 496 -2.15 -27.68 2.71
CA GLY B 496 -3.01 -28.62 2.02
C GLY B 496 -2.76 -28.75 0.54
N LEU B 497 -1.94 -27.87 -0.04
CA LEU B 497 -1.67 -27.89 -1.48
C LEU B 497 -0.39 -28.66 -1.78
N ASP B 498 -0.39 -29.94 -1.41
CA ASP B 498 0.75 -30.80 -1.69
C ASP B 498 0.74 -31.38 -3.10
N TYR B 499 -0.30 -31.10 -3.88
CA TYR B 499 -0.40 -31.59 -5.25
C TYR B 499 -0.08 -30.54 -6.30
N LEU B 500 0.11 -29.28 -5.90
CA LEU B 500 0.35 -28.22 -6.86
C LEU B 500 1.78 -28.29 -7.40
N THR B 501 2.00 -27.58 -8.51
CA THR B 501 3.30 -27.48 -9.14
C THR B 501 3.79 -26.04 -9.07
N LEU B 502 5.08 -25.85 -8.83
CA LEU B 502 5.64 -24.52 -8.72
C LEU B 502 5.60 -23.75 -10.03
N ALA B 503 5.50 -24.45 -11.16
CA ALA B 503 5.49 -23.81 -12.47
C ALA B 503 4.10 -23.40 -12.92
N ARG B 504 3.06 -23.73 -12.16
CA ARG B 504 1.70 -23.39 -12.57
C ARG B 504 1.47 -21.89 -12.49
N ALA B 505 0.73 -21.36 -13.46
CA ALA B 505 0.42 -19.94 -13.49
C ALA B 505 -0.51 -19.58 -12.34
N ALA B 506 -0.34 -18.35 -11.83
CA ALA B 506 -1.14 -17.92 -10.69
C ALA B 506 -2.59 -17.68 -11.10
N GLY B 507 -2.82 -17.25 -12.34
CA GLY B 507 -4.18 -16.94 -12.78
C GLY B 507 -5.08 -18.16 -12.83
N THR B 508 -4.51 -19.32 -13.15
CA THR B 508 -5.33 -20.51 -13.33
C THR B 508 -5.83 -21.06 -12.01
N LEU B 509 -5.24 -20.64 -10.89
CA LEU B 509 -5.66 -21.16 -9.59
C LEU B 509 -7.06 -20.67 -9.23
N SER B 510 -7.78 -21.50 -8.48
CA SER B 510 -9.11 -21.15 -8.02
C SER B 510 -9.04 -20.23 -6.79
N GLY B 511 -10.20 -19.84 -6.29
CA GLY B 511 -10.24 -18.94 -5.15
C GLY B 511 -9.67 -19.57 -3.89
N GLY B 512 -10.07 -20.82 -3.61
CA GLY B 512 -9.56 -21.49 -2.42
C GLY B 512 -8.08 -21.76 -2.49
N GLU B 513 -7.60 -22.20 -3.66
CA GLU B 513 -6.16 -22.45 -3.82
C GLU B 513 -5.37 -21.16 -3.66
N ALA B 514 -5.86 -20.06 -4.23
CA ALA B 514 -5.17 -18.78 -4.09
C ALA B 514 -5.16 -18.31 -2.64
N GLN B 515 -6.28 -18.48 -1.94
CA GLN B 515 -6.34 -18.09 -0.53
C GLN B 515 -5.37 -18.90 0.31
N ARG B 516 -5.31 -20.21 0.07
CA ARG B 516 -4.37 -21.05 0.83
C ARG B 516 -2.92 -20.73 0.48
N ILE B 517 -2.64 -20.41 -0.78
CA ILE B 517 -1.30 -20.00 -1.16
C ILE B 517 -0.92 -18.71 -0.45
N ARG B 518 -1.85 -17.75 -0.38
CA ARG B 518 -1.60 -16.51 0.33
C ARG B 518 -1.35 -16.77 1.81
N LEU B 519 -2.11 -17.69 2.41
CA LEU B 519 -1.89 -18.05 3.81
C LEU B 519 -0.49 -18.63 4.01
N ALA B 520 -0.08 -19.54 3.12
CA ALA B 520 1.24 -20.14 3.23
C ALA B 520 2.34 -19.09 3.08
N THR B 521 2.17 -18.16 2.12
CA THR B 521 3.15 -17.11 1.94
C THR B 521 3.24 -16.21 3.16
N GLN B 522 2.09 -15.88 3.76
CA GLN B 522 2.09 -15.05 4.96
C GLN B 522 2.78 -15.76 6.12
N ILE B 523 2.55 -17.07 6.25
CA ILE B 523 3.24 -17.83 7.29
C ILE B 523 4.74 -17.82 7.04
N GLY B 524 5.16 -18.02 5.79
CA GLY B 524 6.57 -18.06 5.47
C GLY B 524 7.28 -16.74 5.66
N SER B 525 6.58 -15.62 5.40
CA SER B 525 7.21 -14.32 5.49
C SER B 525 7.66 -14.00 6.91
N GLY B 526 6.85 -14.38 7.90
CA GLY B 526 7.21 -14.14 9.28
C GLY B 526 6.99 -12.72 9.77
N LEU B 527 6.00 -12.02 9.19
CA LEU B 527 5.69 -10.67 9.64
C LEU B 527 5.14 -10.69 11.06
N MET B 528 5.45 -9.66 11.83
CA MET B 528 5.06 -9.57 13.22
C MET B 528 4.23 -8.30 13.45
N GLY B 529 3.29 -8.39 14.38
CA GLY B 529 2.44 -7.26 14.71
C GLY B 529 1.49 -6.85 13.59
N VAL B 530 0.87 -7.82 12.93
CA VAL B 530 -0.07 -7.57 11.84
C VAL B 530 -1.37 -8.28 12.16
N ILE B 531 -2.49 -7.58 12.01
CA ILE B 531 -3.80 -8.17 12.21
C ILE B 531 -4.21 -8.89 10.93
N TYR B 532 -4.48 -10.19 11.03
CA TYR B 532 -4.87 -11.00 9.90
C TYR B 532 -6.36 -11.30 9.98
N ILE B 533 -7.07 -11.03 8.89
CA ILE B 533 -8.50 -11.29 8.80
C ILE B 533 -8.74 -12.27 7.66
N LEU B 534 -9.38 -13.39 7.97
CA LEU B 534 -9.58 -14.47 7.03
C LEU B 534 -11.06 -14.79 6.89
N ASP B 535 -11.48 -15.08 5.66
CA ASP B 535 -12.87 -15.37 5.34
C ASP B 535 -12.97 -16.85 4.97
N GLU B 536 -13.37 -17.68 5.94
CA GLU B 536 -13.57 -19.12 5.78
C GLU B 536 -12.34 -19.79 5.17
N PRO B 537 -11.23 -19.89 5.91
CA PRO B 537 -10.06 -20.58 5.37
C PRO B 537 -10.28 -22.05 5.10
N SER B 538 -11.25 -22.68 5.78
CA SER B 538 -11.48 -24.12 5.65
C SER B 538 -12.39 -24.49 4.49
N ILE B 539 -12.90 -23.51 3.75
CA ILE B 539 -13.76 -23.83 2.62
C ILE B 539 -12.94 -24.48 1.51
N GLY B 540 -13.58 -25.36 0.75
CA GLY B 540 -12.88 -26.09 -0.29
C GLY B 540 -11.82 -27.03 0.20
N LEU B 541 -11.89 -27.45 1.46
CA LEU B 541 -10.89 -28.32 2.06
C LEU B 541 -11.57 -29.53 2.69
N HIS B 542 -10.95 -30.69 2.52
CA HIS B 542 -11.51 -31.92 3.07
C HIS B 542 -11.39 -31.92 4.59
N GLN B 543 -12.17 -32.80 5.23
CA GLN B 543 -12.17 -32.88 6.68
C GLN B 543 -10.84 -33.38 7.24
N ARG B 544 -10.11 -34.18 6.48
CA ARG B 544 -8.85 -34.73 6.97
C ARG B 544 -7.75 -33.68 7.08
N ASP B 545 -7.86 -32.57 6.36
CA ASP B 545 -6.88 -31.51 6.40
C ASP B 545 -7.22 -30.42 7.42
N ASN B 546 -8.34 -30.57 8.14
CA ASN B 546 -8.76 -29.54 9.08
C ASN B 546 -7.77 -29.38 10.22
N ASP B 547 -7.25 -30.50 10.75
CA ASP B 547 -6.29 -30.42 11.84
C ASP B 547 -5.00 -29.73 11.39
N ARG B 548 -4.52 -30.05 10.19
CA ARG B 548 -3.32 -29.39 9.67
C ARG B 548 -3.56 -27.91 9.45
N LEU B 549 -4.73 -27.55 8.93
CA LEU B 549 -5.04 -26.13 8.74
C LEU B 549 -5.09 -25.39 10.07
N LEU B 550 -5.70 -26.00 11.09
CA LEU B 550 -5.76 -25.38 12.40
C LEU B 550 -4.36 -25.22 13.00
N ARG B 551 -3.51 -26.23 12.84
CA ARG B 551 -2.14 -26.13 13.32
C ARG B 551 -1.38 -25.01 12.60
N SER B 552 -1.59 -24.88 11.30
CA SER B 552 -0.94 -23.80 10.55
C SER B 552 -1.43 -22.44 11.02
N LEU B 553 -2.73 -22.32 11.28
CA LEU B 553 -3.28 -21.05 11.78
C LEU B 553 -2.70 -20.71 13.16
N LYS B 554 -2.59 -21.70 14.04
CA LYS B 554 -1.99 -21.47 15.35
C LYS B 554 -0.53 -21.08 15.23
N LYS B 555 0.20 -21.71 14.31
CA LYS B 555 1.60 -21.35 14.10
C LYS B 555 1.73 -19.92 13.59
N LEU B 556 0.84 -19.51 12.68
CA LEU B 556 0.85 -18.13 12.19
C LEU B 556 0.54 -17.16 13.31
N ARG B 557 -0.41 -17.50 14.18
CA ARG B 557 -0.74 -16.64 15.31
C ARG B 557 0.44 -16.53 16.28
N ASP B 558 1.17 -17.62 16.47
CA ASP B 558 2.28 -17.66 17.42
C ASP B 558 3.46 -16.79 17.02
N LEU B 559 3.40 -16.12 15.86
CA LEU B 559 4.45 -15.20 15.44
C LEU B 559 4.27 -13.79 16.01
N GLY B 560 3.21 -13.58 16.80
CA GLY B 560 2.93 -12.26 17.33
C GLY B 560 1.91 -11.52 16.50
N ASN B 561 0.82 -12.20 16.15
CA ASN B 561 -0.22 -11.64 15.29
C ASN B 561 -1.59 -11.95 15.89
N THR B 562 -2.57 -11.13 15.51
CA THR B 562 -3.95 -11.30 15.93
C THR B 562 -4.74 -11.91 14.77
N LEU B 563 -5.53 -12.94 15.07
CA LEU B 563 -6.29 -13.66 14.06
C LEU B 563 -7.78 -13.37 14.22
N LEU B 564 -8.42 -12.94 13.14
CA LEU B 564 -9.86 -12.73 13.09
C LEU B 564 -10.40 -13.61 11.97
N VAL B 565 -10.97 -14.76 12.34
CA VAL B 565 -11.41 -15.76 11.39
C VAL B 565 -12.94 -15.82 11.41
N VAL B 566 -13.54 -15.69 10.23
CA VAL B 566 -14.99 -15.82 10.08
C VAL B 566 -15.23 -17.22 9.55
N GLU B 567 -15.41 -18.17 10.48
CA GLU B 567 -15.59 -19.57 10.14
C GLU B 567 -16.73 -20.16 10.96
N HIS B 568 -17.50 -21.04 10.33
CA HIS B 568 -18.62 -21.71 10.98
C HIS B 568 -18.32 -23.17 11.32
N ASP B 569 -17.06 -23.58 11.21
CA ASP B 569 -16.68 -24.96 11.47
C ASP B 569 -16.65 -25.23 12.98
N GLU B 570 -17.12 -26.42 13.36
CA GLU B 570 -17.12 -26.80 14.76
C GLU B 570 -15.70 -26.96 15.30
N ASP B 571 -14.81 -27.56 14.51
CA ASP B 571 -13.43 -27.74 14.95
C ASP B 571 -12.73 -26.40 15.16
N THR B 572 -12.99 -25.45 14.26
CA THR B 572 -12.42 -24.11 14.44
C THR B 572 -12.95 -23.46 15.71
N MET B 573 -14.23 -23.67 16.01
CA MET B 573 -14.79 -23.13 17.25
C MET B 573 -14.13 -23.75 18.47
N TYR B 574 -13.89 -25.06 18.44
CA TYR B 574 -13.27 -25.73 19.58
C TYR B 574 -11.80 -25.42 19.70
N ALA B 575 -11.14 -25.01 18.62
CA ALA B 575 -9.72 -24.71 18.63
C ALA B 575 -9.41 -23.22 18.76
N SER B 576 -10.43 -22.41 19.04
CA SER B 576 -10.25 -20.97 19.15
C SER B 576 -10.16 -20.54 20.61
N ASP B 577 -9.62 -19.34 20.82
CA ASP B 577 -9.49 -18.77 22.15
C ASP B 577 -10.69 -17.93 22.56
N TYR B 578 -11.14 -17.04 21.67
CA TYR B 578 -12.27 -16.17 21.95
C TYR B 578 -13.25 -16.24 20.78
N ILE B 579 -14.53 -16.30 21.09
CA ILE B 579 -15.60 -16.39 20.09
C ILE B 579 -16.56 -15.23 20.30
N ILE B 580 -16.87 -14.52 19.22
CA ILE B 580 -17.84 -13.43 19.25
C ILE B 580 -18.99 -13.82 18.33
N ASP B 581 -20.20 -13.85 18.88
CA ASP B 581 -21.39 -14.30 18.16
C ASP B 581 -22.33 -13.13 17.91
N LEU B 582 -22.74 -12.96 16.66
CA LEU B 582 -23.69 -11.93 16.26
C LEU B 582 -25.04 -12.55 15.94
N GLY B 583 -26.08 -11.72 15.96
CA GLY B 583 -27.42 -12.17 15.69
C GLY B 583 -28.46 -11.26 16.30
N PRO B 584 -29.60 -11.83 16.73
CA PRO B 584 -29.95 -13.25 16.69
C PRO B 584 -30.48 -13.68 15.33
N GLY B 585 -30.76 -12.73 14.44
CA GLY B 585 -31.26 -13.06 13.12
C GLY B 585 -30.38 -12.54 12.00
N ALA B 586 -31.00 -11.99 10.97
CA ALA B 586 -30.28 -11.45 9.83
C ALA B 586 -30.95 -10.17 9.36
N GLY B 587 -30.17 -9.33 8.69
CA GLY B 587 -30.71 -8.06 8.21
C GLY B 587 -31.10 -7.15 9.35
N SER B 588 -32.35 -6.70 9.34
CA SER B 588 -32.84 -5.81 10.39
C SER B 588 -32.92 -6.50 11.75
N HIS B 589 -32.99 -7.83 11.77
CA HIS B 589 -33.06 -8.57 13.03
C HIS B 589 -31.68 -8.91 13.59
N GLY B 590 -30.61 -8.64 12.86
CA GLY B 590 -29.27 -8.93 13.34
C GLY B 590 -28.50 -7.69 13.72
N GLY B 591 -27.17 -7.76 13.62
CA GLY B 591 -26.35 -6.61 13.94
C GLY B 591 -26.13 -6.36 15.41
N GLN B 592 -26.36 -7.35 16.26
CA GLN B 592 -26.14 -7.22 17.70
C GLN B 592 -25.34 -8.39 18.20
N ILE B 593 -24.52 -8.14 19.23
CA ILE B 593 -23.69 -9.17 19.83
C ILE B 593 -24.54 -9.91 20.87
N VAL B 594 -24.88 -11.16 20.57
CA VAL B 594 -25.74 -11.94 21.46
C VAL B 594 -24.93 -12.71 22.50
N ALA B 595 -23.80 -13.29 22.10
CA ALA B 595 -22.96 -14.07 23.00
C ALA B 595 -21.51 -13.69 22.79
N GLU B 596 -20.71 -13.87 23.84
CA GLU B 596 -19.29 -13.53 23.79
C GLU B 596 -18.58 -14.26 24.90
N GLY B 597 -17.45 -14.87 24.59
CA GLY B 597 -16.67 -15.60 25.56
C GLY B 597 -16.02 -16.81 24.93
N THR B 598 -15.62 -17.75 25.79
CA THR B 598 -15.02 -18.99 25.33
C THR B 598 -16.09 -19.93 24.80
N VAL B 599 -15.66 -21.09 24.29
CA VAL B 599 -16.60 -22.04 23.69
C VAL B 599 -17.53 -22.61 24.75
N GLU B 600 -17.02 -22.82 25.97
CA GLU B 600 -17.87 -23.33 27.04
C GLU B 600 -18.94 -22.32 27.43
N GLU B 601 -18.58 -21.04 27.49
CA GLU B 601 -19.55 -20.01 27.85
C GLU B 601 -20.65 -19.91 26.80
N ILE B 602 -20.28 -20.00 25.52
CA ILE B 602 -21.29 -19.96 24.45
C ILE B 602 -22.16 -21.21 24.49
N LYS B 603 -21.55 -22.37 24.78
CA LYS B 603 -22.34 -23.60 24.87
C LYS B 603 -23.35 -23.52 26.01
N GLN B 604 -22.95 -22.95 27.14
CA GLN B 604 -23.87 -22.77 28.26
C GLN B 604 -24.80 -21.57 28.07
N ASN B 605 -24.55 -20.73 27.08
CA ASN B 605 -25.39 -19.55 26.86
C ASN B 605 -26.73 -19.99 26.27
N PRO B 606 -27.85 -19.59 26.87
CA PRO B 606 -29.17 -20.04 26.37
C PRO B 606 -29.70 -19.24 25.20
N ASN B 607 -29.13 -18.08 24.90
CA ASN B 607 -29.62 -17.22 23.82
C ASN B 607 -28.56 -17.04 22.74
N SER B 608 -27.84 -18.12 22.42
CA SER B 608 -26.82 -18.11 21.38
C SER B 608 -27.21 -19.11 20.30
N VAL B 609 -27.23 -18.66 19.05
CA VAL B 609 -27.57 -19.55 17.94
C VAL B 609 -26.50 -20.61 17.76
N THR B 610 -25.23 -20.23 17.83
CA THR B 610 -24.14 -21.20 17.68
C THR B 610 -24.13 -22.20 18.83
N GLY B 611 -24.38 -21.72 20.05
CA GLY B 611 -24.37 -22.61 21.20
C GLY B 611 -25.45 -23.67 21.15
N GLU B 612 -26.61 -23.32 20.58
CA GLU B 612 -27.70 -24.30 20.49
C GLU B 612 -27.29 -25.50 19.64
N TYR B 613 -26.61 -25.26 18.52
CA TYR B 613 -26.12 -26.36 17.69
C TYR B 613 -24.90 -27.03 18.29
N LEU B 614 -24.04 -26.28 18.98
CA LEU B 614 -22.84 -26.87 19.57
C LEU B 614 -23.20 -27.84 20.70
N SER B 615 -24.18 -27.47 21.53
CA SER B 615 -24.54 -28.30 22.66
C SER B 615 -25.36 -29.53 22.26
N GLY B 616 -25.92 -29.55 21.05
CA GLY B 616 -26.71 -30.66 20.59
C GLY B 616 -28.21 -30.49 20.71
N ARG B 617 -28.69 -29.31 21.13
CA ARG B 617 -30.13 -29.10 21.21
C ARG B 617 -30.79 -29.19 19.85
N LYS B 618 -30.16 -28.60 18.83
CA LYS B 618 -30.63 -28.69 17.45
C LYS B 618 -29.56 -29.38 16.61
N LYS B 619 -29.98 -30.36 15.81
CA LYS B 619 -29.05 -31.10 14.97
C LYS B 619 -29.78 -31.61 13.74
N ILE B 620 -29.01 -31.91 12.71
CA ILE B 620 -29.55 -32.46 11.47
C ILE B 620 -29.70 -33.97 11.64
N GLU B 621 -30.92 -34.46 11.51
CA GLU B 621 -31.21 -35.87 11.73
C GLU B 621 -30.91 -36.67 10.47
N VAL B 622 -30.24 -37.80 10.64
CA VAL B 622 -29.96 -38.70 9.51
C VAL B 622 -31.27 -39.34 9.06
N PRO B 623 -31.62 -39.27 7.78
CA PRO B 623 -32.87 -39.88 7.32
C PRO B 623 -32.87 -41.39 7.55
N LYS B 624 -34.04 -41.91 7.94
CA LYS B 624 -34.20 -43.33 8.15
C LYS B 624 -34.46 -44.10 6.86
N GLU B 625 -34.82 -43.40 5.78
CA GLU B 625 -35.05 -44.03 4.49
C GLU B 625 -34.41 -43.18 3.40
N ARG B 626 -33.93 -43.84 2.36
CA ARG B 626 -33.26 -43.18 1.25
C ARG B 626 -33.90 -43.61 -0.07
N ARG B 627 -33.96 -42.68 -1.02
CA ARG B 627 -34.53 -42.98 -2.32
C ARG B 627 -33.60 -43.90 -3.12
N LYS B 628 -34.18 -44.56 -4.11
CA LYS B 628 -33.45 -45.48 -4.96
C LYS B 628 -33.63 -45.10 -6.42
N PRO B 629 -32.64 -45.39 -7.26
CA PRO B 629 -32.78 -45.06 -8.69
C PRO B 629 -33.90 -45.86 -9.33
N ASN B 630 -34.53 -45.24 -10.34
CA ASN B 630 -35.66 -45.83 -11.05
C ASN B 630 -35.27 -46.32 -12.44
N GLY B 631 -34.04 -46.82 -12.59
CA GLY B 631 -33.57 -47.34 -13.86
C GLY B 631 -33.06 -46.31 -14.84
N LYS B 632 -33.08 -45.03 -14.49
CA LYS B 632 -32.58 -43.97 -15.34
C LYS B 632 -31.21 -43.53 -14.82
N TRP B 633 -30.20 -43.59 -15.68
CA TRP B 633 -28.83 -43.27 -15.29
C TRP B 633 -28.18 -42.39 -16.35
N LEU B 634 -27.20 -41.63 -15.92
CA LEU B 634 -26.38 -40.80 -16.80
C LEU B 634 -24.97 -41.37 -16.83
N GLU B 635 -24.48 -41.66 -18.03
CA GLU B 635 -23.18 -42.30 -18.20
C GLU B 635 -22.22 -41.35 -18.90
N ILE B 636 -21.03 -41.21 -18.36
CA ILE B 636 -19.96 -40.42 -18.96
C ILE B 636 -18.85 -41.37 -19.36
N ILE B 637 -18.45 -41.32 -20.63
CA ILE B 637 -17.49 -42.25 -21.21
C ILE B 637 -16.26 -41.47 -21.64
N GLY B 638 -15.08 -41.98 -21.27
CA GLY B 638 -13.83 -41.39 -21.70
C GLY B 638 -13.55 -40.00 -21.16
N ALA B 639 -13.80 -39.76 -19.87
CA ALA B 639 -13.49 -38.49 -19.24
C ALA B 639 -11.98 -38.45 -18.98
N ARG B 640 -11.28 -37.58 -19.71
CA ARG B 640 -9.82 -37.50 -19.62
C ARG B 640 -9.33 -36.09 -19.33
N GLU B 641 -10.22 -35.13 -19.05
CA GLU B 641 -9.81 -33.77 -18.82
C GLU B 641 -9.01 -33.66 -17.52
N ASN B 642 -7.96 -32.84 -17.55
CA ASN B 642 -7.10 -32.55 -16.40
C ASN B 642 -6.48 -33.86 -15.92
N ASN B 643 -6.72 -34.31 -14.69
CA ASN B 643 -6.07 -35.49 -14.14
C ASN B 643 -6.95 -36.72 -14.16
N LEU B 644 -8.09 -36.67 -14.83
CA LEU B 644 -8.98 -37.83 -14.89
C LEU B 644 -8.33 -38.94 -15.71
N LYS B 645 -8.29 -40.14 -15.14
CA LYS B 645 -7.60 -41.27 -15.75
C LYS B 645 -8.54 -42.13 -16.60
N ASN B 646 -9.27 -41.49 -17.51
CA ASN B 646 -10.17 -42.17 -18.44
C ASN B 646 -11.16 -43.07 -17.70
N ILE B 647 -11.97 -42.43 -16.85
CA ILE B 647 -12.90 -43.14 -15.98
C ILE B 647 -14.32 -42.97 -16.50
N ASN B 648 -15.18 -43.90 -16.10
CA ASN B 648 -16.59 -43.88 -16.43
C ASN B 648 -17.40 -43.78 -15.14
N VAL B 649 -18.32 -42.83 -15.08
CA VAL B 649 -19.11 -42.57 -13.88
C VAL B 649 -20.59 -42.63 -14.25
N ARG B 650 -21.38 -43.25 -13.37
CA ARG B 650 -22.82 -43.36 -13.52
C ARG B 650 -23.50 -42.50 -12.47
N ILE B 651 -24.33 -41.56 -12.91
CA ILE B 651 -25.03 -40.64 -12.04
C ILE B 651 -26.52 -40.97 -12.09
N PRO B 652 -27.10 -41.52 -11.03
CA PRO B 652 -28.54 -41.83 -11.06
C PRO B 652 -29.38 -40.56 -11.13
N LEU B 653 -30.55 -40.71 -11.75
CA LEU B 653 -31.47 -39.60 -11.94
C LEU B 653 -32.65 -39.71 -10.97
N GLY B 654 -33.19 -38.56 -10.58
CA GLY B 654 -34.31 -38.51 -9.68
C GLY B 654 -33.97 -38.59 -8.21
N VAL B 655 -32.68 -38.60 -7.86
CA VAL B 655 -32.24 -38.69 -6.47
C VAL B 655 -31.23 -37.59 -6.20
N PHE B 656 -30.90 -37.41 -4.92
CA PHE B 656 -29.92 -36.42 -4.49
C PHE B 656 -28.54 -37.05 -4.51
N THR B 657 -27.66 -36.51 -5.35
CA THR B 657 -26.32 -37.06 -5.55
C THR B 657 -25.28 -36.05 -5.04
N CYS B 658 -24.30 -36.56 -4.30
CA CYS B 658 -23.21 -35.75 -3.77
C CYS B 658 -21.89 -36.27 -4.29
N ILE B 659 -21.04 -35.37 -4.76
CA ILE B 659 -19.72 -35.72 -5.28
C ILE B 659 -18.69 -35.27 -4.23
N THR B 660 -18.00 -36.23 -3.64
CA THR B 660 -17.02 -35.98 -2.59
C THR B 660 -15.62 -36.34 -3.08
N GLY B 661 -14.66 -36.21 -2.20
CA GLY B 661 -13.26 -36.49 -2.50
C GLY B 661 -12.36 -35.42 -1.93
N VAL B 662 -11.07 -35.74 -1.84
CA VAL B 662 -10.08 -34.81 -1.32
C VAL B 662 -9.85 -33.70 -2.32
N SER B 663 -9.18 -32.62 -1.88
CA SER B 663 -8.91 -31.51 -2.78
C SER B 663 -7.96 -31.93 -3.89
N GLY B 664 -8.24 -31.46 -5.10
CA GLY B 664 -7.44 -31.80 -6.25
C GLY B 664 -7.76 -33.12 -6.90
N SER B 665 -8.80 -33.83 -6.44
CA SER B 665 -9.15 -35.12 -7.03
C SER B 665 -9.77 -34.98 -8.41
N GLY B 666 -10.19 -33.78 -8.80
CA GLY B 666 -10.74 -33.54 -10.11
C GLY B 666 -12.26 -33.57 -10.20
N LYS B 667 -12.96 -33.56 -9.07
CA LYS B 667 -14.42 -33.59 -9.12
C LYS B 667 -14.99 -32.31 -9.73
N SER B 668 -14.45 -31.16 -9.34
CA SER B 668 -14.97 -29.89 -9.83
C SER B 668 -14.80 -29.78 -11.35
N SER B 669 -13.62 -30.15 -11.85
CA SER B 669 -13.41 -30.14 -13.30
C SER B 669 -14.35 -31.11 -13.99
N LEU B 670 -14.35 -32.37 -13.53
CA LEU B 670 -15.16 -33.41 -14.15
C LEU B 670 -16.63 -33.01 -14.23
N ILE B 671 -17.13 -32.32 -13.22
CA ILE B 671 -18.53 -31.90 -13.25
C ILE B 671 -18.68 -30.67 -14.14
N ASN B 672 -18.07 -29.55 -13.73
CA ASN B 672 -18.36 -28.27 -14.37
C ASN B 672 -17.92 -28.24 -15.83
N GLU B 673 -16.66 -28.59 -16.10
CA GLU B 673 -16.13 -28.40 -17.43
C GLU B 673 -16.52 -29.50 -18.41
N ILE B 674 -17.18 -30.56 -17.94
CA ILE B 674 -17.56 -31.65 -18.82
C ILE B 674 -19.08 -31.81 -18.85
N LEU B 675 -19.66 -32.20 -17.71
CA LEU B 675 -21.07 -32.61 -17.72
C LEU B 675 -21.98 -31.42 -17.95
N TYR B 676 -21.76 -30.32 -17.21
CA TYR B 676 -22.60 -29.14 -17.36
C TYR B 676 -22.46 -28.55 -18.76
N LYS B 677 -21.23 -28.47 -19.27
CA LYS B 677 -21.02 -27.91 -20.59
C LYS B 677 -21.67 -28.76 -21.67
N ARG B 678 -21.54 -30.08 -21.59
CA ARG B 678 -22.15 -30.95 -22.58
C ARG B 678 -23.67 -30.86 -22.52
N LEU B 679 -24.23 -30.84 -21.31
CA LEU B 679 -25.68 -30.74 -21.17
C LEU B 679 -26.19 -29.40 -21.72
N ALA B 680 -25.47 -28.31 -21.43
CA ALA B 680 -25.86 -27.01 -21.96
C ALA B 680 -25.81 -26.99 -23.49
N ALA B 681 -24.75 -27.56 -24.07
CA ALA B 681 -24.65 -27.61 -25.52
C ALA B 681 -25.77 -28.45 -26.12
N GLU B 682 -26.12 -29.56 -25.47
CA GLU B 682 -27.13 -30.46 -26.02
C GLU B 682 -28.54 -29.93 -25.86
N LEU B 683 -28.81 -29.15 -24.81
CA LEU B 683 -30.17 -28.72 -24.51
C LEU B 683 -30.40 -27.24 -24.76
N ASN B 684 -29.61 -26.36 -24.15
CA ASN B 684 -29.80 -24.93 -24.29
C ASN B 684 -29.11 -24.35 -25.52
N ARG B 685 -28.42 -25.19 -26.31
CA ARG B 685 -27.74 -24.77 -27.53
C ARG B 685 -26.72 -23.66 -27.22
N ALA B 686 -25.74 -24.01 -26.39
CA ALA B 686 -24.68 -23.08 -26.03
C ALA B 686 -23.58 -23.11 -27.08
N SER B 687 -22.58 -22.26 -26.91
CA SER B 687 -21.45 -22.14 -27.83
C SER B 687 -20.14 -22.17 -27.06
N VAL B 688 -20.02 -23.10 -26.12
CA VAL B 688 -18.81 -23.27 -25.31
C VAL B 688 -18.28 -24.68 -25.52
N LYS B 689 -16.99 -24.77 -25.80
CA LYS B 689 -16.37 -26.07 -26.06
C LYS B 689 -16.33 -26.89 -24.77
N PRO B 690 -16.86 -28.12 -24.77
CA PRO B 690 -16.81 -28.94 -23.54
C PRO B 690 -15.42 -29.48 -23.26
N GLY B 691 -15.29 -30.27 -22.20
CA GLY B 691 -14.02 -30.86 -21.85
C GLY B 691 -13.68 -32.07 -22.70
N GLU B 692 -12.56 -32.69 -22.35
CA GLU B 692 -12.06 -33.86 -23.08
C GLU B 692 -12.88 -35.08 -22.65
N HIS B 693 -13.87 -35.45 -23.46
CA HIS B 693 -14.70 -36.61 -23.18
C HIS B 693 -15.21 -37.17 -24.50
N ASP B 694 -15.63 -38.44 -24.46
CA ASP B 694 -16.11 -39.10 -25.66
C ASP B 694 -17.56 -38.75 -25.95
N LEU B 695 -18.46 -39.12 -25.06
CA LEU B 695 -19.89 -38.88 -25.24
C LEU B 695 -20.60 -39.12 -23.90
N ILE B 696 -21.85 -38.68 -23.83
CA ILE B 696 -22.68 -38.84 -22.65
C ILE B 696 -23.95 -39.58 -23.05
N LYS B 697 -24.27 -40.64 -22.31
CA LYS B 697 -25.45 -41.45 -22.56
C LYS B 697 -26.54 -41.10 -21.56
N GLY B 698 -27.78 -41.07 -22.03
CA GLY B 698 -28.92 -40.71 -21.20
C GLY B 698 -29.33 -39.27 -21.26
N ILE B 699 -28.84 -38.50 -22.25
CA ILE B 699 -29.21 -37.09 -22.35
C ILE B 699 -30.70 -36.94 -22.64
N GLU B 700 -31.27 -37.86 -23.42
CA GLU B 700 -32.68 -37.76 -23.78
C GLU B 700 -33.60 -37.82 -22.57
N TYR B 701 -33.13 -38.31 -21.43
CA TYR B 701 -33.94 -38.35 -20.22
C TYR B 701 -34.10 -36.98 -19.57
N LEU B 702 -33.35 -35.97 -20.02
CA LEU B 702 -33.38 -34.65 -19.43
C LEU B 702 -33.90 -33.64 -20.44
N ASP B 703 -34.54 -32.58 -19.93
CA ASP B 703 -35.09 -31.52 -20.76
C ASP B 703 -34.28 -30.23 -20.70
N LYS B 704 -33.77 -29.85 -19.52
CA LYS B 704 -32.97 -28.65 -19.38
C LYS B 704 -32.06 -28.80 -18.18
N VAL B 705 -31.00 -27.98 -18.17
CA VAL B 705 -30.02 -27.98 -17.09
C VAL B 705 -29.81 -26.55 -16.63
N ILE B 706 -29.86 -26.33 -15.32
CA ILE B 706 -29.65 -25.02 -14.72
C ILE B 706 -28.54 -25.11 -13.70
N ASP B 707 -27.57 -24.20 -13.79
CA ASP B 707 -26.46 -24.13 -12.84
C ASP B 707 -26.69 -23.00 -11.87
N ILE B 708 -26.63 -23.31 -10.58
CA ILE B 708 -26.85 -22.34 -9.50
C ILE B 708 -25.51 -22.05 -8.83
N ASP B 709 -25.13 -20.78 -8.81
CA ASP B 709 -23.88 -20.36 -8.19
C ASP B 709 -24.14 -19.07 -7.42
N GLN B 710 -23.05 -18.44 -6.97
CA GLN B 710 -23.14 -17.20 -6.19
C GLN B 710 -22.85 -15.96 -7.03
N SER B 711 -22.84 -16.08 -8.35
CA SER B 711 -22.60 -14.94 -9.21
C SER B 711 -23.77 -13.95 -9.10
N PRO B 712 -23.51 -12.66 -9.28
CA PRO B 712 -24.58 -11.66 -9.18
C PRO B 712 -25.66 -11.90 -10.23
N ILE B 713 -26.91 -11.61 -9.84
CA ILE B 713 -28.04 -11.79 -10.74
C ILE B 713 -28.20 -10.64 -11.72
N GLY B 714 -27.41 -9.59 -11.61
CA GLY B 714 -27.50 -8.46 -12.51
C GLY B 714 -26.37 -7.49 -12.28
N ARG B 715 -26.29 -6.50 -13.17
CA ARG B 715 -25.27 -5.47 -13.09
C ARG B 715 -25.85 -4.06 -13.11
N THR B 716 -27.17 -3.93 -13.09
CA THR B 716 -27.84 -2.64 -13.14
C THR B 716 -28.88 -2.56 -12.04
N PRO B 717 -29.20 -1.35 -11.56
CA PRO B 717 -30.26 -1.22 -10.54
C PRO B 717 -31.65 -1.55 -11.06
N ARG B 718 -31.82 -1.70 -12.37
CA ARG B 718 -33.13 -2.02 -12.93
C ARG B 718 -33.57 -3.45 -12.63
N SER B 719 -32.69 -4.29 -12.09
CA SER B 719 -33.01 -5.67 -11.75
C SER B 719 -33.14 -5.80 -10.24
N ASN B 720 -34.25 -6.38 -9.79
CA ASN B 720 -34.56 -6.57 -8.38
C ASN B 720 -35.01 -8.00 -8.17
N PRO B 721 -34.94 -8.50 -6.93
CA PRO B 721 -35.44 -9.86 -6.66
C PRO B 721 -36.89 -10.05 -7.05
N ALA B 722 -37.73 -9.02 -6.88
CA ALA B 722 -39.13 -9.13 -7.27
C ALA B 722 -39.27 -9.35 -8.77
N THR B 723 -38.49 -8.63 -9.58
CA THR B 723 -38.54 -8.82 -11.02
C THR B 723 -37.92 -10.14 -11.42
N TYR B 724 -36.86 -10.56 -10.72
CA TYR B 724 -36.22 -11.83 -11.04
C TYR B 724 -37.15 -13.01 -10.78
N THR B 725 -37.89 -12.98 -9.67
CA THR B 725 -38.82 -14.06 -9.36
C THR B 725 -40.08 -14.02 -10.19
N GLY B 726 -40.34 -12.93 -10.91
CA GLY B 726 -41.52 -12.81 -11.74
C GLY B 726 -42.75 -12.28 -11.02
N VAL B 727 -42.67 -12.00 -9.73
CA VAL B 727 -43.81 -11.49 -9.00
C VAL B 727 -44.10 -10.03 -9.35
N PHE B 728 -43.13 -9.34 -9.96
CA PHE B 728 -43.34 -7.94 -10.33
C PHE B 728 -44.43 -7.79 -11.37
N ASP B 729 -44.54 -8.73 -12.31
CA ASP B 729 -45.62 -8.69 -13.30
C ASP B 729 -46.98 -8.80 -12.62
N PHE B 730 -47.10 -9.71 -11.66
CA PHE B 730 -48.36 -9.84 -10.92
C PHE B 730 -48.67 -8.58 -10.12
N ILE B 731 -47.65 -7.98 -9.51
CA ILE B 731 -47.85 -6.75 -8.77
C ILE B 731 -48.33 -5.63 -9.70
N ARG B 732 -47.72 -5.52 -10.88
CA ARG B 732 -48.14 -4.51 -11.85
C ARG B 732 -49.58 -4.76 -12.31
N GLU B 733 -49.93 -6.03 -12.54
CA GLU B 733 -51.30 -6.33 -12.96
C GLU B 733 -52.31 -5.98 -11.87
N ILE B 734 -52.01 -6.32 -10.62
CA ILE B 734 -52.95 -6.03 -9.54
C ILE B 734 -53.03 -4.53 -9.29
N PHE B 735 -51.94 -3.79 -9.55
CA PHE B 735 -52.01 -2.34 -9.42
C PHE B 735 -52.84 -1.72 -10.54
N ALA B 736 -52.68 -2.22 -11.77
CA ALA B 736 -53.46 -1.71 -12.89
C ALA B 736 -54.91 -2.14 -12.84
N ASN B 737 -55.23 -3.16 -12.05
CA ASN B 737 -56.61 -3.61 -11.91
C ASN B 737 -57.41 -2.79 -10.90
N THR B 738 -56.80 -1.81 -10.26
CA THR B 738 -57.50 -1.00 -9.26
C THR B 738 -58.48 -0.05 -9.95
N THR B 739 -59.38 0.51 -9.14
CA THR B 739 -60.40 1.42 -9.68
C THR B 739 -59.78 2.69 -10.26
N GLU B 740 -58.77 3.25 -9.58
CA GLU B 740 -58.17 4.50 -10.04
C GLU B 740 -57.49 4.31 -11.40
N ALA B 741 -56.79 3.20 -11.59
CA ALA B 741 -56.12 2.95 -12.86
C ALA B 741 -57.14 2.82 -13.99
N LYS B 742 -58.25 2.13 -13.74
CA LYS B 742 -59.29 2.01 -14.75
C LYS B 742 -59.92 3.37 -15.05
N THR B 743 -60.13 4.18 -14.02
CA THR B 743 -60.71 5.51 -14.22
C THR B 743 -59.78 6.39 -15.06
N ARG B 744 -58.48 6.34 -14.79
CA ARG B 744 -57.52 7.16 -15.51
C ARG B 744 -57.04 6.52 -16.80
N GLY B 745 -57.53 5.34 -17.15
CA GLY B 745 -57.12 4.68 -18.38
C GLY B 745 -55.67 4.30 -18.43
N TYR B 746 -55.12 3.79 -17.32
CA TYR B 746 -53.73 3.39 -17.27
C TYR B 746 -53.56 1.98 -17.82
N LYS B 747 -52.30 1.58 -17.98
CA LYS B 747 -51.95 0.27 -18.51
C LYS B 747 -51.07 -0.47 -17.52
N ALA B 748 -50.96 -1.78 -17.71
CA ALA B 748 -50.16 -2.60 -16.82
C ALA B 748 -48.68 -2.23 -16.89
N GLY B 749 -48.23 -1.70 -18.02
CA GLY B 749 -46.85 -1.29 -18.17
C GLY B 749 -46.51 0.07 -17.61
N ARG B 750 -47.52 0.81 -17.12
CA ARG B 750 -47.25 2.13 -16.56
C ARG B 750 -46.42 2.04 -15.28
N PHE B 751 -46.69 1.05 -14.44
CA PHE B 751 -46.00 0.89 -13.17
C PHE B 751 -44.70 0.10 -13.33
N SER B 752 -43.85 0.52 -14.26
CA SER B 752 -42.58 -0.12 -14.51
C SER B 752 -41.52 0.93 -14.78
N PHE B 753 -40.31 0.71 -14.26
CA PHE B 753 -39.20 1.63 -14.43
C PHE B 753 -38.33 1.28 -15.63
N ASN B 754 -38.89 0.57 -16.62
CA ASN B 754 -38.16 0.22 -17.83
C ASN B 754 -38.79 0.76 -19.10
N VAL B 755 -40.03 1.24 -19.04
CA VAL B 755 -40.72 1.79 -20.21
C VAL B 755 -41.14 3.21 -19.89
N LYS B 756 -40.84 4.14 -20.79
CA LYS B 756 -41.17 5.54 -20.58
C LYS B 756 -42.68 5.73 -20.50
N GLY B 757 -43.11 6.64 -19.62
CA GLY B 757 -44.51 6.93 -19.44
C GLY B 757 -44.94 6.92 -18.00
N GLY B 758 -44.36 6.03 -17.20
CA GLY B 758 -44.67 5.96 -15.79
C GLY B 758 -43.49 6.26 -14.90
N ARG B 759 -42.29 5.96 -15.39
CA ARG B 759 -41.07 6.20 -14.63
C ARG B 759 -40.66 7.66 -14.71
N CYS B 760 -39.80 8.07 -13.79
CA CYS B 760 -39.29 9.44 -13.77
C CYS B 760 -38.28 9.63 -14.90
N GLU B 761 -38.48 10.69 -15.68
CA GLU B 761 -37.62 10.94 -16.84
C GLU B 761 -36.26 11.51 -16.46
N ALA B 762 -36.13 12.08 -15.26
CA ALA B 762 -34.85 12.68 -14.86
C ALA B 762 -33.77 11.61 -14.71
N CYS B 763 -34.06 10.56 -13.96
CA CYS B 763 -33.11 9.47 -13.74
C CYS B 763 -33.33 8.29 -14.67
N ALA B 764 -34.29 8.40 -15.60
CA ALA B 764 -34.61 7.32 -16.53
C ALA B 764 -35.01 6.04 -15.81
N GLY B 765 -35.58 6.17 -14.62
CA GLY B 765 -36.02 5.03 -13.84
C GLY B 765 -34.96 4.37 -12.99
N ASP B 766 -33.70 4.82 -13.08
CA ASP B 766 -32.65 4.23 -12.26
C ASP B 766 -32.74 4.69 -10.81
N GLY B 767 -33.25 5.91 -10.58
CA GLY B 767 -33.37 6.45 -9.25
C GLY B 767 -32.16 7.18 -8.73
N ILE B 768 -31.04 7.15 -9.46
CA ILE B 768 -29.81 7.81 -9.06
C ILE B 768 -29.26 8.58 -10.25
N ASN B 769 -28.40 9.55 -9.95
CA ASN B 769 -27.75 10.38 -10.95
C ASN B 769 -26.24 10.28 -10.80
N LYS B 770 -25.54 10.52 -11.91
CA LYS B 770 -24.08 10.46 -11.94
C LYS B 770 -23.53 11.87 -11.97
N ILE B 771 -22.63 12.16 -11.02
CA ILE B 771 -21.98 13.47 -10.93
C ILE B 771 -20.47 13.25 -11.04
N GLU B 772 -19.84 13.98 -11.95
CA GLU B 772 -18.41 13.85 -12.21
C GLU B 772 -17.69 15.05 -11.62
N MET B 773 -16.65 14.77 -10.83
CA MET B 773 -15.83 15.80 -10.21
C MET B 773 -14.57 16.02 -11.03
N HIS B 774 -13.91 17.15 -10.78
CA HIS B 774 -12.73 17.51 -11.55
C HIS B 774 -11.58 16.53 -11.33
N PHE B 775 -11.36 16.12 -10.09
CA PHE B 775 -10.24 15.24 -9.76
C PHE B 775 -10.69 14.07 -8.90
N LEU B 776 -11.96 13.69 -9.00
CA LEU B 776 -12.50 12.58 -8.24
C LEU B 776 -13.32 11.68 -9.14
N PRO B 777 -13.43 10.39 -8.80
CA PRO B 777 -14.27 9.49 -9.60
C PRO B 777 -15.74 9.87 -9.53
N ASP B 778 -16.54 9.21 -10.36
CA ASP B 778 -17.96 9.50 -10.42
C ASP B 778 -18.63 9.15 -9.10
N ILE B 779 -19.58 9.99 -8.69
CA ILE B 779 -20.31 9.83 -7.44
C ILE B 779 -21.79 9.72 -7.78
N TYR B 780 -22.45 8.71 -7.20
CA TYR B 780 -23.86 8.48 -7.44
C TYR B 780 -24.68 9.01 -6.27
N VAL B 781 -25.65 9.87 -6.57
CA VAL B 781 -26.51 10.47 -5.55
C VAL B 781 -27.96 10.24 -5.94
N PRO B 782 -28.89 10.22 -4.98
CA PRO B 782 -30.30 10.03 -5.34
C PRO B 782 -30.82 11.15 -6.22
N CYS B 783 -31.73 10.80 -7.12
CA CYS B 783 -32.31 11.78 -8.03
C CYS B 783 -33.12 12.80 -7.25
N GLU B 784 -32.95 14.08 -7.59
CA GLU B 784 -33.64 15.15 -6.88
C GLU B 784 -35.10 15.25 -7.30
N VAL B 785 -35.40 14.99 -8.57
CA VAL B 785 -36.77 15.16 -9.07
C VAL B 785 -37.70 14.12 -8.45
N CYS B 786 -37.30 12.86 -8.46
CA CYS B 786 -38.13 11.77 -7.97
C CYS B 786 -37.85 11.40 -6.52
N LYS B 787 -36.85 12.03 -5.89
CA LYS B 787 -36.47 11.75 -4.50
C LYS B 787 -36.11 10.28 -4.30
N GLY B 788 -35.63 9.62 -5.35
CA GLY B 788 -35.26 8.23 -5.28
C GLY B 788 -36.42 7.25 -5.41
N LYS B 789 -37.64 7.73 -5.64
CA LYS B 789 -38.79 6.85 -5.77
C LYS B 789 -38.91 6.21 -7.14
N ARG B 790 -38.14 6.68 -8.12
CA ARG B 790 -38.10 6.14 -9.47
C ARG B 790 -39.42 6.25 -10.21
N TYR B 791 -40.35 7.07 -9.72
CA TYR B 791 -41.65 7.26 -10.35
C TYR B 791 -42.05 8.72 -10.25
N ASN B 792 -42.90 9.15 -11.18
CA ASN B 792 -43.40 10.52 -11.14
C ASN B 792 -44.59 10.63 -10.20
N ARG B 793 -45.02 11.87 -9.97
CA ARG B 793 -46.11 12.11 -9.03
C ARG B 793 -47.42 11.51 -9.54
N GLU B 794 -47.66 11.56 -10.85
CA GLU B 794 -48.91 11.04 -11.39
C GLU B 794 -49.06 9.55 -11.14
N THR B 795 -47.98 8.78 -11.33
CA THR B 795 -48.03 7.35 -11.06
C THR B 795 -48.15 7.08 -9.57
N LEU B 796 -47.39 7.80 -8.75
CA LEU B 796 -47.43 7.58 -7.30
C LEU B 796 -48.75 8.00 -6.69
N GLU B 797 -49.55 8.80 -7.39
CA GLU B 797 -50.86 9.21 -6.86
C GLU B 797 -51.81 8.03 -6.70
N VAL B 798 -51.63 6.96 -7.47
CA VAL B 798 -52.48 5.78 -7.37
C VAL B 798 -52.02 4.93 -6.19
N ARG B 799 -52.95 4.62 -5.29
CA ARG B 799 -52.65 3.81 -4.11
C ARG B 799 -53.62 2.63 -4.04
N TYR B 800 -53.07 1.47 -3.68
CA TYR B 800 -53.85 0.25 -3.50
C TYR B 800 -53.75 -0.18 -2.05
N LYS B 801 -54.90 -0.27 -1.37
CA LYS B 801 -54.96 -0.65 0.04
C LYS B 801 -54.09 0.25 0.90
N GLY B 802 -54.06 1.54 0.57
CA GLY B 802 -53.32 2.51 1.34
C GLY B 802 -51.83 2.58 1.08
N LYS B 803 -51.33 1.83 0.11
CA LYS B 803 -49.91 1.82 -0.22
C LYS B 803 -49.72 1.95 -1.72
N ASN B 804 -48.73 2.74 -2.13
CA ASN B 804 -48.43 2.94 -3.53
C ASN B 804 -47.38 1.93 -3.99
N ILE B 805 -46.95 2.08 -5.25
CA ILE B 805 -45.99 1.14 -5.82
C ILE B 805 -44.64 1.25 -5.12
N ALA B 806 -44.20 2.48 -4.83
CA ALA B 806 -42.92 2.66 -4.15
C ALA B 806 -42.95 2.05 -2.75
N GLU B 807 -44.05 2.22 -2.02
CA GLU B 807 -44.17 1.61 -0.70
C GLU B 807 -44.17 0.09 -0.79
N VAL B 808 -44.82 -0.46 -1.82
CA VAL B 808 -44.83 -1.91 -2.01
C VAL B 808 -43.41 -2.41 -2.28
N LEU B 809 -42.66 -1.69 -3.11
CA LEU B 809 -41.28 -2.09 -3.39
C LEU B 809 -40.40 -1.94 -2.16
N ASP B 810 -40.69 -0.97 -1.29
CA ASP B 810 -39.84 -0.71 -0.14
C ASP B 810 -39.96 -1.78 0.94
N MET B 811 -41.16 -2.34 1.14
CA MET B 811 -41.37 -3.26 2.25
C MET B 811 -40.64 -4.58 2.01
N THR B 812 -40.40 -5.29 3.10
CA THR B 812 -39.63 -6.54 3.06
C THR B 812 -40.55 -7.71 2.71
N VAL B 813 -39.94 -8.89 2.60
CA VAL B 813 -40.70 -10.10 2.26
C VAL B 813 -41.62 -10.49 3.40
N GLU B 814 -41.16 -10.31 4.65
CA GLU B 814 -42.00 -10.67 5.79
C GLU B 814 -43.28 -9.86 5.83
N GLU B 815 -43.19 -8.56 5.57
CA GLU B 815 -44.39 -7.73 5.51
C GLU B 815 -45.25 -8.09 4.31
N ALA B 816 -44.62 -8.40 3.17
CA ALA B 816 -45.37 -8.77 1.98
C ALA B 816 -46.13 -10.08 2.18
N LEU B 817 -45.64 -10.95 3.07
CA LEU B 817 -46.35 -12.19 3.36
C LEU B 817 -47.73 -11.91 3.93
N GLU B 818 -47.83 -10.99 4.87
CA GLU B 818 -49.13 -10.61 5.44
C GLU B 818 -49.91 -9.71 4.50
N PHE B 819 -49.23 -8.81 3.77
CA PHE B 819 -49.93 -7.87 2.91
C PHE B 819 -50.65 -8.57 1.77
N PHE B 820 -50.02 -9.58 1.16
CA PHE B 820 -50.55 -10.26 -0.01
C PHE B 820 -51.14 -11.62 0.33
N LYS B 821 -51.79 -11.74 1.49
CA LYS B 821 -52.41 -13.01 1.86
C LYS B 821 -53.61 -13.32 0.97
N ASN B 822 -54.36 -12.30 0.57
CA ASN B 822 -55.55 -12.51 -0.24
C ASN B 822 -55.23 -13.04 -1.63
N ILE B 823 -54.22 -12.50 -2.30
CA ILE B 823 -53.86 -12.90 -3.66
C ILE B 823 -53.04 -14.19 -3.57
N PRO B 824 -53.50 -15.29 -4.15
CA PRO B 824 -52.75 -16.55 -3.99
C PRO B 824 -51.49 -16.62 -4.83
N ARG B 825 -51.53 -16.11 -6.06
CA ARG B 825 -50.36 -16.22 -6.94
C ARG B 825 -49.18 -15.45 -6.38
N ILE B 826 -49.41 -14.24 -5.87
CA ILE B 826 -48.34 -13.49 -5.23
C ILE B 826 -47.93 -14.14 -3.92
N HIS B 827 -48.90 -14.70 -3.19
CA HIS B 827 -48.62 -15.31 -1.90
C HIS B 827 -47.69 -16.50 -2.05
N LYS B 828 -47.86 -17.30 -3.10
CA LYS B 828 -47.00 -18.46 -3.31
C LYS B 828 -45.55 -18.04 -3.49
N LYS B 829 -45.31 -17.04 -4.34
CA LYS B 829 -43.95 -16.57 -4.59
C LYS B 829 -43.35 -15.94 -3.33
N ILE B 830 -44.14 -15.15 -2.61
CA ILE B 830 -43.62 -14.54 -1.38
C ILE B 830 -43.30 -15.61 -0.34
N GLU B 831 -44.13 -16.63 -0.24
CA GLU B 831 -43.87 -17.73 0.68
C GLU B 831 -42.61 -18.48 0.29
N THR B 832 -42.39 -18.69 -1.01
CA THR B 832 -41.15 -19.33 -1.44
C THR B 832 -39.93 -18.49 -1.07
N LEU B 833 -40.01 -17.17 -1.32
CA LEU B 833 -38.90 -16.30 -0.97
C LEU B 833 -38.64 -16.28 0.53
N TYR B 834 -39.70 -16.38 1.33
CA TYR B 834 -39.53 -16.49 2.78
C TYR B 834 -38.94 -17.83 3.18
N ASP B 835 -39.31 -18.90 2.47
CA ASP B 835 -38.83 -20.23 2.83
C ASP B 835 -37.37 -20.44 2.45
N VAL B 836 -36.87 -19.71 1.45
CA VAL B 836 -35.47 -19.86 1.07
C VAL B 836 -34.59 -19.02 1.99
N GLY B 837 -35.20 -18.44 3.03
CA GLY B 837 -34.45 -17.73 4.04
C GLY B 837 -34.19 -16.27 3.76
N LEU B 838 -34.95 -15.64 2.87
CA LEU B 838 -34.77 -14.23 2.53
C LEU B 838 -35.94 -13.38 3.03
N GLY B 839 -36.44 -13.68 4.22
CA GLY B 839 -37.54 -12.93 4.77
C GLY B 839 -37.18 -11.54 5.27
N TYR B 840 -35.89 -11.25 5.40
CA TYR B 840 -35.44 -9.93 5.85
C TYR B 840 -35.18 -8.97 4.70
N ILE B 841 -34.98 -9.49 3.49
CA ILE B 841 -34.66 -8.64 2.34
C ILE B 841 -35.93 -7.95 1.84
N LYS B 842 -35.72 -6.86 1.10
CA LYS B 842 -36.82 -6.10 0.51
C LYS B 842 -36.87 -6.34 -0.99
N LEU B 843 -38.09 -6.25 -1.55
CA LEU B 843 -38.28 -6.54 -2.97
C LEU B 843 -37.59 -5.52 -3.86
N GLY B 844 -37.45 -4.28 -3.39
CA GLY B 844 -36.87 -3.21 -4.17
C GLY B 844 -35.37 -3.06 -4.09
N GLN B 845 -34.69 -3.99 -3.42
CA GLN B 845 -33.24 -3.88 -3.28
C GLN B 845 -32.55 -4.08 -4.62
N SER B 846 -31.53 -3.26 -4.89
CA SER B 846 -30.79 -3.36 -6.13
C SER B 846 -30.00 -4.67 -6.18
N SER B 847 -29.89 -5.23 -7.40
CA SER B 847 -29.17 -6.48 -7.57
C SER B 847 -27.66 -6.30 -7.39
N THR B 848 -27.17 -5.08 -7.63
CA THR B 848 -25.73 -4.84 -7.49
C THR B 848 -25.26 -4.94 -6.05
N THR B 849 -26.15 -4.66 -5.10
CA THR B 849 -25.80 -4.70 -3.68
C THR B 849 -26.00 -6.07 -3.06
N LEU B 850 -26.57 -7.02 -3.78
CA LEU B 850 -26.79 -8.34 -3.23
C LEU B 850 -25.47 -9.11 -3.12
N SER B 851 -25.34 -9.89 -2.04
CA SER B 851 -24.17 -10.72 -1.84
C SER B 851 -24.31 -12.03 -2.60
N GLY B 852 -23.30 -12.88 -2.50
CA GLY B 852 -23.35 -14.17 -3.18
C GLY B 852 -24.42 -15.09 -2.60
N GLY B 853 -24.53 -15.14 -1.28
CA GLY B 853 -25.55 -15.97 -0.66
C GLY B 853 -26.96 -15.50 -0.98
N GLU B 854 -27.18 -14.18 -0.99
CA GLU B 854 -28.49 -13.66 -1.33
C GLU B 854 -28.85 -13.97 -2.78
N ALA B 855 -27.88 -13.85 -3.69
CA ALA B 855 -28.13 -14.18 -5.09
C ALA B 855 -28.43 -15.66 -5.25
N GLN B 856 -27.70 -16.51 -4.55
CA GLN B 856 -27.96 -17.95 -4.62
C GLN B 856 -29.34 -18.29 -4.08
N ARG B 857 -29.74 -17.64 -2.99
CA ARG B 857 -31.08 -17.88 -2.45
C ARG B 857 -32.16 -17.38 -3.39
N VAL B 858 -31.92 -16.25 -4.06
CA VAL B 858 -32.86 -15.74 -5.04
C VAL B 858 -33.02 -16.73 -6.19
N LYS B 859 -31.90 -17.28 -6.68
CA LYS B 859 -31.96 -18.27 -7.75
C LYS B 859 -32.70 -19.53 -7.30
N LEU B 860 -32.46 -19.96 -6.06
CA LEU B 860 -33.15 -21.14 -5.55
C LEU B 860 -34.66 -20.89 -5.44
N ALA B 861 -35.04 -19.70 -4.98
CA ALA B 861 -36.46 -19.36 -4.89
C ALA B 861 -37.10 -19.32 -6.28
N THR B 862 -36.39 -18.76 -7.26
CA THR B 862 -36.91 -18.72 -8.62
C THR B 862 -37.09 -20.13 -9.18
N GLU B 863 -36.13 -21.02 -8.92
CA GLU B 863 -36.26 -22.40 -9.38
C GLU B 863 -37.42 -23.10 -8.69
N LEU B 864 -37.61 -22.84 -7.39
CA LEU B 864 -38.71 -23.46 -6.65
C LEU B 864 -40.06 -22.99 -7.19
N SER B 865 -40.17 -21.70 -7.50
CA SER B 865 -41.44 -21.15 -7.96
C SER B 865 -41.83 -21.66 -9.35
N ARG B 866 -40.87 -22.17 -10.12
CA ARG B 866 -41.17 -22.65 -11.46
C ARG B 866 -41.99 -23.93 -11.41
N LYS B 867 -42.71 -24.20 -12.48
CA LYS B 867 -43.51 -25.41 -12.62
C LYS B 867 -42.61 -26.51 -13.17
N SER B 868 -42.08 -27.34 -12.27
CA SER B 868 -41.15 -28.39 -12.68
C SER B 868 -41.86 -29.45 -13.50
N THR B 869 -41.22 -29.87 -14.59
CA THR B 869 -41.74 -30.90 -15.46
C THR B 869 -41.19 -32.28 -15.13
N GLY B 870 -40.34 -32.40 -14.11
CA GLY B 870 -39.76 -33.67 -13.74
C GLY B 870 -38.56 -34.08 -14.56
N LYS B 871 -38.06 -33.22 -15.45
CA LYS B 871 -36.92 -33.52 -16.30
C LYS B 871 -35.91 -32.36 -16.25
N THR B 872 -35.60 -31.91 -15.04
CA THR B 872 -34.69 -30.81 -14.82
C THR B 872 -33.53 -31.27 -13.95
N MET B 873 -32.32 -30.82 -14.29
CA MET B 873 -31.11 -31.16 -13.54
C MET B 873 -30.48 -29.89 -13.01
N TYR B 874 -30.19 -29.87 -11.71
CA TYR B 874 -29.56 -28.73 -11.05
C TYR B 874 -28.17 -29.12 -10.60
N ILE B 875 -27.20 -28.23 -10.85
CA ILE B 875 -25.81 -28.44 -10.48
C ILE B 875 -25.38 -27.31 -9.55
N LEU B 876 -24.87 -27.68 -8.38
CA LEU B 876 -24.41 -26.71 -7.38
C LEU B 876 -22.98 -27.04 -7.00
N ASP B 877 -22.12 -26.02 -6.98
CA ASP B 877 -20.72 -26.17 -6.62
C ASP B 877 -20.50 -25.49 -5.27
N GLU B 878 -20.36 -26.30 -4.21
CA GLU B 878 -20.16 -25.83 -2.84
C GLU B 878 -21.23 -24.82 -2.44
N PRO B 879 -22.49 -25.26 -2.32
CA PRO B 879 -23.56 -24.31 -1.93
C PRO B 879 -23.47 -23.83 -0.49
N THR B 880 -22.69 -24.49 0.37
CA THR B 880 -22.61 -24.14 1.77
C THR B 880 -21.47 -23.16 2.07
N THR B 881 -21.08 -22.35 1.09
CA THR B 881 -20.02 -21.36 1.31
C THR B 881 -20.56 -20.20 2.12
N GLY B 882 -19.96 -19.95 3.28
CA GLY B 882 -20.40 -18.87 4.14
C GLY B 882 -21.78 -19.05 4.71
N LEU B 883 -22.12 -20.25 5.16
CA LEU B 883 -23.43 -20.56 5.70
C LEU B 883 -23.31 -21.10 7.12
N HIS B 884 -24.19 -20.65 8.00
CA HIS B 884 -24.23 -21.14 9.36
C HIS B 884 -24.86 -22.54 9.39
N MET B 885 -24.92 -23.13 10.59
CA MET B 885 -25.53 -24.45 10.73
C MET B 885 -27.01 -24.42 10.41
N ALA B 886 -27.72 -23.37 10.87
CA ALA B 886 -29.14 -23.23 10.53
C ALA B 886 -29.32 -23.02 9.03
N ASP B 887 -28.44 -22.23 8.41
CA ASP B 887 -28.50 -22.05 6.97
C ASP B 887 -28.25 -23.37 6.24
N VAL B 888 -27.33 -24.19 6.76
CA VAL B 888 -27.08 -25.50 6.17
C VAL B 888 -28.32 -26.38 6.28
N HIS B 889 -28.98 -26.36 7.44
CA HIS B 889 -30.21 -27.14 7.61
C HIS B 889 -31.28 -26.69 6.63
N ARG B 890 -31.45 -25.37 6.48
CA ARG B 890 -32.45 -24.86 5.55
C ARG B 890 -32.12 -25.23 4.11
N LEU B 891 -30.84 -25.15 3.74
CA LEU B 891 -30.43 -25.52 2.39
C LEU B 891 -30.65 -27.01 2.13
N VAL B 892 -30.37 -27.85 3.13
CA VAL B 892 -30.63 -29.28 2.99
C VAL B 892 -32.11 -29.54 2.79
N GLY B 893 -32.96 -28.87 3.56
CA GLY B 893 -34.39 -29.02 3.38
C GLY B 893 -34.85 -28.58 2.01
N ILE B 894 -34.33 -27.46 1.52
CA ILE B 894 -34.71 -26.96 0.20
C ILE B 894 -34.27 -27.93 -0.89
N LEU B 895 -33.05 -28.46 -0.79
CA LEU B 895 -32.56 -29.41 -1.78
C LEU B 895 -33.39 -30.69 -1.76
N HIS B 896 -33.77 -31.16 -0.57
CA HIS B 896 -34.60 -32.35 -0.49
C HIS B 896 -35.98 -32.10 -1.10
N ARG B 897 -36.54 -30.92 -0.88
CA ARG B 897 -37.81 -30.57 -1.50
C ARG B 897 -37.69 -30.54 -3.03
N LEU B 898 -36.60 -29.97 -3.53
CA LEU B 898 -36.38 -29.93 -4.98
C LEU B 898 -36.25 -31.34 -5.56
N VAL B 899 -35.54 -32.22 -4.85
CA VAL B 899 -35.42 -33.61 -5.30
C VAL B 899 -36.78 -34.28 -5.30
N GLU B 900 -37.56 -34.09 -4.23
CA GLU B 900 -38.89 -34.67 -4.17
C GLU B 900 -39.83 -34.10 -5.23
N ALA B 901 -39.51 -32.93 -5.77
CA ALA B 901 -40.31 -32.36 -6.86
C ALA B 901 -40.11 -33.09 -8.19
N GLY B 902 -39.40 -34.21 -8.23
CA GLY B 902 -39.21 -34.97 -9.45
C GLY B 902 -37.99 -34.60 -10.25
N ASN B 903 -37.19 -33.63 -9.82
CA ASN B 903 -36.02 -33.21 -10.56
C ASN B 903 -34.78 -33.96 -10.05
N SER B 904 -33.60 -33.58 -10.54
CA SER B 904 -32.34 -34.18 -10.14
C SER B 904 -31.41 -33.09 -9.63
N VAL B 905 -30.67 -33.41 -8.57
CA VAL B 905 -29.75 -32.45 -7.95
C VAL B 905 -28.39 -33.12 -7.80
N VAL B 906 -27.34 -32.46 -8.30
CA VAL B 906 -25.96 -32.90 -8.14
C VAL B 906 -25.21 -31.78 -7.44
N VAL B 907 -24.60 -32.10 -6.30
CA VAL B 907 -23.94 -31.11 -5.46
C VAL B 907 -22.54 -31.59 -5.14
N ILE B 908 -21.55 -30.74 -5.35
CA ILE B 908 -20.17 -31.00 -4.93
C ILE B 908 -19.98 -30.33 -3.58
N GLU B 909 -19.95 -31.14 -2.51
CA GLU B 909 -19.91 -30.62 -1.16
C GLU B 909 -18.84 -31.33 -0.35
N HIS B 910 -18.19 -30.58 0.54
CA HIS B 910 -17.25 -31.13 1.50
C HIS B 910 -17.82 -31.26 2.90
N ASN B 911 -18.99 -30.67 3.16
CA ASN B 911 -19.60 -30.73 4.48
C ASN B 911 -20.15 -32.12 4.75
N LEU B 912 -19.81 -32.66 5.92
CA LEU B 912 -20.28 -34.00 6.28
C LEU B 912 -21.77 -34.01 6.58
N ASP B 913 -22.30 -32.91 7.12
CA ASP B 913 -23.73 -32.86 7.43
C ASP B 913 -24.58 -32.97 6.17
N VAL B 914 -24.20 -32.28 5.11
CA VAL B 914 -24.93 -32.39 3.85
C VAL B 914 -24.71 -33.76 3.22
N ILE B 915 -23.50 -34.30 3.35
CA ILE B 915 -23.17 -35.57 2.73
C ILE B 915 -23.99 -36.69 3.34
N LYS B 916 -24.14 -36.70 4.67
CA LYS B 916 -24.84 -37.79 5.35
C LYS B 916 -26.31 -37.85 4.99
N THR B 917 -26.89 -36.77 4.47
CA THR B 917 -28.29 -36.75 4.07
C THR B 917 -28.50 -37.05 2.60
N ALA B 918 -27.43 -37.28 1.84
CA ALA B 918 -27.55 -37.55 0.43
C ALA B 918 -28.01 -38.99 0.18
N ASP B 919 -28.57 -39.21 -1.02
CA ASP B 919 -29.04 -40.53 -1.40
C ASP B 919 -27.96 -41.33 -2.14
N TYR B 920 -27.16 -40.68 -2.97
CA TYR B 920 -26.08 -41.32 -3.71
C TYR B 920 -24.80 -40.52 -3.52
N ILE B 921 -23.69 -41.23 -3.37
CA ILE B 921 -22.39 -40.62 -3.12
C ILE B 921 -21.38 -41.18 -4.10
N ILE B 922 -20.63 -40.31 -4.76
CA ILE B 922 -19.54 -40.68 -5.65
C ILE B 922 -18.25 -40.11 -5.09
N ASP B 923 -17.27 -40.98 -4.86
CA ASP B 923 -16.01 -40.60 -4.24
C ASP B 923 -14.90 -40.64 -5.28
N LEU B 924 -14.13 -39.55 -5.36
CA LEU B 924 -13.01 -39.43 -6.28
C LEU B 924 -11.72 -39.32 -5.47
N GLY B 925 -10.72 -40.12 -5.83
CA GLY B 925 -9.45 -40.10 -5.15
C GLY B 925 -8.44 -41.03 -5.77
N PRO B 926 -7.60 -41.66 -4.94
CA PRO B 926 -7.56 -41.56 -3.48
C PRO B 926 -6.70 -40.39 -3.00
N GLU B 927 -6.12 -39.62 -3.91
CA GLU B 927 -5.30 -38.47 -3.57
C GLU B 927 -5.65 -37.32 -4.51
N GLY B 928 -4.84 -36.27 -4.47
CA GLY B 928 -5.04 -35.13 -5.33
C GLY B 928 -3.96 -34.99 -6.38
N GLY B 929 -4.25 -34.21 -7.43
CA GLY B 929 -3.27 -34.03 -8.49
C GLY B 929 -3.12 -35.29 -9.33
N SER B 930 -1.89 -35.61 -9.68
CA SER B 930 -1.61 -36.80 -10.49
C SER B 930 -1.97 -38.09 -9.77
N GLY B 931 -2.08 -38.07 -8.45
CA GLY B 931 -2.45 -39.24 -7.69
C GLY B 931 -3.93 -39.54 -7.60
N GLY B 932 -4.77 -38.66 -8.15
CA GLY B 932 -6.21 -38.87 -8.10
C GLY B 932 -6.82 -39.12 -9.46
N GLY B 933 -8.05 -38.66 -9.65
CA GLY B 933 -8.74 -38.85 -10.92
C GLY B 933 -9.42 -40.18 -11.09
N LEU B 934 -9.46 -41.01 -10.05
CA LEU B 934 -10.10 -42.33 -10.11
C LEU B 934 -11.39 -42.31 -9.32
N VAL B 935 -12.06 -43.46 -9.28
CA VAL B 935 -13.30 -43.64 -8.54
C VAL B 935 -13.05 -44.66 -7.44
N VAL B 936 -13.35 -44.29 -6.21
CA VAL B 936 -13.05 -45.14 -5.06
C VAL B 936 -14.30 -45.89 -4.61
N ALA B 937 -15.34 -45.15 -4.22
CA ALA B 937 -16.55 -45.74 -3.69
C ALA B 937 -17.78 -45.10 -4.33
N GLU B 938 -18.82 -45.91 -4.51
CA GLU B 938 -20.08 -45.46 -5.06
C GLU B 938 -21.22 -46.17 -4.35
N GLY B 939 -22.36 -45.48 -4.24
CA GLY B 939 -23.56 -46.06 -3.67
C GLY B 939 -24.10 -45.21 -2.56
N THR B 940 -24.94 -45.82 -1.72
CA THR B 940 -25.54 -45.13 -0.59
C THR B 940 -24.48 -44.80 0.45
N PRO B 941 -24.74 -43.81 1.31
CA PRO B 941 -23.76 -43.48 2.36
C PRO B 941 -23.41 -44.66 3.25
N GLU B 942 -24.36 -45.54 3.54
CA GLU B 942 -24.05 -46.73 4.33
C GLU B 942 -23.05 -47.63 3.62
N GLU B 943 -23.22 -47.81 2.31
CA GLU B 943 -22.28 -48.62 1.54
C GLU B 943 -20.92 -47.95 1.47
N VAL B 944 -20.89 -46.63 1.30
CA VAL B 944 -19.62 -45.92 1.21
C VAL B 944 -18.87 -45.99 2.54
N ALA B 945 -19.60 -45.95 3.66
CA ALA B 945 -18.96 -46.01 4.97
C ALA B 945 -18.27 -47.34 5.23
N LYS B 946 -18.57 -48.37 4.43
CA LYS B 946 -17.96 -49.68 4.61
C LYS B 946 -16.69 -49.87 3.79
N VAL B 947 -16.26 -48.85 3.05
CA VAL B 947 -15.04 -48.92 2.26
C VAL B 947 -13.87 -48.49 3.14
N GLU B 948 -12.90 -49.39 3.31
CA GLU B 948 -11.77 -49.10 4.20
C GLU B 948 -10.86 -48.03 3.63
N ASN B 949 -10.56 -48.10 2.33
CA ASN B 949 -9.61 -47.19 1.71
C ASN B 949 -10.32 -45.96 1.15
N SER B 950 -11.02 -45.26 2.04
CA SER B 950 -11.74 -44.04 1.67
C SER B 950 -11.87 -43.15 2.89
N TYR B 951 -11.25 -41.97 2.84
CA TYR B 951 -11.34 -41.04 3.96
C TYR B 951 -12.78 -40.59 4.19
N THR B 952 -13.51 -40.32 3.11
CA THR B 952 -14.92 -39.95 3.24
C THR B 952 -15.71 -41.08 3.89
N GLY B 953 -15.41 -42.32 3.52
CA GLY B 953 -16.08 -43.45 4.15
C GLY B 953 -15.79 -43.54 5.63
N GLN B 954 -14.53 -43.32 6.03
CA GLN B 954 -14.19 -43.35 7.45
C GLN B 954 -14.90 -42.26 8.21
N PHE B 955 -14.94 -41.04 7.65
CA PHE B 955 -15.60 -39.94 8.34
C PHE B 955 -17.10 -40.18 8.43
N LEU B 956 -17.71 -40.74 7.38
CA LEU B 956 -19.13 -41.08 7.43
C LEU B 956 -19.41 -42.16 8.47
N LYS B 957 -18.53 -43.16 8.57
CA LYS B 957 -18.71 -44.19 9.59
C LYS B 957 -18.61 -43.59 10.99
N LYS B 958 -17.67 -42.67 11.19
CA LYS B 958 -17.55 -42.02 12.49
C LYS B 958 -18.78 -41.17 12.81
N VAL B 959 -19.31 -40.46 11.81
CA VAL B 959 -20.47 -39.61 12.04
C VAL B 959 -21.70 -40.45 12.34
N LEU B 960 -21.93 -41.48 11.53
CA LEU B 960 -23.10 -42.35 11.72
C LEU B 960 -22.91 -43.28 12.90
ZN ZN C . -34.55 33.28 6.82
ZN ZN D . -16.18 28.28 -5.44
ZN ZN E . 28.67 0.82 -26.52
PG ANP F . 11.61 26.99 8.18
O1G ANP F . 11.27 26.85 6.76
O2G ANP F . 10.79 26.09 9.02
O3G ANP F . 13.07 26.78 8.37
PB ANP F . 11.39 29.91 7.99
O1B ANP F . 12.64 29.98 7.21
O2B ANP F . 11.29 30.94 9.04
N3B ANP F . 11.23 28.47 8.74
PA ANP F . 9.65 30.90 5.79
O1A ANP F . 10.76 31.80 5.46
O2A ANP F . 9.15 29.97 4.75
O3A ANP F . 10.04 30.06 7.10
O5' ANP F . 8.44 31.79 6.33
C5' ANP F . 7.37 32.15 5.43
C4' ANP F . 6.17 32.57 6.23
O4' ANP F . 5.06 32.77 5.34
C3' ANP F . 5.67 31.54 7.24
O3' ANP F . 4.92 32.16 8.27
C2' ANP F . 4.80 30.63 6.37
O2' ANP F . 3.76 30.03 7.13
C1' ANP F . 4.20 31.63 5.36
N9 ANP F . 4.11 31.11 3.99
C8 ANP F . 5.12 30.56 3.25
N7 ANP F . 4.75 30.17 2.06
C5 ANP F . 3.41 30.49 2.00
C6 ANP F . 2.43 30.33 1.01
N6 ANP F . 2.67 29.79 -0.20
N1 ANP F . 1.18 30.75 1.28
C2 ANP F . 0.93 31.29 2.48
N3 ANP F . 1.77 31.50 3.50
C4 ANP F . 2.99 31.07 3.20
ZN ZN G . 31.24 -27.75 -24.51
ZN ZN H . 10.49 -18.74 -25.10
ZN ZN I . -35.71 11.02 -11.34
PG ANP J . -11.00 -28.04 -4.81
O1G ANP J . -11.11 -27.11 -5.93
O2G ANP J . -9.85 -27.67 -3.94
O3G ANP J . -12.27 -28.13 -4.07
PB ANP J . -11.14 -30.33 -6.65
O1B ANP J . -12.57 -30.09 -6.86
O2B ANP J . -10.81 -31.75 -6.44
N3B ANP J . -10.60 -29.54 -5.34
PA ANP J . -10.34 -29.75 -9.45
O1A ANP J . -11.58 -30.44 -9.83
O2A ANP J . -10.11 -28.36 -9.90
O3A ANP J . -10.17 -29.82 -7.86
O5' ANP J . -9.12 -30.66 -9.92
C5' ANP J . -8.44 -30.35 -11.17
C4' ANP J . -7.10 -31.02 -11.18
O4' ANP J . -6.36 -30.58 -12.34
C3' ANP J . -6.19 -30.67 -10.01
O3' ANP J . -5.21 -31.69 -9.81
C2' ANP J . -5.56 -29.36 -10.46
O2' ANP J . -4.28 -29.17 -9.88
C1' ANP J . -5.44 -29.56 -11.98
N9 ANP J . -5.75 -28.37 -12.76
C8 ANP J . -6.88 -27.61 -12.69
N7 ANP J . -6.89 -26.59 -13.51
C5 ANP J . -5.68 -26.69 -14.17
C6 ANP J . -5.07 -25.90 -15.18
N6 ANP J . -5.64 -24.82 -15.71
N1 ANP J . -3.85 -26.27 -15.61
C2 ANP J . -3.27 -27.36 -15.08
N3 ANP J . -3.75 -28.17 -14.13
C4 ANP J . -4.96 -27.79 -13.72
#